data_7FHL
#
_entry.id   7FHL
#
_cell.length_a   1.00
_cell.length_b   1.00
_cell.length_c   1.00
_cell.angle_alpha   90.00
_cell.angle_beta   90.00
_cell.angle_gamma   90.00
#
_symmetry.space_group_name_H-M   'P 1'
#
loop_
_entity.id
_entity.type
_entity.pdbx_description
1 polymer 'Two pore calcium channel protein 1,GFP'
2 polymer AtTPC1-Cter
3 non-polymer 'CALCIUM ION'
#
loop_
_entity_poly.entity_id
_entity_poly.type
_entity_poly.pdbx_seq_one_letter_code
_entity_poly.pdbx_strand_id
1 'polypeptide(L)'
;MEDPLIGRDSLGGGGTDRVRRSEAITHGTPFQKAAALVDLAEDGIGLPVEILDQSSFGESARYYFIFTRLDLIWSLNYFA
LLFLNFFEQPLWCEKNPKPSCKDRDYYYLGELPYLTNAESIIYEVITLAILLVHTFFPISYEGSRIFWTSRLNLVKVACV
VILFVDVLVDFLYLSPLAFDFLPFRIAPYVRVIIFILSIRELRDTLVLLSGMLGTYLNILALWMLFLLFASWIAFVMFED
TQQGLTVFTSYGATLYQMFILFTTSNNPDVWIPAYKSSRWSSVFFVLYVLIGVYFVTNLILAVVYDSFKEQLAKQVSGMD
QMKRRMLEKAFGLIDSDKNGEIDKNQCIKLFEQLTNYRTLPKISKEEFGLIFDELDDTRDFKINKDEFADLCQAIALRFQ
KEEVPSLFEHFPQIYHSALSQQLRAFVRSPNFGYAISFILIINFIAVVVETTLDIEESSAQKPWQVAEFVFGWIYVLEMA
LKIYTYGFENYWREGANRFDFLVTWVIVIGETATFITPDENTFFSNGEWIRYLLLARMLRLIRLLMNVQRYRAFIATFIT
LIPSLMPYLGTIFCVLCIYCSIGVQVFGGLVNAGNKKLFETELAEDDYLLFNFNDYPNGMVTLFNLLVMGNWQVWMESYK
DLTGTWWSITYFVSFYVITILLLLNLVVAFVLEAFFTELDLEEEEKCQGQDSQEKRNRRRSAGSKSRSQRVDTLLHHMLG
DELSKPECSTSDTSTAGLVPRGSAAAAVSKGEELFTGVVPILVELDGDVNGHKFSVSGEGEGDATYGKLTLKFICTTGKL
PVPWPTLVTTLTYGVQCFSRYPDHMKQHDFFKSAMPEGYVQERTIFFKDDGNYKTRAEVKFEGDTLVNRIELKGIDFKED
GNILGHKLEYNYNSHNVYIMADKQKNGIKVNFKIRHNIEDGSVQLADHYQQNTPIGDGPVLLPDNHYLSTQSKLSKDPNE
KRDHMVLLEFVTAAGITLGMDELYKSGLRSHHHHHHHH
;
A,C
2 'polypeptide(L)' (UNK)(UNK)(UNK)(UNK)(UNK)(UNK)(UNK)(UNK)(UNK)(UNK)(UNK)(UNK) B,D
#
# COMPACT_ATOMS: atom_id res chain seq x y z
N ARG A 18 47.32 -12.90 3.14
CA ARG A 18 48.39 -12.04 3.62
C ARG A 18 48.86 -11.10 2.52
N VAL A 19 48.12 -11.11 1.41
CA VAL A 19 48.45 -10.31 0.23
C VAL A 19 47.34 -9.28 0.02
N ARG A 20 47.74 -8.01 -0.09
CA ARG A 20 46.77 -6.95 -0.34
C ARG A 20 46.16 -7.10 -1.73
N ARG A 21 44.85 -6.86 -1.82
CA ARG A 21 44.15 -7.00 -3.09
C ARG A 21 44.66 -6.00 -4.12
N SER A 22 44.83 -4.74 -3.73
CA SER A 22 45.38 -3.75 -4.65
C SER A 22 46.80 -4.11 -5.07
N GLU A 23 47.61 -4.59 -4.12
CA GLU A 23 48.95 -5.06 -4.46
C GLU A 23 48.87 -6.27 -5.39
N ALA A 24 47.84 -7.10 -5.23
CA ALA A 24 47.67 -8.23 -6.14
C ALA A 24 47.37 -7.75 -7.55
N ILE A 25 46.54 -6.72 -7.70
CA ILE A 25 46.24 -6.19 -9.03
C ILE A 25 47.49 -5.56 -9.65
N THR A 26 48.19 -4.71 -8.89
CA THR A 26 49.26 -3.94 -9.51
C THR A 26 50.44 -4.82 -9.92
N HIS A 27 50.73 -5.87 -9.15
CA HIS A 27 51.84 -6.77 -9.44
C HIS A 27 51.50 -8.17 -8.93
N GLY A 28 51.94 -9.17 -9.67
CA GLY A 28 51.75 -10.54 -9.23
C GLY A 28 51.61 -11.47 -10.43
N THR A 29 51.52 -12.75 -10.12
CA THR A 29 51.33 -13.77 -11.13
C THR A 29 49.92 -13.69 -11.71
N PRO A 30 49.71 -14.23 -12.91
CA PRO A 30 48.34 -14.29 -13.46
C PRO A 30 47.39 -15.05 -12.55
N PHE A 31 47.88 -16.05 -11.82
CA PHE A 31 47.04 -16.75 -10.85
C PHE A 31 46.57 -15.80 -9.75
N GLN A 32 47.48 -14.98 -9.22
CA GLN A 32 47.11 -13.98 -8.22
C GLN A 32 46.10 -12.99 -8.79
N LYS A 33 46.32 -12.55 -10.03
CA LYS A 33 45.38 -11.62 -10.67
C LYS A 33 44.00 -12.24 -10.80
N ALA A 34 43.92 -13.50 -11.23
CA ALA A 34 42.63 -14.16 -11.36
C ALA A 34 41.94 -14.32 -10.02
N ALA A 35 42.70 -14.70 -8.98
CA ALA A 35 42.12 -14.85 -7.65
C ALA A 35 41.58 -13.51 -7.14
N ALA A 36 42.34 -12.44 -7.32
CA ALA A 36 41.89 -11.13 -6.86
C ALA A 36 40.67 -10.66 -7.65
N LEU A 37 40.65 -10.94 -8.96
CA LEU A 37 39.50 -10.55 -9.78
C LEU A 37 38.24 -11.29 -9.36
N VAL A 38 38.35 -12.61 -9.10
CA VAL A 38 37.16 -13.34 -8.69
C VAL A 38 36.71 -12.91 -7.30
N ASP A 39 37.67 -12.55 -6.43
CA ASP A 39 37.30 -12.01 -5.12
C ASP A 39 36.56 -10.68 -5.28
N LEU A 40 37.03 -9.82 -6.19
CA LEU A 40 36.33 -8.57 -6.47
C LEU A 40 34.92 -8.84 -7.00
N ALA A 41 34.79 -9.81 -7.89
CA ALA A 41 33.47 -10.15 -8.43
C ALA A 41 32.52 -10.61 -7.33
N GLU A 42 33.03 -11.43 -6.40
CA GLU A 42 32.19 -11.87 -5.29
C GLU A 42 31.85 -10.70 -4.37
N ASP A 43 32.78 -9.77 -4.20
CA ASP A 43 32.51 -8.59 -3.38
C ASP A 43 31.41 -7.74 -3.99
N GLY A 44 31.41 -7.60 -5.32
CA GLY A 44 30.42 -6.81 -6.02
C GLY A 44 30.95 -5.56 -6.68
N ILE A 45 32.17 -5.13 -6.33
CA ILE A 45 32.75 -3.96 -6.97
C ILE A 45 33.07 -4.25 -8.43
N GLY A 46 32.76 -3.30 -9.30
CA GLY A 46 33.03 -3.45 -10.72
C GLY A 46 34.08 -2.50 -11.24
N LEU A 47 35.16 -3.05 -11.78
CA LEU A 47 36.21 -2.24 -12.37
C LEU A 47 35.73 -1.62 -13.69
N PRO A 48 36.28 -0.47 -14.06
CA PRO A 48 35.89 0.14 -15.34
C PRO A 48 36.17 -0.78 -16.52
N VAL A 49 35.28 -0.73 -17.51
CA VAL A 49 35.34 -1.66 -18.64
C VAL A 49 36.63 -1.46 -19.43
N GLU A 50 37.02 -0.21 -19.68
CA GLU A 50 38.16 0.06 -20.55
C GLU A 50 39.45 -0.48 -19.94
N ILE A 51 39.55 -0.50 -18.61
CA ILE A 51 40.74 -1.02 -17.95
C ILE A 51 40.89 -2.52 -18.22
N LEU A 52 39.76 -3.23 -18.30
CA LEU A 52 39.81 -4.67 -18.53
C LEU A 52 40.40 -4.99 -19.91
N ASP A 53 40.08 -4.17 -20.92
CA ASP A 53 40.56 -4.45 -22.27
C ASP A 53 42.07 -4.29 -22.37
N GLN A 54 42.66 -3.44 -21.53
CA GLN A 54 44.10 -3.22 -21.59
C GLN A 54 44.87 -4.48 -21.19
N SER A 55 46.07 -4.63 -21.78
CA SER A 55 46.92 -5.78 -21.52
C SER A 55 47.64 -5.56 -20.19
N SER A 56 47.14 -6.23 -19.14
CA SER A 56 47.70 -6.24 -17.80
C SER A 56 47.48 -4.91 -17.08
N PHE A 57 47.01 -3.90 -17.82
CA PHE A 57 46.52 -2.62 -17.28
C PHE A 57 47.31 -2.14 -16.07
N GLY A 58 48.63 -2.13 -16.18
CA GLY A 58 49.46 -1.84 -15.01
C GLY A 58 49.28 -0.43 -14.49
N GLU A 59 49.69 0.56 -15.29
CA GLU A 59 49.62 1.96 -14.85
C GLU A 59 48.18 2.39 -14.59
N SER A 60 47.26 1.95 -15.45
CA SER A 60 45.86 2.31 -15.28
C SER A 60 45.31 1.78 -13.96
N ALA A 61 45.64 0.52 -13.62
CA ALA A 61 45.19 -0.02 -12.34
C ALA A 61 45.84 0.71 -11.17
N ARG A 62 47.14 1.00 -11.26
CA ARG A 62 47.80 1.72 -10.18
C ARG A 62 47.10 3.05 -9.92
N TYR A 63 46.83 3.80 -10.99
CA TYR A 63 46.15 5.08 -10.83
C TYR A 63 44.71 4.89 -10.34
N TYR A 64 44.06 3.81 -10.77
CA TYR A 64 42.68 3.57 -10.35
C TYR A 64 42.59 3.34 -8.85
N PHE A 65 43.48 2.50 -8.31
CA PHE A 65 43.44 2.28 -6.87
C PHE A 65 43.97 3.47 -6.08
N ILE A 66 44.92 4.23 -6.63
CA ILE A 66 45.36 5.42 -5.91
C ILE A 66 44.24 6.46 -5.88
N PHE A 67 43.36 6.45 -6.89
CA PHE A 67 42.16 7.27 -6.86
C PHE A 67 41.14 6.74 -5.86
N THR A 68 40.90 5.42 -5.88
CA THR A 68 39.90 4.83 -5.01
C THR A 68 40.26 4.98 -3.54
N ARG A 69 41.56 5.07 -3.23
CA ARG A 69 41.99 5.22 -1.85
C ARG A 69 41.47 6.51 -1.24
N LEU A 70 41.15 7.50 -2.08
CA LEU A 70 40.70 8.81 -1.60
C LEU A 70 39.20 9.04 -1.77
N ASP A 71 38.39 7.99 -1.69
CA ASP A 71 36.96 8.13 -1.90
C ASP A 71 36.31 9.00 -0.82
N LEU A 72 36.77 8.86 0.42
CA LEU A 72 36.17 9.61 1.52
C LEU A 72 36.28 11.11 1.32
N ILE A 73 37.44 11.57 0.81
CA ILE A 73 37.61 12.99 0.53
C ILE A 73 36.60 13.46 -0.51
N TRP A 74 36.40 12.67 -1.57
CA TRP A 74 35.44 13.05 -2.60
C TRP A 74 34.03 13.13 -2.04
N SER A 75 33.63 12.14 -1.23
CA SER A 75 32.30 12.16 -0.64
C SER A 75 32.11 13.36 0.28
N LEU A 76 33.14 13.67 1.09
CA LEU A 76 33.07 14.82 1.97
C LEU A 76 32.96 16.12 1.17
N ASN A 77 33.70 16.22 0.06
CA ASN A 77 33.59 17.39 -0.79
C ASN A 77 32.20 17.52 -1.37
N TYR A 78 31.60 16.41 -1.80
CA TYR A 78 30.24 16.45 -2.34
C TYR A 78 29.24 16.92 -1.29
N PHE A 79 29.34 16.39 -0.08
CA PHE A 79 28.42 16.80 0.98
C PHE A 79 28.62 18.27 1.35
N ALA A 80 29.88 18.72 1.37
CA ALA A 80 30.15 20.13 1.62
C ALA A 80 29.57 21.01 0.52
N LEU A 81 29.65 20.55 -0.74
CA LEU A 81 29.06 21.29 -1.84
C LEU A 81 27.56 21.43 -1.68
N LEU A 82 26.88 20.34 -1.29
CA LEU A 82 25.43 20.43 -1.06
C LEU A 82 25.12 21.36 0.12
N PHE A 83 25.89 21.27 1.20
CA PHE A 83 25.64 22.13 2.35
C PHE A 83 25.93 23.58 2.02
N LEU A 84 26.77 23.84 1.01
CA LEU A 84 26.97 25.20 0.54
C LEU A 84 25.66 25.81 0.05
N ASN A 85 24.93 25.06 -0.79
CA ASN A 85 23.58 25.47 -1.16
C ASN A 85 22.68 25.58 0.06
N PHE A 86 22.84 24.65 1.01
CA PHE A 86 21.97 24.63 2.17
C PHE A 86 22.20 25.86 3.06
N PHE A 87 23.38 26.48 2.95
CA PHE A 87 23.75 27.61 3.81
C PHE A 87 23.72 28.95 3.09
N GLU A 88 23.37 28.99 1.81
CA GLU A 88 23.50 30.22 1.04
C GLU A 88 22.51 31.28 1.50
N GLN A 89 22.92 32.54 1.38
CA GLN A 89 22.04 33.66 1.70
C GLN A 89 20.90 33.75 0.69
N PRO A 90 19.68 34.05 1.12
CA PRO A 90 18.57 34.19 0.17
C PRO A 90 18.81 35.31 -0.82
N LEU A 91 18.30 35.13 -2.04
CA LEU A 91 18.56 36.09 -3.10
C LEU A 91 17.78 37.39 -2.88
N TRP A 92 16.56 37.30 -2.33
CA TRP A 92 15.73 38.49 -2.20
C TRP A 92 16.33 39.47 -1.18
N CYS A 93 17.06 38.97 -0.19
CA CYS A 93 17.72 39.86 0.75
C CYS A 93 18.83 40.64 0.09
N GLU A 94 19.42 40.10 -0.99
CA GLU A 94 20.45 40.83 -1.72
C GLU A 94 19.87 42.10 -2.33
N LYS A 95 18.67 42.02 -2.91
CA LYS A 95 17.94 43.22 -3.29
C LYS A 95 17.61 44.01 -2.03
N ASN A 96 17.65 45.33 -2.15
CA ASN A 96 17.51 46.17 -0.97
C ASN A 96 16.07 46.14 -0.46
N PRO A 97 15.84 45.69 0.78
CA PRO A 97 14.49 45.79 1.36
C PRO A 97 14.34 47.04 2.20
N LYS A 98 13.11 47.54 2.36
CA LYS A 98 12.91 48.71 3.21
C LYS A 98 13.27 48.43 4.67
N PRO A 99 12.85 47.31 5.29
CA PRO A 99 13.51 46.88 6.53
C PRO A 99 14.63 45.90 6.25
N SER A 100 15.74 46.00 6.97
CA SER A 100 16.91 45.21 6.66
C SER A 100 16.66 43.72 6.86
N CYS A 101 17.35 42.90 6.06
CA CYS A 101 17.26 41.45 6.22
C CYS A 101 17.89 40.98 7.52
N LYS A 102 18.63 41.85 8.21
CA LYS A 102 19.24 41.48 9.48
C LYS A 102 18.18 41.18 10.53
N ASP A 103 17.00 41.79 10.42
CA ASP A 103 15.93 41.62 11.40
C ASP A 103 15.31 40.25 11.20
N ARG A 104 15.71 39.29 12.03
CA ARG A 104 15.25 37.92 11.88
C ARG A 104 13.76 37.78 12.19
N ASP A 105 13.28 38.48 13.22
CA ASP A 105 11.91 38.30 13.67
C ASP A 105 10.91 38.87 12.67
N TYR A 106 11.31 39.89 11.90
CA TYR A 106 10.38 40.53 10.98
C TYR A 106 9.92 39.57 9.89
N TYR A 107 10.82 38.75 9.37
CA TYR A 107 10.50 37.85 8.28
C TYR A 107 10.32 36.41 8.73
N TYR A 108 10.23 36.16 10.04
CA TYR A 108 9.99 34.82 10.58
C TYR A 108 11.02 33.81 10.10
N LEU A 109 12.30 34.20 10.11
CA LEU A 109 13.39 33.34 9.69
C LEU A 109 14.52 33.44 10.70
N GLY A 110 15.33 32.39 10.80
CA GLY A 110 16.47 32.47 11.70
C GLY A 110 17.09 31.12 11.96
N GLU A 111 17.98 31.11 12.96
CA GLU A 111 18.64 29.93 13.53
C GLU A 111 19.69 29.31 12.61
N LEU A 112 20.12 30.02 11.57
CA LEU A 112 21.25 29.61 10.77
C LEU A 112 21.96 30.85 10.24
N PRO A 113 23.28 30.89 10.28
CA PRO A 113 24.01 32.10 9.88
C PRO A 113 24.28 32.15 8.39
N TYR A 114 24.02 33.31 7.78
CA TYR A 114 24.27 33.48 6.36
C TYR A 114 25.72 33.86 6.11
N LEU A 115 26.35 33.15 5.18
CA LEU A 115 27.77 33.34 4.92
C LEU A 115 28.03 34.72 4.32
N THR A 116 29.05 35.39 4.85
CA THR A 116 29.49 36.64 4.26
C THR A 116 30.14 36.39 2.90
N ASN A 117 30.28 37.47 2.12
CA ASN A 117 30.75 37.33 0.74
C ASN A 117 32.14 36.72 0.69
N ALA A 118 33.04 37.17 1.55
CA ALA A 118 34.40 36.64 1.55
C ALA A 118 34.43 35.18 1.94
N GLU A 119 33.77 34.81 3.05
CA GLU A 119 33.73 33.41 3.46
C GLU A 119 33.04 32.57 2.40
N SER A 120 31.98 33.09 1.80
CA SER A 120 31.26 32.36 0.76
C SER A 120 32.17 32.06 -0.43
N ILE A 121 32.89 33.06 -0.91
CA ILE A 121 33.73 32.85 -2.08
C ILE A 121 34.89 31.92 -1.75
N ILE A 122 35.46 32.03 -0.55
CA ILE A 122 36.55 31.12 -0.18
C ILE A 122 36.05 29.68 -0.11
N TYR A 123 34.90 29.47 0.53
CA TYR A 123 34.36 28.12 0.66
C TYR A 123 34.01 27.55 -0.71
N GLU A 124 33.40 28.36 -1.58
CA GLU A 124 33.05 27.91 -2.91
C GLU A 124 34.29 27.59 -3.73
N VAL A 125 35.34 28.40 -3.60
CA VAL A 125 36.56 28.16 -4.35
C VAL A 125 37.21 26.85 -3.91
N ILE A 126 37.27 26.60 -2.60
CA ILE A 126 37.85 25.34 -2.12
C ILE A 126 37.04 24.16 -2.63
N THR A 127 35.71 24.23 -2.50
CA THR A 127 34.87 23.13 -2.95
C THR A 127 35.01 22.90 -4.45
N LEU A 128 35.01 23.97 -5.24
CA LEU A 128 35.11 23.85 -6.69
C LEU A 128 36.47 23.31 -7.10
N ALA A 129 37.54 23.70 -6.41
CA ALA A 129 38.86 23.18 -6.73
C ALA A 129 38.93 21.69 -6.48
N ILE A 130 38.42 21.24 -5.32
CA ILE A 130 38.43 19.81 -5.03
C ILE A 130 37.57 19.05 -6.04
N LEU A 131 36.41 19.60 -6.38
CA LEU A 131 35.54 18.98 -7.38
C LEU A 131 36.25 18.88 -8.73
N LEU A 132 36.94 19.93 -9.15
CA LEU A 132 37.60 19.94 -10.45
C LEU A 132 38.72 18.92 -10.49
N VAL A 133 39.56 18.86 -9.45
CA VAL A 133 40.64 17.89 -9.47
C VAL A 133 40.10 16.47 -9.44
N HIS A 134 39.02 16.25 -8.69
CA HIS A 134 38.42 14.92 -8.68
C HIS A 134 37.87 14.53 -10.05
N THR A 135 37.16 15.45 -10.71
CA THR A 135 36.50 15.09 -11.96
C THR A 135 37.50 15.00 -13.11
N PHE A 136 38.64 15.66 -12.99
CA PHE A 136 39.65 15.60 -14.04
C PHE A 136 40.78 14.61 -13.74
N PHE A 137 40.78 13.98 -12.57
CA PHE A 137 41.73 12.90 -12.34
C PHE A 137 41.59 11.72 -13.31
N PRO A 138 40.40 11.22 -13.65
CA PRO A 138 40.33 9.97 -14.44
C PRO A 138 40.98 10.07 -15.82
N ILE A 139 41.23 11.27 -16.33
CA ILE A 139 41.82 11.40 -17.66
C ILE A 139 43.23 10.80 -17.67
N SER A 140 43.89 10.76 -16.50
CA SER A 140 45.26 10.27 -16.45
C SER A 140 45.34 8.79 -16.79
N TYR A 141 44.44 7.97 -16.23
CA TYR A 141 44.55 6.53 -16.42
C TYR A 141 43.61 6.04 -17.51
N GLU A 142 42.45 6.67 -17.66
CA GLU A 142 41.41 6.11 -18.52
C GLU A 142 41.75 6.25 -19.99
N GLY A 143 42.42 7.34 -20.36
CA GLY A 143 42.68 7.62 -21.75
C GLY A 143 41.72 8.67 -22.29
N SER A 144 42.23 9.50 -23.21
CA SER A 144 41.47 10.67 -23.63
C SER A 144 40.22 10.30 -24.42
N ARG A 145 40.36 9.42 -25.41
CA ARG A 145 39.27 9.19 -26.36
C ARG A 145 38.05 8.57 -25.68
N ILE A 146 38.27 7.50 -24.92
CA ILE A 146 37.14 6.82 -24.28
C ILE A 146 36.54 7.72 -23.20
N PHE A 147 37.38 8.49 -22.51
CA PHE A 147 36.88 9.45 -21.52
C PHE A 147 35.94 10.46 -22.16
N TRP A 148 36.32 11.00 -23.33
CA TRP A 148 35.45 11.93 -24.01
C TRP A 148 34.23 11.23 -24.59
N THR A 149 34.34 9.92 -24.83
CA THR A 149 33.22 9.18 -25.40
C THR A 149 32.05 9.08 -24.41
N SER A 150 32.35 8.87 -23.13
CA SER A 150 31.30 8.63 -22.15
C SER A 150 30.44 9.88 -21.96
N ARG A 151 29.12 9.67 -21.86
CA ARG A 151 28.20 10.79 -21.68
C ARG A 151 28.26 11.33 -20.25
N LEU A 152 28.50 10.45 -19.26
CA LEU A 152 28.57 10.89 -17.88
C LEU A 152 29.72 11.86 -17.68
N ASN A 153 30.88 11.58 -18.28
CA ASN A 153 32.00 12.50 -18.21
C ASN A 153 31.64 13.85 -18.83
N LEU A 154 30.95 13.83 -19.96
CA LEU A 154 30.57 15.08 -20.62
C LEU A 154 29.64 15.91 -19.76
N VAL A 155 28.62 15.27 -19.17
CA VAL A 155 27.66 16.04 -18.37
C VAL A 155 28.33 16.55 -17.08
N LYS A 156 29.24 15.76 -16.50
CA LYS A 156 29.96 16.23 -15.33
C LYS A 156 30.87 17.41 -15.67
N VAL A 157 31.52 17.36 -16.83
CA VAL A 157 32.33 18.50 -17.27
C VAL A 157 31.45 19.72 -17.49
N ALA A 158 30.26 19.53 -18.06
CA ALA A 158 29.34 20.64 -18.24
C ALA A 158 28.97 21.25 -16.90
N CYS A 159 28.65 20.41 -15.91
CA CYS A 159 28.28 20.92 -14.60
C CYS A 159 29.44 21.69 -13.95
N VAL A 160 30.65 21.15 -14.02
CA VAL A 160 31.78 21.82 -13.37
C VAL A 160 32.12 23.13 -14.06
N VAL A 161 32.00 23.18 -15.40
CA VAL A 161 32.31 24.42 -16.09
C VAL A 161 31.23 25.47 -15.83
N ILE A 162 29.96 25.05 -15.69
CA ILE A 162 28.92 25.99 -15.29
C ILE A 162 29.21 26.54 -13.90
N LEU A 163 29.61 25.67 -12.97
CA LEU A 163 29.97 26.15 -11.64
C LEU A 163 31.14 27.12 -11.69
N PHE A 164 32.13 26.83 -12.53
CA PHE A 164 33.31 27.68 -12.63
C PHE A 164 32.94 29.05 -13.18
N VAL A 165 32.16 29.10 -14.26
CA VAL A 165 31.78 30.38 -14.84
C VAL A 165 30.89 31.15 -13.87
N ASP A 166 30.05 30.44 -13.11
CA ASP A 166 29.19 31.11 -12.13
C ASP A 166 30.01 31.76 -11.03
N VAL A 167 30.97 31.02 -10.47
CA VAL A 167 31.79 31.59 -9.40
C VAL A 167 32.67 32.71 -9.96
N LEU A 168 33.10 32.59 -11.21
CA LEU A 168 33.92 33.63 -11.82
C LEU A 168 33.13 34.92 -11.98
N VAL A 169 31.90 34.84 -12.51
CA VAL A 169 31.09 36.04 -12.69
C VAL A 169 30.67 36.60 -11.33
N ASP A 170 30.48 35.73 -10.34
CA ASP A 170 30.19 36.21 -8.99
C ASP A 170 31.36 37.01 -8.43
N PHE A 171 32.58 36.50 -8.58
CA PHE A 171 33.76 37.20 -8.07
C PHE A 171 33.96 38.52 -8.81
N LEU A 172 33.75 38.54 -10.12
CA LEU A 172 33.89 39.78 -10.87
C LEU A 172 32.80 40.78 -10.51
N TYR A 173 31.61 40.28 -10.14
CA TYR A 173 30.50 41.17 -9.80
C TYR A 173 30.83 42.01 -8.56
N LEU A 174 31.43 41.39 -7.55
CA LEU A 174 31.75 42.09 -6.32
C LEU A 174 32.98 42.98 -6.50
N PHE A 181 24.22 41.35 -15.10
CA PHE A 181 23.07 41.10 -14.23
C PHE A 181 22.42 39.76 -14.56
N LEU A 182 22.02 39.03 -13.52
CA LEU A 182 21.36 37.75 -13.68
C LEU A 182 19.99 37.79 -13.01
N PRO A 183 18.91 37.42 -13.72
CA PRO A 183 17.60 37.42 -13.08
C PRO A 183 17.51 36.48 -11.89
N PHE A 184 18.21 35.36 -11.93
CA PHE A 184 18.25 34.41 -10.82
C PHE A 184 19.58 33.68 -10.85
N ARG A 185 19.93 33.10 -9.70
CA ARG A 185 21.19 32.39 -9.54
C ARG A 185 20.99 30.93 -9.95
N ILE A 186 21.79 30.47 -10.92
CA ILE A 186 21.68 29.10 -11.42
C ILE A 186 22.54 28.12 -10.61
N ALA A 187 23.35 28.63 -9.69
CA ALA A 187 24.22 27.75 -8.91
C ALA A 187 23.47 26.70 -8.08
N PRO A 188 22.41 27.03 -7.34
CA PRO A 188 21.79 25.99 -6.47
C PRO A 188 21.29 24.78 -7.23
N TYR A 189 20.75 24.95 -8.44
CA TYR A 189 20.26 23.80 -9.20
C TYR A 189 21.42 22.96 -9.71
N VAL A 190 22.50 23.60 -10.15
CA VAL A 190 23.60 22.86 -10.77
C VAL A 190 24.30 21.96 -9.75
N ARG A 191 24.61 22.50 -8.57
CA ARG A 191 25.41 21.74 -7.62
C ARG A 191 24.61 20.61 -6.99
N VAL A 192 23.28 20.72 -6.99
CA VAL A 192 22.44 19.59 -6.59
C VAL A 192 22.49 18.49 -7.64
N ILE A 193 22.46 18.87 -8.92
CA ILE A 193 22.47 17.89 -9.99
C ILE A 193 23.77 17.09 -9.99
N ILE A 194 24.91 17.78 -9.84
CA ILE A 194 26.20 17.09 -9.88
C ILE A 194 26.34 16.16 -8.68
N PHE A 195 25.66 16.48 -7.59
CA PHE A 195 25.66 15.58 -6.43
C PHE A 195 24.99 14.25 -6.78
N ILE A 196 23.93 14.30 -7.61
CA ILE A 196 23.22 13.09 -8.00
C ILE A 196 24.14 12.18 -8.81
N LEU A 197 24.83 12.74 -9.82
CA LEU A 197 25.67 11.92 -10.69
C LEU A 197 26.87 11.36 -9.94
N SER A 198 27.17 11.92 -8.77
CA SER A 198 28.33 11.45 -8.02
C SER A 198 28.11 10.05 -7.46
N ILE A 199 26.96 9.80 -6.85
CA ILE A 199 26.74 8.56 -6.11
C ILE A 199 26.22 7.49 -7.06
N ARG A 200 26.81 6.29 -6.98
CA ARG A 200 26.36 5.18 -7.80
C ARG A 200 24.92 4.80 -7.49
N GLU A 201 24.57 4.78 -6.20
CA GLU A 201 23.21 4.38 -5.81
C GLU A 201 22.16 5.34 -6.35
N LEU A 202 22.45 6.64 -6.30
CA LEU A 202 21.48 7.63 -6.78
C LEU A 202 21.36 7.59 -8.30
N ARG A 203 22.46 7.29 -9.00
CA ARG A 203 22.41 7.17 -10.45
C ARG A 203 21.49 6.05 -10.88
N ASP A 204 21.58 4.89 -10.20
CA ASP A 204 20.72 3.76 -10.55
C ASP A 204 19.25 4.09 -10.31
N THR A 205 18.96 4.83 -9.23
CA THR A 205 17.57 5.15 -8.90
C THR A 205 16.93 5.99 -10.00
N LEU A 206 17.66 6.97 -10.52
CA LEU A 206 17.11 7.80 -11.60
C LEU A 206 16.88 6.96 -12.86
N VAL A 207 17.72 5.97 -13.11
CA VAL A 207 17.50 5.05 -14.22
C VAL A 207 16.20 4.29 -14.03
N LEU A 208 15.90 3.90 -12.78
CA LEU A 208 14.64 3.24 -12.49
C LEU A 208 13.46 4.15 -12.79
N LEU A 209 13.55 5.42 -12.42
CA LEU A 209 12.46 6.37 -12.65
C LEU A 209 12.20 6.57 -14.13
N SER A 210 13.26 6.71 -14.93
CA SER A 210 13.11 7.05 -16.34
C SER A 210 12.27 6.01 -17.08
N GLY A 211 12.37 4.74 -16.69
CA GLY A 211 11.51 3.73 -17.28
C GLY A 211 10.06 3.86 -16.85
N MET A 212 9.83 4.42 -15.67
CA MET A 212 8.47 4.47 -15.12
C MET A 212 7.62 5.52 -15.80
N LEU A 213 8.22 6.63 -16.24
CA LEU A 213 7.45 7.74 -16.80
C LEU A 213 6.67 7.30 -18.04
N GLY A 214 7.12 6.25 -18.72
CA GLY A 214 6.39 5.76 -19.88
C GLY A 214 5.00 5.25 -19.50
N THR A 215 4.92 4.47 -18.43
CA THR A 215 3.64 3.90 -18.02
C THR A 215 2.96 4.75 -16.95
N TYR A 216 3.73 5.55 -16.21
CA TYR A 216 3.14 6.36 -15.16
C TYR A 216 2.28 7.49 -15.73
N LEU A 217 2.72 8.06 -16.86
CA LEU A 217 1.97 9.17 -17.43
C LEU A 217 0.63 8.71 -17.99
N ASN A 218 0.56 7.44 -18.41
CA ASN A 218 -0.71 6.92 -18.93
C ASN A 218 -1.80 6.92 -17.87
N ILE A 219 -1.46 6.47 -16.65
CA ILE A 219 -2.46 6.41 -15.58
C ILE A 219 -2.88 7.82 -15.18
N LEU A 220 -1.96 8.79 -15.25
CA LEU A 220 -2.30 10.15 -14.91
C LEU A 220 -3.42 10.70 -15.80
N ALA A 221 -3.47 10.26 -17.05
CA ALA A 221 -4.57 10.66 -17.94
C ALA A 221 -5.90 10.16 -17.42
N LEU A 222 -5.96 8.91 -16.97
CA LEU A 222 -7.19 8.37 -16.41
C LEU A 222 -7.57 9.08 -15.11
N TRP A 223 -6.57 9.34 -14.25
CA TRP A 223 -6.83 10.07 -13.01
C TRP A 223 -7.31 11.48 -13.29
N MET A 224 -6.69 12.17 -14.25
CA MET A 224 -7.13 13.50 -14.62
C MET A 224 -8.53 13.47 -15.24
N LEU A 225 -8.81 12.45 -16.05
CA LEU A 225 -10.14 12.31 -16.64
C LEU A 225 -11.20 12.05 -15.57
N PHE A 226 -10.87 11.22 -14.58
CA PHE A 226 -11.82 10.94 -13.51
C PHE A 226 -12.13 12.19 -12.70
N LEU A 227 -11.11 13.01 -12.42
CA LEU A 227 -11.36 14.26 -11.68
C LEU A 227 -12.21 15.22 -12.51
N LEU A 228 -11.91 15.33 -13.81
CA LEU A 228 -12.67 16.25 -14.65
C LEU A 228 -14.14 15.84 -14.75
N PHE A 229 -14.40 14.54 -14.91
CA PHE A 229 -15.77 14.08 -15.02
C PHE A 229 -16.50 14.22 -13.69
N ALA A 230 -15.86 13.81 -12.60
CA ALA A 230 -16.51 13.89 -11.28
C ALA A 230 -16.77 15.35 -10.88
N SER A 231 -15.82 16.23 -11.18
CA SER A 231 -16.00 17.64 -10.83
C SER A 231 -17.14 18.27 -11.63
N TRP A 232 -17.29 17.89 -12.89
CA TRP A 232 -18.37 18.43 -13.70
C TRP A 232 -19.73 18.04 -13.14
N ILE A 233 -19.87 16.78 -12.69
CA ILE A 233 -21.12 16.35 -12.06
C ILE A 233 -21.38 17.15 -10.80
N ALA A 234 -20.36 17.32 -9.97
CA ALA A 234 -20.54 18.05 -8.71
C ALA A 234 -20.90 19.52 -8.97
N PHE A 235 -20.29 20.12 -9.99
CA PHE A 235 -20.57 21.53 -10.28
C PHE A 235 -22.01 21.73 -10.76
N VAL A 236 -22.46 20.90 -11.70
CA VAL A 236 -23.80 21.07 -12.25
C VAL A 236 -24.86 20.69 -11.21
N MET A 237 -24.54 19.73 -10.34
CA MET A 237 -25.53 19.26 -9.36
C MET A 237 -25.86 20.34 -8.34
N PHE A 238 -24.85 21.07 -7.87
CA PHE A 238 -25.02 21.99 -6.76
C PHE A 238 -25.09 23.44 -7.20
N GLU A 239 -25.18 23.71 -8.51
CA GLU A 239 -25.18 25.10 -8.98
C GLU A 239 -26.38 25.86 -8.44
N ASP A 240 -27.57 25.26 -8.49
CA ASP A 240 -28.75 25.96 -8.00
C ASP A 240 -28.80 25.98 -6.47
N THR A 241 -28.19 25.00 -5.82
CA THR A 241 -28.26 24.90 -4.37
C THR A 241 -27.43 26.00 -3.71
N GLN A 242 -27.62 26.14 -2.39
CA GLN A 242 -26.91 27.18 -1.66
C GLN A 242 -25.43 26.89 -1.55
N GLN A 243 -25.07 25.60 -1.44
CA GLN A 243 -23.66 25.24 -1.25
C GLN A 243 -22.83 25.62 -2.46
N GLY A 244 -23.37 25.41 -3.67
CA GLY A 244 -22.65 25.80 -4.86
C GLY A 244 -22.44 27.31 -4.94
N LEU A 245 -23.33 28.08 -4.33
CA LEU A 245 -23.14 29.52 -4.26
C LEU A 245 -21.95 29.87 -3.37
N THR A 246 -21.71 29.06 -2.34
CA THR A 246 -20.64 29.36 -1.39
C THR A 246 -19.29 28.83 -1.85
N VAL A 247 -19.23 27.56 -2.24
CA VAL A 247 -17.95 26.89 -2.50
C VAL A 247 -17.74 26.67 -3.99
N PHE A 248 -18.60 25.88 -4.63
CA PHE A 248 -18.46 25.60 -6.06
C PHE A 248 -19.06 26.74 -6.88
N THR A 249 -18.46 27.92 -6.73
CA THR A 249 -18.95 29.11 -7.42
C THR A 249 -18.83 28.95 -8.93
N SER A 250 -17.71 28.41 -9.41
CA SER A 250 -17.50 28.18 -10.83
C SER A 250 -16.89 26.80 -11.02
N TYR A 251 -16.83 26.38 -12.28
CA TYR A 251 -16.24 25.07 -12.60
C TYR A 251 -14.76 25.04 -12.26
N GLY A 252 -14.07 26.16 -12.47
CA GLY A 252 -12.65 26.21 -12.13
C GLY A 252 -12.39 25.98 -10.66
N ALA A 253 -13.16 26.65 -9.80
CA ALA A 253 -13.02 26.43 -8.37
C ALA A 253 -13.53 25.04 -7.98
N THR A 254 -14.52 24.53 -8.71
CA THR A 254 -15.04 23.20 -8.40
C THR A 254 -13.99 22.13 -8.64
N LEU A 255 -13.25 22.23 -9.75
CA LEU A 255 -12.17 21.28 -10.00
C LEU A 255 -11.06 21.44 -8.97
N TYR A 256 -10.77 22.69 -8.59
CA TYR A 256 -9.76 22.93 -7.57
C TYR A 256 -10.15 22.32 -6.24
N GLN A 257 -11.41 22.49 -5.83
CA GLN A 257 -11.85 21.95 -4.54
C GLN A 257 -11.96 20.44 -4.60
N MET A 258 -12.39 19.88 -5.73
CA MET A 258 -12.52 18.43 -5.84
C MET A 258 -11.17 17.75 -5.81
N PHE A 259 -10.15 18.40 -6.37
CA PHE A 259 -8.81 17.80 -6.37
C PHE A 259 -8.27 17.65 -4.96
N ILE A 260 -8.48 18.65 -4.10
CA ILE A 260 -8.01 18.58 -2.73
C ILE A 260 -8.75 17.48 -1.98
N LEU A 261 -10.06 17.37 -2.19
CA LEU A 261 -10.85 16.33 -1.55
C LEU A 261 -10.39 14.93 -1.92
N PHE A 262 -9.77 14.77 -3.10
CA PHE A 262 -9.23 13.46 -3.48
C PHE A 262 -8.15 13.02 -2.51
N THR A 263 -7.44 13.97 -1.91
CA THR A 263 -6.41 13.65 -0.92
C THR A 263 -6.96 13.55 0.49
N THR A 264 -8.26 13.75 0.68
CA THR A 264 -8.91 13.69 1.99
C THR A 264 -8.31 14.70 2.98
N SER A 265 -7.71 15.77 2.46
CA SER A 265 -7.12 16.77 3.35
C SER A 265 -8.18 17.55 4.10
N ASN A 266 -9.27 17.92 3.41
CA ASN A 266 -10.41 18.58 4.05
C ASN A 266 -11.69 17.85 3.62
N ASN A 267 -12.02 16.77 4.33
CA ASN A 267 -13.23 16.03 3.98
C ASN A 267 -14.50 16.74 4.42
N PRO A 268 -14.71 17.08 5.70
CA PRO A 268 -16.02 17.64 6.07
C PRO A 268 -16.15 19.12 5.73
N ASP A 269 -15.03 19.81 5.51
CA ASP A 269 -15.08 21.26 5.32
C ASP A 269 -15.67 21.63 3.97
N VAL A 270 -15.35 20.87 2.92
CA VAL A 270 -15.76 21.26 1.57
C VAL A 270 -17.28 21.16 1.41
N TRP A 271 -17.90 20.12 1.96
CA TRP A 271 -19.33 19.91 1.79
C TRP A 271 -20.13 20.10 3.07
N ILE A 272 -19.66 20.95 3.99
CA ILE A 272 -20.48 21.28 5.17
C ILE A 272 -21.68 22.13 4.84
N PRO A 273 -21.67 23.05 3.84
CA PRO A 273 -22.92 23.75 3.54
C PRO A 273 -23.95 22.87 2.87
N ALA A 274 -23.51 21.92 2.03
CA ALA A 274 -24.44 21.01 1.37
C ALA A 274 -25.14 20.11 2.39
N TYR A 275 -24.39 19.61 3.37
CA TYR A 275 -24.98 18.75 4.40
C TYR A 275 -26.01 19.51 5.23
N LYS A 276 -25.76 20.79 5.50
CA LYS A 276 -26.71 21.58 6.26
C LYS A 276 -28.02 21.78 5.50
N SER A 277 -27.92 22.01 4.18
CA SER A 277 -29.11 22.26 3.39
C SER A 277 -29.94 20.99 3.22
N SER A 278 -29.29 19.87 2.92
CA SER A 278 -29.97 18.60 2.71
C SER A 278 -29.05 17.47 3.10
N ARG A 279 -29.54 16.58 3.98
CA ARG A 279 -28.72 15.48 4.46
C ARG A 279 -28.37 14.52 3.34
N TRP A 280 -29.26 14.38 2.35
CA TRP A 280 -29.05 13.41 1.28
C TRP A 280 -27.87 13.78 0.39
N SER A 281 -27.40 15.03 0.47
CA SER A 281 -26.23 15.43 -0.29
C SER A 281 -24.99 14.66 0.13
N SER A 282 -24.98 14.14 1.36
CA SER A 282 -23.83 13.38 1.84
C SER A 282 -23.60 12.11 1.02
N VAL A 283 -24.67 11.57 0.42
CA VAL A 283 -24.54 10.33 -0.34
C VAL A 283 -23.58 10.51 -1.50
N PHE A 284 -23.65 11.66 -2.18
CA PHE A 284 -22.77 11.90 -3.33
C PHE A 284 -21.31 11.97 -2.90
N PHE A 285 -21.03 12.70 -1.83
CA PHE A 285 -19.64 12.88 -1.41
C PHE A 285 -19.08 11.61 -0.78
N VAL A 286 -19.90 10.88 -0.03
CA VAL A 286 -19.46 9.58 0.49
C VAL A 286 -19.13 8.64 -0.67
N LEU A 287 -19.99 8.62 -1.69
CA LEU A 287 -19.76 7.74 -2.83
C LEU A 287 -18.50 8.14 -3.59
N TYR A 288 -18.26 9.44 -3.74
CA TYR A 288 -17.12 9.89 -4.54
C TYR A 288 -15.80 9.62 -3.83
N VAL A 289 -15.73 9.92 -2.53
CA VAL A 289 -14.51 9.68 -1.77
C VAL A 289 -14.19 8.18 -1.73
N LEU A 290 -15.21 7.36 -1.52
CA LEU A 290 -15.02 5.92 -1.43
C LEU A 290 -14.47 5.36 -2.75
N ILE A 291 -15.08 5.76 -3.87
CA ILE A 291 -14.64 5.24 -5.17
C ILE A 291 -13.31 5.88 -5.56
N GLY A 292 -13.02 7.07 -5.02
CA GLY A 292 -11.77 7.73 -5.36
C GLY A 292 -10.61 7.21 -4.54
N VAL A 293 -10.74 7.25 -3.21
CA VAL A 293 -9.61 6.91 -2.34
C VAL A 293 -9.33 5.41 -2.38
N TYR A 294 -10.38 4.59 -2.35
CA TYR A 294 -10.18 3.16 -2.17
C TYR A 294 -9.94 2.47 -3.51
N PHE A 295 -10.57 2.95 -4.57
CA PHE A 295 -10.38 2.32 -5.89
C PHE A 295 -9.24 2.97 -6.65
N VAL A 296 -9.34 4.28 -6.91
CA VAL A 296 -8.41 4.92 -7.83
C VAL A 296 -7.02 5.02 -7.22
N THR A 297 -6.93 5.44 -5.96
CA THR A 297 -5.61 5.63 -5.34
C THR A 297 -4.86 4.32 -5.22
N ASN A 298 -5.55 3.24 -4.82
CA ASN A 298 -4.89 1.96 -4.70
C ASN A 298 -4.50 1.41 -6.07
N LEU A 299 -5.32 1.66 -7.09
CA LEU A 299 -4.98 1.24 -8.44
C LEU A 299 -3.74 1.98 -8.94
N ILE A 300 -3.59 3.25 -8.56
CA ILE A 300 -2.37 3.99 -8.89
C ILE A 300 -1.17 3.34 -8.22
N LEU A 301 -1.31 2.94 -6.95
CA LEU A 301 -0.22 2.25 -6.27
C LEU A 301 0.09 0.92 -6.94
N ALA A 302 -0.93 0.20 -7.39
CA ALA A 302 -0.70 -1.09 -8.03
C ALA A 302 0.10 -0.92 -9.33
N VAL A 303 -0.20 0.12 -10.11
CA VAL A 303 0.54 0.36 -11.34
C VAL A 303 2.00 0.68 -11.03
N VAL A 304 2.24 1.53 -10.03
CA VAL A 304 3.60 1.88 -9.64
C VAL A 304 4.32 0.65 -9.09
N TYR A 305 3.62 -0.15 -8.29
CA TYR A 305 4.24 -1.33 -7.69
C TYR A 305 4.70 -2.31 -8.77
N ASP A 306 3.85 -2.57 -9.77
CA ASP A 306 4.19 -3.57 -10.78
C ASP A 306 5.36 -3.11 -11.64
N SER A 307 5.35 -1.84 -12.06
CA SER A 307 6.45 -1.33 -12.88
C SER A 307 7.76 -1.35 -12.11
N PHE A 308 7.71 -1.04 -10.80
CA PHE A 308 8.92 -1.08 -9.99
C PHE A 308 9.50 -2.48 -9.94
N LYS A 309 8.65 -3.49 -9.76
CA LYS A 309 9.15 -4.87 -9.75
C LYS A 309 9.72 -5.25 -11.11
N GLU A 310 9.09 -4.81 -12.18
CA GLU A 310 9.57 -5.13 -13.51
C GLU A 310 10.89 -4.43 -13.80
N GLN A 311 10.98 -3.13 -13.50
CA GLN A 311 12.21 -2.39 -13.78
C GLN A 311 13.35 -2.84 -12.88
N LEU A 312 13.05 -3.22 -11.64
CA LEU A 312 14.09 -3.69 -10.74
C LEU A 312 14.73 -4.97 -11.27
N ALA A 313 13.94 -5.84 -11.91
CA ALA A 313 14.49 -7.04 -12.51
C ALA A 313 15.45 -6.70 -13.64
N LYS A 314 15.15 -5.65 -14.41
CA LYS A 314 16.05 -5.21 -15.46
C LYS A 314 17.39 -4.76 -14.89
N GLN A 315 17.38 -4.04 -13.77
CA GLN A 315 18.61 -3.54 -13.19
C GLN A 315 19.48 -4.67 -12.66
N VAL A 316 18.89 -5.62 -11.93
CA VAL A 316 19.66 -6.71 -11.36
C VAL A 316 20.19 -7.63 -12.44
N SER A 317 19.41 -7.83 -13.51
CA SER A 317 19.86 -8.68 -14.61
C SER A 317 21.07 -8.08 -15.31
N GLY A 318 21.04 -6.76 -15.55
CA GLY A 318 22.19 -6.10 -16.13
C GLY A 318 23.42 -6.15 -15.24
N MET A 319 23.21 -5.97 -13.92
CA MET A 319 24.33 -6.06 -12.98
C MET A 319 24.91 -7.46 -12.97
N ASP A 320 24.05 -8.49 -13.01
CA ASP A 320 24.54 -9.87 -13.05
C ASP A 320 25.32 -10.12 -14.34
N GLN A 321 24.82 -9.62 -15.47
CA GLN A 321 25.51 -9.82 -16.73
C GLN A 321 26.88 -9.14 -16.73
N MET A 322 26.96 -7.93 -16.18
CA MET A 322 28.23 -7.23 -16.10
C MET A 322 29.22 -7.98 -15.21
N LYS A 323 28.74 -8.50 -14.08
CA LYS A 323 29.61 -9.24 -13.17
C LYS A 323 30.18 -10.49 -13.84
N ARG A 324 29.34 -11.22 -14.58
CA ARG A 324 29.80 -12.41 -15.28
C ARG A 324 30.80 -12.04 -16.38
N ARG A 325 30.58 -10.90 -17.04
CA ARG A 325 31.49 -10.48 -18.10
C ARG A 325 32.89 -10.22 -17.57
N MET A 326 33.00 -9.57 -16.41
CA MET A 326 34.31 -9.38 -15.81
C MET A 326 34.83 -10.68 -15.20
N LEU A 327 33.90 -11.53 -14.74
CA LEU A 327 34.31 -12.83 -14.20
C LEU A 327 34.94 -13.71 -15.26
N GLU A 328 34.39 -13.69 -16.48
CA GLU A 328 34.94 -14.54 -17.54
C GLU A 328 36.29 -14.03 -18.01
N LYS A 329 36.61 -12.77 -17.72
CA LYS A 329 37.91 -12.22 -18.09
C LYS A 329 39.03 -12.93 -17.33
N ALA A 330 38.79 -13.28 -16.08
CA ALA A 330 39.80 -14.01 -15.30
C ALA A 330 40.10 -15.36 -15.94
N PHE A 331 39.08 -16.05 -16.43
CA PHE A 331 39.31 -17.30 -17.16
C PHE A 331 40.13 -17.04 -18.43
N GLY A 332 39.83 -15.96 -19.15
CA GLY A 332 40.65 -15.60 -20.29
C GLY A 332 42.04 -15.15 -19.88
N LEU A 333 42.15 -14.46 -18.74
CA LEU A 333 43.45 -13.98 -18.29
C LEU A 333 44.36 -15.13 -17.89
N ILE A 334 43.82 -16.15 -17.22
CA ILE A 334 44.65 -17.23 -16.70
C ILE A 334 45.21 -18.08 -17.84
N ASP A 335 44.46 -18.19 -18.93
CA ASP A 335 44.86 -18.98 -20.09
C ASP A 335 45.46 -18.06 -21.14
N SER A 336 46.78 -18.14 -21.33
CA SER A 336 47.44 -17.30 -22.31
C SER A 336 47.01 -17.67 -23.73
N ASP A 337 46.94 -18.97 -24.03
CA ASP A 337 46.56 -19.40 -25.37
C ASP A 337 45.06 -19.22 -25.58
N LYS A 338 44.30 -19.08 -24.49
CA LYS A 338 42.86 -18.77 -24.50
C LYS A 338 42.09 -19.63 -25.50
N ASN A 339 42.37 -20.92 -25.50
CA ASN A 339 41.63 -21.89 -26.30
C ASN A 339 40.48 -22.52 -25.54
N GLY A 340 40.09 -21.96 -24.40
CA GLY A 340 39.07 -22.57 -23.58
C GLY A 340 39.48 -23.89 -22.98
N GLU A 341 40.75 -24.02 -22.61
CA GLU A 341 41.29 -25.24 -22.03
C GLU A 341 41.72 -24.97 -20.60
N ILE A 342 41.21 -25.76 -19.67
CA ILE A 342 41.57 -25.68 -18.26
C ILE A 342 42.18 -27.02 -17.85
N ASP A 343 43.34 -26.97 -17.22
CA ASP A 343 44.08 -28.15 -16.81
C ASP A 343 44.02 -28.27 -15.29
N LYS A 344 43.92 -29.50 -14.79
CA LYS A 344 43.83 -29.72 -13.35
C LYS A 344 45.08 -29.23 -12.63
N ASN A 345 46.26 -29.53 -13.19
CA ASN A 345 47.50 -29.03 -12.60
C ASN A 345 47.60 -27.52 -12.71
N GLN A 346 46.93 -26.94 -13.72
CA GLN A 346 46.83 -25.49 -13.80
C GLN A 346 45.78 -24.96 -12.82
N CYS A 347 44.70 -25.72 -12.61
CA CYS A 347 43.59 -25.24 -11.80
C CYS A 347 43.90 -25.28 -10.32
N ILE A 348 44.76 -26.21 -9.88
CA ILE A 348 45.02 -26.36 -8.45
C ILE A 348 45.64 -25.10 -7.87
N LYS A 349 46.37 -24.34 -8.70
CA LYS A 349 46.93 -23.08 -8.24
C LYS A 349 45.83 -22.08 -7.86
N LEU A 350 44.73 -22.07 -8.63
CA LEU A 350 43.61 -21.21 -8.27
C LEU A 350 43.01 -21.61 -6.93
N PHE A 351 42.82 -22.92 -6.71
CA PHE A 351 42.28 -23.38 -5.43
C PHE A 351 43.22 -23.02 -4.28
N GLU A 352 44.53 -23.03 -4.54
CA GLU A 352 45.49 -22.66 -3.51
C GLU A 352 45.41 -21.17 -3.18
N GLN A 353 45.14 -20.35 -4.19
CA GLN A 353 45.08 -18.90 -3.96
C GLN A 353 43.78 -18.50 -3.27
N LEU A 354 42.67 -19.16 -3.61
CA LEU A 354 41.38 -18.75 -3.06
C LEU A 354 41.27 -19.09 -1.57
N THR A 355 42.01 -20.10 -1.11
CA THR A 355 41.93 -20.46 0.31
C THR A 355 42.46 -19.34 1.19
N ASN A 356 43.34 -18.49 0.64
CA ASN A 356 43.81 -17.33 1.38
C ASN A 356 42.73 -16.26 1.43
N TYR A 357 42.06 -16.02 0.30
CA TYR A 357 41.05 -14.96 0.24
C TYR A 357 39.75 -15.39 0.91
N ARG A 358 39.36 -16.66 0.75
CA ARG A 358 38.17 -17.20 1.38
C ARG A 358 38.54 -18.51 2.07
N THR A 359 38.11 -18.66 3.32
CA THR A 359 38.47 -19.85 4.08
C THR A 359 37.88 -21.10 3.43
N LEU A 360 38.71 -22.14 3.33
CA LEU A 360 38.33 -23.41 2.76
C LEU A 360 38.92 -24.52 3.61
N PRO A 361 38.28 -25.68 3.66
CA PRO A 361 38.87 -26.82 4.37
C PRO A 361 40.19 -27.23 3.75
N LYS A 362 41.14 -27.62 4.60
CA LYS A 362 42.46 -28.00 4.12
C LYS A 362 42.36 -29.24 3.23
N ILE A 363 42.98 -29.15 2.06
CA ILE A 363 42.95 -30.24 1.07
C ILE A 363 44.38 -30.68 0.79
N SER A 364 44.64 -31.97 0.91
CA SER A 364 45.94 -32.52 0.59
C SER A 364 46.10 -32.65 -0.92
N LYS A 365 47.35 -32.56 -1.38
CA LYS A 365 47.63 -32.70 -2.80
C LYS A 365 47.23 -34.09 -3.29
N GLU A 366 47.55 -35.12 -2.51
CA GLU A 366 47.14 -36.48 -2.88
C GLU A 366 45.63 -36.65 -2.71
N GLU A 367 45.06 -36.04 -1.67
CA GLU A 367 43.62 -36.18 -1.44
C GLU A 367 42.81 -35.59 -2.60
N PHE A 368 43.23 -34.42 -3.11
CA PHE A 368 42.55 -33.84 -4.25
C PHE A 368 42.74 -34.70 -5.49
N GLY A 369 43.91 -35.34 -5.62
CA GLY A 369 44.13 -36.23 -6.75
C GLY A 369 43.20 -37.41 -6.77
N LEU A 370 42.97 -38.03 -5.60
CA LEU A 370 42.04 -39.15 -5.52
C LEU A 370 40.60 -38.70 -5.80
N ILE A 371 40.29 -37.44 -5.49
CA ILE A 371 38.95 -36.92 -5.75
C ILE A 371 38.69 -36.86 -7.25
N PHE A 372 39.69 -36.43 -8.03
CA PHE A 372 39.46 -36.13 -9.43
C PHE A 372 39.17 -37.39 -10.25
N ASP A 373 39.94 -38.46 -10.05
CA ASP A 373 39.79 -39.64 -10.90
C ASP A 373 38.47 -40.33 -10.65
N GLU A 374 38.04 -40.44 -9.40
CA GLU A 374 36.76 -41.07 -9.11
C GLU A 374 35.59 -40.20 -9.56
N LEU A 375 35.77 -38.88 -9.52
CA LEU A 375 34.69 -37.97 -9.93
C LEU A 375 34.46 -38.04 -11.43
N ASP A 376 35.53 -38.11 -12.22
CA ASP A 376 35.43 -38.16 -13.67
C ASP A 376 36.24 -39.35 -14.19
N ASP A 377 35.55 -40.30 -14.83
CA ASP A 377 36.23 -41.47 -15.37
C ASP A 377 37.17 -41.10 -16.51
N THR A 378 36.76 -40.15 -17.35
CA THR A 378 37.56 -39.77 -18.50
C THR A 378 38.87 -39.12 -18.06
N ARG A 379 39.95 -39.50 -18.70
CA ARG A 379 41.26 -38.92 -18.42
C ARG A 379 41.36 -37.51 -18.99
N ASP A 380 42.12 -36.67 -18.30
CA ASP A 380 42.35 -35.28 -18.71
C ASP A 380 41.04 -34.54 -18.89
N PHE A 381 40.17 -34.62 -17.90
CA PHE A 381 38.91 -33.89 -17.94
C PHE A 381 39.18 -32.39 -17.89
N LYS A 382 38.42 -31.63 -18.68
CA LYS A 382 38.62 -30.19 -18.83
C LYS A 382 37.45 -29.43 -18.22
N ILE A 383 37.77 -28.37 -17.48
CA ILE A 383 36.73 -27.47 -16.99
C ILE A 383 36.46 -26.41 -18.04
N ASN A 384 35.23 -26.34 -18.53
CA ASN A 384 34.91 -25.39 -19.58
C ASN A 384 34.78 -23.98 -19.01
N LYS A 385 34.68 -23.00 -19.92
CA LYS A 385 34.64 -21.60 -19.50
C LYS A 385 33.39 -21.29 -18.68
N ASP A 386 32.25 -21.85 -19.07
CA ASP A 386 30.98 -21.45 -18.46
C ASP A 386 30.87 -21.94 -17.01
N GLU A 387 31.17 -23.22 -16.76
CA GLU A 387 30.94 -23.76 -15.43
C GLU A 387 31.96 -23.24 -14.43
N PHE A 388 33.09 -22.74 -14.92
CA PHE A 388 34.07 -22.12 -14.03
C PHE A 388 33.48 -20.87 -13.37
N ALA A 389 32.73 -20.08 -14.13
CA ALA A 389 32.02 -18.95 -13.55
C ALA A 389 30.97 -19.42 -12.55
N ASP A 390 30.24 -20.48 -12.89
CA ASP A 390 29.23 -21.01 -11.98
C ASP A 390 29.89 -21.63 -10.74
N LEU A 391 31.07 -22.24 -10.91
CA LEU A 391 31.78 -22.80 -9.76
C LEU A 391 32.25 -21.70 -8.82
N CYS A 392 32.69 -20.57 -9.37
CA CYS A 392 33.14 -19.46 -8.54
C CYS A 392 31.98 -18.90 -7.71
N GLN A 393 30.79 -18.83 -8.29
CA GLN A 393 29.63 -18.39 -7.54
C GLN A 393 29.29 -19.36 -6.41
N ALA A 394 29.40 -20.66 -6.68
CA ALA A 394 28.99 -21.66 -5.69
C ALA A 394 29.90 -21.64 -4.47
N ILE A 395 31.21 -21.52 -4.69
CA ILE A 395 32.17 -21.64 -3.59
C ILE A 395 32.04 -20.47 -2.63
N ALA A 396 31.78 -19.26 -3.15
CA ALA A 396 31.73 -18.09 -2.30
C ALA A 396 30.51 -18.08 -1.40
N LEU A 397 29.36 -18.55 -1.92
CA LEU A 397 28.13 -18.51 -1.13
C LEU A 397 28.22 -19.45 0.07
N ARG A 398 28.78 -20.64 -0.12
CA ARG A 398 28.84 -21.63 0.95
C ARG A 398 29.92 -21.33 1.98
N PHE A 399 31.04 -20.73 1.55
CA PHE A 399 32.18 -20.49 2.40
C PHE A 399 32.38 -19.00 2.62
N GLN A 400 32.49 -18.60 3.88
CA GLN A 400 32.60 -17.20 4.23
C GLN A 400 33.96 -16.63 3.81
N LYS A 401 34.04 -15.30 3.77
CA LYS A 401 35.29 -14.64 3.40
C LYS A 401 36.31 -14.76 4.53
N GLU A 402 37.58 -14.71 4.15
CA GLU A 402 38.67 -14.75 5.11
C GLU A 402 39.10 -13.33 5.44
N GLU A 403 39.06 -13.00 6.74
CA GLU A 403 39.38 -11.65 7.18
C GLU A 403 40.87 -11.37 7.03
N VAL A 404 41.19 -10.09 6.83
CA VAL A 404 42.61 -9.69 6.80
C VAL A 404 43.23 -9.95 8.16
N PRO A 405 44.49 -10.42 8.23
CA PRO A 405 45.09 -10.71 9.55
C PRO A 405 45.07 -9.52 10.50
N SER A 406 45.74 -8.43 10.11
CA SER A 406 45.77 -7.22 10.93
C SER A 406 46.49 -6.13 10.17
N LEU A 407 46.17 -4.88 10.50
CA LEU A 407 46.96 -3.74 10.10
C LEU A 407 48.04 -3.39 11.11
N PHE A 408 47.95 -3.92 12.32
CA PHE A 408 48.94 -3.74 13.37
C PHE A 408 49.96 -4.87 13.38
N GLU A 409 49.85 -5.82 12.45
CA GLU A 409 50.72 -7.00 12.40
C GLU A 409 52.19 -6.64 12.19
N HIS A 410 52.48 -5.42 11.75
CA HIS A 410 53.87 -5.03 11.50
C HIS A 410 54.71 -5.12 12.77
N PHE A 411 54.07 -5.06 13.94
CA PHE A 411 54.77 -5.25 15.21
C PHE A 411 54.53 -6.67 15.68
N PRO A 412 55.50 -7.58 15.55
CA PRO A 412 55.22 -8.98 15.90
C PRO A 412 55.23 -9.25 17.40
N GLN A 413 56.10 -8.58 18.16
CA GLN A 413 56.23 -8.88 19.58
C GLN A 413 54.96 -8.53 20.34
N ILE A 414 54.30 -7.43 19.98
CA ILE A 414 53.04 -7.07 20.64
C ILE A 414 51.94 -8.04 20.21
N TYR A 415 51.92 -8.42 18.93
CA TYR A 415 50.94 -9.39 18.46
C TYR A 415 51.13 -10.75 19.14
N HIS A 416 52.39 -11.18 19.30
CA HIS A 416 52.70 -12.48 19.88
C HIS A 416 52.94 -12.43 21.38
N SER A 417 52.63 -11.31 22.03
CA SER A 417 52.80 -11.21 23.47
C SER A 417 51.89 -12.19 24.20
N ALA A 418 52.35 -12.67 25.35
CA ALA A 418 51.59 -13.69 26.09
C ALA A 418 50.24 -13.15 26.55
N LEU A 419 50.21 -11.90 27.03
CA LEU A 419 48.94 -11.32 27.45
C LEU A 419 48.05 -11.01 26.26
N SER A 420 48.65 -10.64 25.12
CA SER A 420 47.86 -10.26 23.95
C SER A 420 47.04 -11.43 23.43
N GLN A 421 47.65 -12.61 23.31
CA GLN A 421 46.93 -13.76 22.79
C GLN A 421 45.80 -14.19 23.73
N GLN A 422 46.03 -14.10 25.04
CA GLN A 422 44.98 -14.38 26.00
C GLN A 422 43.83 -13.39 25.86
N LEU A 423 44.15 -12.11 25.67
CA LEU A 423 43.11 -11.10 25.48
C LEU A 423 42.32 -11.35 24.21
N ARG A 424 43.02 -11.72 23.12
CA ARG A 424 42.34 -11.99 21.86
C ARG A 424 41.43 -13.20 21.97
N ALA A 425 41.82 -14.19 22.79
CA ALA A 425 40.96 -15.35 23.00
C ALA A 425 39.67 -14.98 23.69
N PHE A 426 39.74 -14.05 24.65
CA PHE A 426 38.56 -13.67 25.43
C PHE A 426 37.53 -12.98 24.54
N VAL A 427 37.97 -11.99 23.75
CA VAL A 427 37.03 -11.20 22.95
C VAL A 427 36.39 -12.06 21.87
N ARG A 428 37.17 -12.91 21.19
CA ARG A 428 36.60 -13.75 20.16
C ARG A 428 35.68 -14.81 20.75
N SER A 429 35.91 -15.19 22.01
CA SER A 429 34.99 -16.09 22.68
C SER A 429 33.65 -15.40 22.87
N PRO A 430 32.54 -16.14 22.80
CA PRO A 430 31.22 -15.51 22.95
C PRO A 430 30.98 -14.90 24.31
N ASN A 431 31.72 -15.33 25.35
CA ASN A 431 31.46 -14.85 26.70
C ASN A 431 31.63 -13.33 26.79
N PHE A 432 32.49 -12.76 25.94
CA PHE A 432 32.62 -11.31 25.91
C PHE A 432 31.32 -10.65 25.46
N GLY A 433 30.57 -11.32 24.58
CA GLY A 433 29.32 -10.76 24.12
C GLY A 433 28.29 -10.62 25.22
N TYR A 434 28.19 -11.61 26.11
CA TYR A 434 27.26 -11.53 27.22
C TYR A 434 27.64 -10.40 28.17
N ALA A 435 28.94 -10.19 28.38
CA ALA A 435 29.39 -9.15 29.30
C ALA A 435 28.94 -7.76 28.84
N ILE A 436 29.09 -7.46 27.55
CA ILE A 436 28.66 -6.17 27.04
C ILE A 436 27.15 -6.06 27.09
N SER A 437 26.44 -7.14 26.77
CA SER A 437 24.98 -7.13 26.88
C SER A 437 24.54 -6.87 28.31
N PHE A 438 25.28 -7.41 29.29
CA PHE A 438 24.98 -7.12 30.68
C PHE A 438 25.20 -5.65 31.00
N ILE A 439 26.26 -5.06 30.46
CA ILE A 439 26.55 -3.65 30.69
C ILE A 439 25.44 -2.79 30.09
N LEU A 440 24.92 -3.19 28.93
CA LEU A 440 23.84 -2.44 28.31
C LEU A 440 22.60 -2.40 29.19
N ILE A 441 22.27 -3.52 29.84
CA ILE A 441 21.12 -3.56 30.74
C ILE A 441 21.33 -2.61 31.92
N ILE A 442 22.53 -2.63 32.51
CA ILE A 442 22.81 -1.76 33.65
C ILE A 442 22.72 -0.30 33.22
N ASN A 443 23.20 0.01 32.01
CA ASN A 443 23.13 1.39 31.52
C ASN A 443 21.69 1.87 31.40
N PHE A 444 20.80 0.99 30.93
CA PHE A 444 19.40 1.37 30.80
C PHE A 444 18.79 1.69 32.15
N ILE A 445 19.14 0.92 33.19
CA ILE A 445 18.65 1.20 34.53
C ILE A 445 19.19 2.53 35.03
N ALA A 446 20.47 2.81 34.74
CA ALA A 446 21.06 4.07 35.16
C ALA A 446 20.40 5.25 34.49
N VAL A 447 20.05 5.12 33.21
CA VAL A 447 19.45 6.24 32.48
C VAL A 447 18.05 6.53 33.01
N VAL A 448 17.23 5.48 33.19
CA VAL A 448 15.83 5.69 33.56
C VAL A 448 15.73 6.27 34.97
N VAL A 449 16.62 5.86 35.87
CA VAL A 449 16.57 6.40 37.23
C VAL A 449 17.10 7.83 37.25
N GLU A 450 18.04 8.15 36.35
CA GLU A 450 18.55 9.51 36.28
C GLU A 450 17.53 10.45 35.68
N THR A 451 16.82 10.01 34.64
CA THR A 451 15.81 10.85 34.00
C THR A 451 14.64 11.12 34.94
N THR A 452 14.28 10.14 35.76
CA THR A 452 13.15 10.32 36.68
C THR A 452 13.43 11.45 37.66
N LEU A 453 14.67 11.58 38.13
CA LEU A 453 15.03 12.67 39.03
C LEU A 453 14.88 14.03 38.35
N ASP A 454 15.20 14.10 37.06
CA ASP A 454 15.04 15.34 36.32
C ASP A 454 13.57 15.74 36.24
N ILE A 455 12.68 14.77 36.08
CA ILE A 455 11.25 15.07 36.03
C ILE A 455 10.78 15.67 37.35
N GLU A 456 11.23 15.10 38.46
CA GLU A 456 10.89 15.61 39.79
C GLU A 456 11.76 16.79 40.21
N GLU A 457 12.77 17.14 39.40
CA GLU A 457 13.62 18.29 39.65
C GLU A 457 14.30 18.20 41.02
N SER A 458 14.72 16.99 41.40
CA SER A 458 15.41 16.80 42.66
C SER A 458 16.89 17.21 42.53
N SER A 459 17.53 17.42 43.67
CA SER A 459 18.93 17.83 43.71
C SER A 459 19.89 16.65 43.65
N ALA A 460 19.39 15.42 43.65
CA ALA A 460 20.23 14.24 43.60
C ALA A 460 20.55 13.80 42.18
N GLN A 461 20.13 14.56 41.17
CA GLN A 461 20.41 14.19 39.79
C GLN A 461 21.90 14.25 39.49
N LYS A 462 22.60 15.25 40.04
CA LYS A 462 24.01 15.43 39.72
C LYS A 462 24.88 14.21 40.04
N PRO A 463 24.79 13.59 41.23
CA PRO A 463 25.61 12.37 41.44
C PRO A 463 25.31 11.26 40.45
N TRP A 464 24.04 11.09 40.05
CA TRP A 464 23.70 10.05 39.09
C TRP A 464 24.19 10.41 37.70
N GLN A 465 24.21 11.70 37.37
CA GLN A 465 24.64 12.12 36.03
C GLN A 465 26.11 11.81 35.80
N VAL A 466 26.93 11.88 36.86
CA VAL A 466 28.35 11.57 36.72
C VAL A 466 28.54 10.10 36.39
N ALA A 467 27.69 9.23 36.95
CA ALA A 467 27.82 7.80 36.69
C ALA A 467 27.60 7.48 35.22
N GLU A 468 26.78 8.26 34.54
CA GLU A 468 26.58 8.07 33.10
C GLU A 468 27.88 8.32 32.33
N PHE A 469 28.65 9.32 32.75
CA PHE A 469 29.94 9.59 32.11
C PHE A 469 30.89 8.40 32.24
N VAL A 470 30.82 7.68 33.35
CA VAL A 470 31.68 6.51 33.54
C VAL A 470 31.37 5.44 32.50
N PHE A 471 30.07 5.21 32.24
CA PHE A 471 29.70 4.23 31.23
C PHE A 471 30.21 4.61 29.84
N GLY A 472 30.31 5.91 29.57
CA GLY A 472 30.91 6.34 28.32
C GLY A 472 32.35 5.91 28.19
N TRP A 473 33.12 6.00 29.29
CA TRP A 473 34.50 5.54 29.27
C TRP A 473 34.58 4.03 29.03
N ILE A 474 33.56 3.29 29.49
CA ILE A 474 33.52 1.86 29.24
C ILE A 474 33.34 1.58 27.76
N TYR A 475 32.46 2.34 27.09
CA TYR A 475 32.14 2.06 25.70
C TYR A 475 33.32 2.34 24.79
N VAL A 476 34.06 3.41 25.05
CA VAL A 476 35.25 3.71 24.23
C VAL A 476 36.33 2.67 24.48
N LEU A 477 36.43 2.17 25.71
CA LEU A 477 37.41 1.14 26.01
C LEU A 477 37.10 -0.16 25.28
N GLU A 478 35.83 -0.60 25.33
CA GLU A 478 35.46 -1.85 24.68
C GLU A 478 35.56 -1.74 23.16
N MET A 479 35.30 -0.54 22.62
CA MET A 479 35.50 -0.34 21.19
C MET A 479 36.97 -0.45 20.81
N ALA A 480 37.85 0.08 21.66
CA ALA A 480 39.28 -0.02 21.40
C ALA A 480 39.75 -1.48 21.45
N LEU A 481 39.25 -2.25 22.41
CA LEU A 481 39.61 -3.66 22.48
C LEU A 481 39.12 -4.43 21.25
N LYS A 482 37.87 -4.16 20.83
CA LYS A 482 37.31 -4.88 19.70
C LYS A 482 38.04 -4.56 18.40
N ILE A 483 38.37 -3.28 18.19
CA ILE A 483 39.04 -2.89 16.94
C ILE A 483 40.48 -3.41 16.93
N TYR A 484 41.09 -3.56 18.11
CA TYR A 484 42.47 -4.01 18.18
C TYR A 484 42.59 -5.46 17.73
N THR A 485 41.74 -6.33 18.26
CA THR A 485 41.87 -7.76 17.99
C THR A 485 41.40 -8.10 16.57
N TYR A 486 40.28 -7.52 16.14
CA TYR A 486 39.75 -7.83 14.81
C TYR A 486 40.55 -7.12 13.72
N GLY A 487 41.01 -5.90 13.99
CA GLY A 487 41.60 -5.07 12.98
C GLY A 487 40.59 -4.09 12.40
N PHE A 488 41.10 -2.94 11.94
CA PHE A 488 40.24 -1.86 11.50
C PHE A 488 39.36 -2.28 10.33
N GLU A 489 39.95 -2.96 9.33
CA GLU A 489 39.17 -3.37 8.17
C GLU A 489 38.13 -4.42 8.54
N ASN A 490 38.50 -5.38 9.39
CA ASN A 490 37.53 -6.36 9.87
C ASN A 490 36.44 -5.70 10.70
N TYR A 491 36.84 -4.77 11.58
CA TYR A 491 35.86 -4.05 12.39
C TYR A 491 34.94 -3.20 11.52
N TRP A 492 35.50 -2.55 10.50
CA TRP A 492 34.70 -1.67 9.66
C TRP A 492 33.76 -2.45 8.75
N ARG A 493 34.06 -3.73 8.51
CA ARG A 493 33.27 -4.51 7.56
C ARG A 493 31.83 -4.68 8.03
N GLU A 494 31.63 -4.96 9.31
CA GLU A 494 30.28 -5.14 9.83
C GLU A 494 29.54 -3.80 9.85
N GLY A 495 28.31 -3.80 9.35
CA GLY A 495 27.53 -2.57 9.32
C GLY A 495 27.18 -2.06 10.70
N ALA A 496 26.77 -2.96 11.60
CA ALA A 496 26.39 -2.55 12.94
C ALA A 496 27.57 -1.96 13.70
N ASN A 497 28.78 -2.47 13.44
CA ASN A 497 29.97 -1.92 14.10
C ASN A 497 30.24 -0.50 13.63
N ARG A 498 29.93 -0.19 12.38
CA ARG A 498 30.13 1.17 11.88
C ARG A 498 29.24 2.17 12.59
N PHE A 499 28.00 1.79 12.88
CA PHE A 499 27.10 2.67 13.63
C PHE A 499 27.61 2.91 15.04
N ASP A 500 28.09 1.86 15.71
CA ASP A 500 28.58 2.02 17.07
C ASP A 500 29.87 2.82 17.10
N PHE A 501 30.70 2.70 16.06
CA PHE A 501 31.96 3.44 16.03
C PHE A 501 31.72 4.94 15.99
N LEU A 502 30.76 5.38 15.17
CA LEU A 502 30.42 6.80 15.14
C LEU A 502 29.82 7.26 16.46
N VAL A 503 28.95 6.44 17.05
CA VAL A 503 28.34 6.80 18.33
C VAL A 503 29.39 6.92 19.43
N THR A 504 30.35 5.99 19.44
CA THR A 504 31.40 6.04 20.45
C THR A 504 32.26 7.30 20.29
N TRP A 505 32.60 7.66 19.06
CA TRP A 505 33.49 8.79 18.84
C TRP A 505 32.81 10.12 19.17
N VAL A 506 31.52 10.26 18.82
CA VAL A 506 30.84 11.51 19.12
C VAL A 506 30.68 11.68 20.63
N ILE A 507 30.67 10.57 21.37
CA ILE A 507 30.63 10.65 22.83
C ILE A 507 31.93 11.24 23.37
N VAL A 508 33.07 10.72 22.92
CA VAL A 508 34.35 11.14 23.48
C VAL A 508 34.68 12.56 23.08
N ILE A 509 34.25 12.98 21.88
CA ILE A 509 34.46 14.36 21.46
C ILE A 509 33.67 15.31 22.34
N GLY A 510 32.40 14.99 22.57
CA GLY A 510 31.60 15.82 23.47
C GLY A 510 32.05 15.72 24.91
N GLU A 511 32.47 14.52 25.34
CA GLU A 511 32.86 14.34 26.73
C GLU A 511 34.08 15.17 27.09
N THR A 512 35.09 15.21 26.20
CA THR A 512 36.29 15.95 26.52
C THR A 512 36.06 17.46 26.41
N ALA A 513 35.07 17.87 25.61
CA ALA A 513 34.80 19.30 25.44
C ALA A 513 34.36 19.94 26.75
N THR A 514 33.50 19.25 27.51
CA THR A 514 33.08 19.77 28.81
C THR A 514 34.25 19.77 29.79
N PHE A 515 35.10 18.74 29.74
CA PHE A 515 36.18 18.63 30.71
C PHE A 515 37.31 19.62 30.41
N ILE A 516 37.59 19.85 29.13
CA ILE A 516 38.70 20.74 28.79
C ILE A 516 38.37 22.19 29.13
N THR A 517 37.11 22.59 28.95
CA THR A 517 36.67 23.95 29.20
C THR A 517 35.67 23.97 30.35
N PRO A 518 36.06 24.43 31.53
CA PRO A 518 35.10 24.57 32.65
C PRO A 518 34.33 25.88 32.58
N ASP A 519 33.48 26.01 31.57
CA ASP A 519 32.72 27.22 31.33
C ASP A 519 31.26 26.86 31.10
N GLU A 520 30.39 27.87 31.23
CA GLU A 520 28.95 27.68 31.09
C GLU A 520 28.58 27.73 29.61
N ASN A 521 28.64 26.55 28.98
CA ASN A 521 28.19 26.43 27.60
C ASN A 521 26.66 26.46 27.53
N THR A 522 26.14 26.85 26.37
CA THR A 522 24.70 26.90 26.18
C THR A 522 24.10 25.50 26.22
N PHE A 523 24.80 24.52 25.65
CA PHE A 523 24.29 23.15 25.55
C PHE A 523 25.15 22.13 26.29
N PHE A 524 26.47 22.25 26.20
CA PHE A 524 27.35 21.21 26.76
C PHE A 524 27.40 21.29 28.28
N SER A 525 27.18 22.49 28.85
CA SER A 525 27.29 22.64 30.29
C SER A 525 26.21 21.85 31.02
N ASN A 526 25.00 21.79 30.46
CA ASN A 526 23.92 21.09 31.12
C ASN A 526 24.22 19.59 31.24
N GLY A 527 24.76 18.99 30.19
CA GLY A 527 25.12 17.58 30.21
C GLY A 527 23.98 16.62 29.92
N GLU A 528 22.78 17.12 29.61
CA GLU A 528 21.66 16.23 29.35
C GLU A 528 21.80 15.53 28.00
N TRP A 529 22.76 15.95 27.17
CA TRP A 529 22.90 15.38 25.83
C TRP A 529 23.39 13.93 25.87
N ILE A 530 24.04 13.53 26.96
CA ILE A 530 24.71 12.22 26.99
C ILE A 530 23.69 11.10 26.96
N ARG A 531 22.53 11.29 27.59
CA ARG A 531 21.56 10.19 27.70
C ARG A 531 21.06 9.76 26.33
N TYR A 532 20.84 10.71 25.42
CA TYR A 532 20.32 10.37 24.10
C TYR A 532 21.34 9.58 23.30
N LEU A 533 22.63 9.93 23.44
CA LEU A 533 23.68 9.17 22.77
C LEU A 533 23.77 7.76 23.35
N LEU A 534 23.64 7.62 24.67
CA LEU A 534 23.63 6.31 25.30
C LEU A 534 22.44 5.48 24.82
N LEU A 535 21.26 6.09 24.73
CA LEU A 535 20.09 5.36 24.25
C LEU A 535 20.26 4.89 22.82
N ALA A 536 20.99 5.69 22.01
CA ALA A 536 21.29 5.25 20.65
C ALA A 536 22.14 3.98 20.65
N ARG A 537 23.11 3.90 21.57
CA ARG A 537 23.95 2.72 21.66
C ARG A 537 23.20 1.50 22.18
N MET A 538 22.19 1.69 23.04
CA MET A 538 21.45 0.58 23.59
C MET A 538 20.41 0.02 22.62
N LEU A 539 20.31 0.57 21.41
CA LEU A 539 19.38 0.04 20.43
C LEU A 539 19.77 -1.35 19.94
N ARG A 540 20.97 -1.80 20.28
CA ARG A 540 21.38 -3.16 19.95
C ARG A 540 20.53 -4.20 20.67
N LEU A 541 19.85 -3.80 21.76
CA LEU A 541 18.98 -4.72 22.47
C LEU A 541 17.82 -5.18 21.60
N ILE A 542 17.46 -4.36 20.61
CA ILE A 542 16.41 -4.76 19.67
C ILE A 542 16.84 -5.99 18.89
N ARG A 543 18.13 -6.08 18.56
CA ARG A 543 18.63 -7.25 17.83
C ARG A 543 18.43 -8.53 18.62
N LEU A 544 18.36 -8.45 19.95
CA LEU A 544 18.07 -9.63 20.76
C LEU A 544 16.63 -10.07 20.59
N LEU A 545 15.72 -9.13 20.31
CA LEU A 545 14.32 -9.48 20.13
C LEU A 545 14.10 -10.30 18.87
N MET A 546 15.12 -10.38 18.01
CA MET A 546 14.98 -11.15 16.78
C MET A 546 14.85 -12.65 17.05
N ASN A 547 15.26 -13.09 18.25
CA ASN A 547 15.29 -14.52 18.55
C ASN A 547 13.91 -15.14 18.50
N VAL A 548 12.91 -14.46 19.06
CA VAL A 548 11.56 -15.01 19.09
C VAL A 548 10.99 -15.06 17.67
N GLN A 549 10.31 -16.16 17.36
CA GLN A 549 9.83 -16.37 15.99
C GLN A 549 8.67 -15.45 15.66
N ARG A 550 7.90 -15.04 16.66
CA ARG A 550 6.74 -14.19 16.41
C ARG A 550 7.16 -12.83 15.85
N TYR A 551 8.21 -12.24 16.41
CA TYR A 551 8.69 -10.94 15.97
C TYR A 551 9.95 -11.02 15.11
N ARG A 552 10.34 -12.22 14.67
CA ARG A 552 11.57 -12.37 13.91
C ARG A 552 11.46 -11.67 12.55
N ALA A 553 10.36 -11.90 11.83
CA ALA A 553 10.23 -11.35 10.48
C ALA A 553 10.17 -9.83 10.50
N PHE A 554 9.44 -9.26 11.46
CA PHE A 554 9.30 -7.81 11.51
C PHE A 554 10.62 -7.13 11.80
N ILE A 555 11.38 -7.63 12.77
CA ILE A 555 12.63 -7.00 13.15
C ILE A 555 13.69 -7.17 12.07
N ALA A 556 13.77 -8.36 11.48
CA ALA A 556 14.79 -8.61 10.46
C ALA A 556 14.62 -7.70 9.25
N THR A 557 13.37 -7.51 8.81
CA THR A 557 13.12 -6.60 7.69
C THR A 557 13.45 -5.16 8.06
N PHE A 558 13.12 -4.75 9.29
CA PHE A 558 13.35 -3.38 9.72
C PHE A 558 14.85 -3.04 9.69
N ILE A 559 15.68 -3.97 10.15
CA ILE A 559 17.13 -3.73 10.15
C ILE A 559 17.66 -3.61 8.73
N THR A 560 17.20 -4.49 7.83
CA THR A 560 17.70 -4.48 6.47
C THR A 560 17.29 -3.21 5.72
N LEU A 561 16.15 -2.63 6.09
CA LEU A 561 15.64 -1.47 5.36
C LEU A 561 16.56 -0.26 5.52
N ILE A 562 17.13 -0.07 6.71
CA ILE A 562 17.87 1.17 6.99
C ILE A 562 19.01 1.39 6.00
N PRO A 563 19.87 0.42 5.70
CA PRO A 563 20.86 0.66 4.64
C PRO A 563 20.28 0.56 3.24
N SER A 564 19.27 -0.30 3.05
CA SER A 564 18.78 -0.57 1.70
C SER A 564 17.91 0.56 1.18
N LEU A 565 17.15 1.21 2.06
CA LEU A 565 16.22 2.26 1.66
C LEU A 565 16.88 3.62 1.49
N MET A 566 18.16 3.74 1.81
CA MET A 566 18.84 5.03 1.71
C MET A 566 18.84 5.63 0.30
N PRO A 567 19.18 4.90 -0.77
CA PRO A 567 19.19 5.55 -2.09
C PRO A 567 17.84 6.13 -2.51
N TYR A 568 16.74 5.47 -2.17
CA TYR A 568 15.43 5.99 -2.54
C TYR A 568 15.04 7.18 -1.68
N LEU A 569 15.35 7.13 -0.38
CA LEU A 569 15.13 8.27 0.48
C LEU A 569 16.02 9.44 0.10
N GLY A 570 17.23 9.14 -0.39
CA GLY A 570 18.11 10.20 -0.85
C GLY A 570 17.57 10.93 -2.07
N THR A 571 16.94 10.18 -2.99
CA THR A 571 16.36 10.81 -4.17
C THR A 571 15.25 11.78 -3.78
N ILE A 572 14.39 11.40 -2.85
CA ILE A 572 13.34 12.29 -2.38
C ILE A 572 13.94 13.53 -1.74
N PHE A 573 15.03 13.36 -0.98
CA PHE A 573 15.70 14.50 -0.39
C PHE A 573 16.25 15.45 -1.45
N CYS A 574 16.83 14.89 -2.52
CA CYS A 574 17.39 15.73 -3.57
C CYS A 574 16.30 16.43 -4.36
N VAL A 575 15.15 15.77 -4.56
CA VAL A 575 14.02 16.42 -5.22
C VAL A 575 13.52 17.59 -4.38
N LEU A 576 13.52 17.43 -3.06
CA LEU A 576 13.14 18.53 -2.18
C LEU A 576 14.11 19.70 -2.30
N CYS A 577 15.40 19.40 -2.45
CA CYS A 577 16.39 20.46 -2.57
C CYS A 577 16.18 21.29 -3.83
N ILE A 578 15.78 20.63 -4.93
CA ILE A 578 15.50 21.36 -6.16
C ILE A 578 14.28 22.26 -5.99
N TYR A 579 13.22 21.72 -5.39
CA TYR A 579 12.00 22.51 -5.19
C TYR A 579 12.22 23.61 -4.15
N CYS A 580 13.10 23.38 -3.18
CA CYS A 580 13.39 24.41 -2.20
C CYS A 580 14.02 25.63 -2.85
N SER A 581 14.93 25.41 -3.81
CA SER A 581 15.53 26.53 -4.52
C SER A 581 14.50 27.27 -5.37
N ILE A 582 13.59 26.53 -6.00
CA ILE A 582 12.54 27.16 -6.79
C ILE A 582 11.63 28.00 -5.90
N GLY A 583 11.24 27.45 -4.75
CA GLY A 583 10.30 28.15 -3.88
C GLY A 583 10.88 29.43 -3.30
N VAL A 584 12.19 29.44 -3.03
CA VAL A 584 12.81 30.61 -2.43
C VAL A 584 12.76 31.80 -3.38
N GLN A 585 12.94 31.56 -4.67
CA GLN A 585 12.97 32.66 -5.62
C GLN A 585 11.58 33.28 -5.81
N VAL A 586 10.56 32.43 -5.97
CA VAL A 586 9.23 32.94 -6.30
C VAL A 586 8.53 33.48 -5.06
N PHE A 587 8.66 32.78 -3.92
CA PHE A 587 7.98 33.19 -2.69
C PHE A 587 8.94 33.71 -1.63
N GLY A 588 9.99 34.42 -2.03
CA GLY A 588 11.00 34.83 -1.06
C GLY A 588 10.51 35.86 -0.06
N GLY A 589 10.05 37.00 -0.53
CA GLY A 589 9.68 38.09 0.35
C GLY A 589 8.20 38.30 0.58
N LEU A 590 7.37 37.30 0.28
CA LEU A 590 5.93 37.48 0.41
C LEU A 590 5.50 37.52 1.87
N VAL A 591 6.11 36.70 2.71
CA VAL A 591 5.71 36.56 4.11
C VAL A 591 6.45 37.59 4.94
N ASN A 592 5.74 38.65 5.35
CA ASN A 592 6.31 39.71 6.16
C ASN A 592 5.39 39.99 7.34
N ALA A 593 5.98 40.49 8.43
CA ALA A 593 5.19 40.88 9.58
C ALA A 593 4.33 42.11 9.27
N GLY A 594 4.88 43.05 8.48
CA GLY A 594 4.14 44.27 8.19
C GLY A 594 3.12 44.09 7.08
N ASN A 595 3.20 42.96 6.37
CA ASN A 595 2.28 42.72 5.27
C ASN A 595 0.85 42.59 5.79
N LYS A 596 -0.06 43.33 5.18
CA LYS A 596 -1.45 43.37 5.66
C LYS A 596 -2.24 42.17 5.16
N LYS A 597 -2.03 41.77 3.90
CA LYS A 597 -2.83 40.71 3.31
C LYS A 597 -2.55 39.37 3.99
N LEU A 598 -1.38 39.24 4.62
CA LEU A 598 -0.98 37.96 5.21
C LEU A 598 -1.92 37.54 6.32
N PHE A 599 -2.35 38.48 7.16
CA PHE A 599 -3.15 38.12 8.33
C PHE A 599 -4.54 37.65 7.95
N GLU A 600 -4.99 37.97 6.74
CA GLU A 600 -6.26 37.46 6.27
C GLU A 600 -6.15 36.00 5.83
N THR A 601 -4.93 35.58 5.47
CA THR A 601 -4.72 34.21 5.05
C THR A 601 -4.81 33.25 6.23
N GLU A 602 -4.82 31.95 5.92
CA GLU A 602 -5.03 30.95 6.96
C GLU A 602 -3.73 30.63 7.71
N LEU A 603 -2.59 31.04 7.16
CA LEU A 603 -1.32 30.81 7.86
C LEU A 603 -1.30 31.56 9.19
N ALA A 604 -1.73 32.82 9.18
CA ALA A 604 -1.76 33.60 10.42
C ALA A 604 -2.83 33.07 11.37
N GLU A 605 -3.98 32.65 10.83
CA GLU A 605 -5.06 32.15 11.69
C GLU A 605 -4.65 30.89 12.42
N ASP A 606 -3.93 29.98 11.76
CA ASP A 606 -3.48 28.74 12.37
C ASP A 606 -2.09 28.85 12.97
N ASP A 607 -1.46 30.02 12.88
CA ASP A 607 -0.11 30.25 13.40
C ASP A 607 0.89 29.30 12.72
N TYR A 608 0.96 29.42 11.39
CA TYR A 608 1.90 28.65 10.57
C TYR A 608 2.98 29.53 9.96
N LEU A 609 3.14 30.76 10.44
CA LEU A 609 4.02 31.72 9.78
C LEU A 609 5.47 31.26 9.78
N LEU A 610 5.85 30.42 10.75
CA LEU A 610 7.24 29.98 10.84
C LEU A 610 7.60 28.99 9.74
N PHE A 611 6.62 28.50 9.00
CA PHE A 611 6.86 27.57 7.90
C PHE A 611 6.83 28.24 6.54
N ASN A 612 7.31 29.47 6.44
CA ASN A 612 7.30 30.18 5.17
C ASN A 612 8.40 29.68 4.24
N PHE A 613 8.53 30.35 3.09
CA PHE A 613 9.57 30.06 2.13
C PHE A 613 10.62 31.18 2.06
N ASN A 614 10.81 31.91 3.16
CA ASN A 614 11.66 33.10 3.11
C ASN A 614 13.12 32.75 2.81
N ASP A 615 13.63 31.68 3.41
CA ASP A 615 14.99 31.26 3.19
C ASP A 615 15.07 29.75 3.04
N TYR A 616 16.24 29.28 2.61
CA TYR A 616 16.41 27.86 2.31
C TYR A 616 16.18 26.95 3.52
N PRO A 617 16.74 27.21 4.71
CA PRO A 617 16.47 26.30 5.83
C PRO A 617 14.99 26.16 6.18
N ASN A 618 14.24 27.26 6.09
CA ASN A 618 12.79 27.16 6.34
C ASN A 618 12.09 26.44 5.20
N GLY A 619 12.61 26.59 3.97
CA GLY A 619 11.97 25.96 2.83
C GLY A 619 12.00 24.44 2.90
N MET A 620 13.08 23.88 3.43
CA MET A 620 13.18 22.42 3.52
C MET A 620 12.21 21.87 4.56
N VAL A 621 11.98 22.62 5.64
CA VAL A 621 11.08 22.15 6.68
C VAL A 621 9.63 22.18 6.20
N THR A 622 9.22 23.28 5.56
CA THR A 622 7.83 23.40 5.13
C THR A 622 7.50 22.43 4.01
N LEU A 623 8.49 22.13 3.14
CA LEU A 623 8.25 21.15 2.10
C LEU A 623 8.06 19.75 2.69
N PHE A 624 8.69 19.49 3.84
CA PHE A 624 8.50 18.20 4.50
C PHE A 624 7.07 18.07 5.03
N ASN A 625 6.49 19.16 5.51
CA ASN A 625 5.09 19.12 5.95
C ASN A 625 4.15 18.83 4.78
N LEU A 626 4.43 19.40 3.61
CA LEU A 626 3.65 19.08 2.42
C LEU A 626 3.85 17.63 2.01
N LEU A 627 4.96 17.03 2.44
CA LEU A 627 5.29 15.67 2.01
C LEU A 627 4.39 14.64 2.69
N VAL A 628 3.94 14.92 3.90
CA VAL A 628 3.25 13.91 4.70
C VAL A 628 1.75 14.16 4.74
N MET A 629 1.24 14.99 3.82
CA MET A 629 -0.20 15.23 3.69
C MET A 629 -0.81 15.86 4.95
N GLY A 630 0.01 16.47 5.79
CA GLY A 630 -0.52 17.05 7.01
C GLY A 630 -0.96 18.48 6.85
N ASN A 631 -2.28 18.68 6.68
CA ASN A 631 -2.85 20.01 6.49
C ASN A 631 -2.14 20.76 5.36
N TRP A 632 -1.94 20.08 4.24
CA TRP A 632 -1.14 20.63 3.15
C TRP A 632 -1.88 21.72 2.38
N GLN A 633 -3.21 21.78 2.46
CA GLN A 633 -3.95 22.69 1.61
C GLN A 633 -3.87 24.14 2.09
N VAL A 634 -3.47 24.33 3.35
CA VAL A 634 -3.40 25.70 3.87
C VAL A 634 -2.28 26.47 3.18
N TRP A 635 -1.17 25.81 2.88
CA TRP A 635 -0.06 26.48 2.21
C TRP A 635 -0.43 26.85 0.78
N MET A 636 -1.18 25.98 0.08
CA MET A 636 -1.57 26.27 -1.29
C MET A 636 -2.44 27.51 -1.39
N GLU A 637 -3.53 27.56 -0.63
CA GLU A 637 -4.51 28.63 -0.83
C GLU A 637 -4.13 29.89 -0.05
N SER A 638 -3.17 29.78 0.86
CA SER A 638 -2.63 30.99 1.47
C SER A 638 -1.71 31.73 0.51
N TYR A 639 -0.86 31.00 -0.21
CA TYR A 639 0.05 31.64 -1.15
C TYR A 639 -0.68 32.10 -2.40
N LYS A 640 -1.77 31.42 -2.77
CA LYS A 640 -2.57 31.86 -3.90
C LYS A 640 -3.17 33.24 -3.64
N ASP A 641 -3.68 33.47 -2.44
CA ASP A 641 -4.14 34.80 -2.07
C ASP A 641 -2.97 35.76 -1.90
N LEU A 642 -1.86 35.27 -1.36
CA LEU A 642 -0.71 36.13 -1.13
C LEU A 642 -0.05 36.55 -2.44
N THR A 643 0.18 35.61 -3.35
CA THR A 643 0.78 35.95 -4.63
C THR A 643 -0.20 36.72 -5.51
N GLY A 644 -1.48 36.32 -5.48
CA GLY A 644 -2.50 36.98 -6.27
C GLY A 644 -2.74 36.37 -7.64
N THR A 645 -2.00 35.34 -8.01
CA THR A 645 -2.14 34.70 -9.31
C THR A 645 -2.49 33.23 -9.13
N TRP A 646 -3.41 32.74 -9.96
CA TRP A 646 -3.81 31.34 -9.89
C TRP A 646 -2.69 30.41 -10.33
N TRP A 647 -1.65 30.95 -10.98
CA TRP A 647 -0.57 30.09 -11.47
C TRP A 647 0.32 29.61 -10.33
N SER A 648 0.15 30.17 -9.14
CA SER A 648 0.96 29.80 -7.99
C SER A 648 0.71 28.35 -7.59
N ILE A 649 -0.53 27.89 -7.73
CA ILE A 649 -0.87 26.53 -7.33
C ILE A 649 -0.17 25.49 -8.19
N THR A 650 0.36 25.89 -9.34
CA THR A 650 1.09 24.95 -10.18
C THR A 650 2.30 24.39 -9.45
N TYR A 651 2.94 25.20 -8.62
CA TYR A 651 4.09 24.74 -7.85
C TYR A 651 3.71 23.63 -6.88
N PHE A 652 2.57 23.80 -6.18
CA PHE A 652 2.18 22.82 -5.19
C PHE A 652 1.56 21.59 -5.83
N VAL A 653 0.77 21.77 -6.89
CA VAL A 653 0.14 20.64 -7.56
C VAL A 653 1.21 19.75 -8.21
N SER A 654 2.19 20.36 -8.86
CA SER A 654 3.27 19.59 -9.46
C SER A 654 4.05 18.82 -8.39
N PHE A 655 4.22 19.41 -7.21
CA PHE A 655 4.90 18.73 -6.12
C PHE A 655 4.13 17.48 -5.68
N TYR A 656 2.80 17.59 -5.59
CA TYR A 656 2.01 16.45 -5.13
C TYR A 656 2.06 15.30 -6.13
N VAL A 657 1.98 15.61 -7.42
CA VAL A 657 1.93 14.55 -8.43
C VAL A 657 3.29 13.87 -8.56
N ILE A 658 4.37 14.65 -8.64
CA ILE A 658 5.69 14.07 -8.88
C ILE A 658 6.19 13.32 -7.66
N THR A 659 6.05 13.90 -6.48
CA THR A 659 6.66 13.34 -5.27
C THR A 659 5.71 12.39 -4.54
N ILE A 660 4.52 12.87 -4.18
CA ILE A 660 3.66 12.12 -3.26
C ILE A 660 3.05 10.91 -3.95
N LEU A 661 2.61 11.08 -5.20
CA LEU A 661 1.98 9.96 -5.91
C LEU A 661 3.01 8.97 -6.43
N LEU A 662 4.16 9.48 -6.89
CA LEU A 662 5.14 8.59 -7.55
C LEU A 662 6.18 8.10 -6.56
N LEU A 663 6.92 9.02 -5.94
CA LEU A 663 8.04 8.61 -5.08
C LEU A 663 7.56 7.88 -3.84
N LEU A 664 6.52 8.39 -3.19
CA LEU A 664 6.04 7.76 -1.95
C LEU A 664 5.50 6.36 -2.21
N ASN A 665 4.78 6.18 -3.32
CA ASN A 665 4.31 4.86 -3.68
C ASN A 665 5.47 3.92 -4.00
N LEU A 666 6.57 4.48 -4.54
CA LEU A 666 7.76 3.68 -4.76
C LEU A 666 8.36 3.20 -3.45
N VAL A 667 8.39 4.06 -2.43
CA VAL A 667 8.87 3.66 -1.11
C VAL A 667 7.96 2.59 -0.53
N VAL A 668 6.64 2.77 -0.65
CA VAL A 668 5.71 1.75 -0.20
C VAL A 668 5.93 0.45 -0.96
N ALA A 669 6.19 0.55 -2.27
CA ALA A 669 6.44 -0.65 -3.08
C ALA A 669 7.70 -1.36 -2.62
N PHE A 670 8.78 -0.62 -2.33
CA PHE A 670 10.03 -1.24 -1.96
C PHE A 670 9.94 -1.90 -0.58
N VAL A 671 9.24 -1.26 0.35
CA VAL A 671 9.12 -1.82 1.70
C VAL A 671 8.38 -3.15 1.65
N LEU A 672 7.29 -3.22 0.87
CA LEU A 672 6.57 -4.47 0.73
C LEU A 672 7.44 -5.55 0.10
N GLU A 673 8.18 -5.21 -0.96
CA GLU A 673 9.00 -6.21 -1.64
C GLU A 673 10.09 -6.77 -0.73
N ALA A 674 10.70 -5.91 0.09
CA ALA A 674 11.75 -6.37 1.00
C ALA A 674 11.20 -7.37 2.01
N PHE A 675 9.98 -7.14 2.49
CA PHE A 675 9.40 -8.01 3.51
C PHE A 675 9.18 -9.42 2.98
N PHE A 676 8.65 -9.55 1.76
CA PHE A 676 8.37 -10.87 1.22
C PHE A 676 9.65 -11.67 1.00
N THR A 677 10.70 -11.02 0.49
CA THR A 677 11.97 -11.71 0.29
C THR A 677 12.54 -12.19 1.61
N GLU A 678 12.32 -11.43 2.68
CA GLU A 678 12.76 -11.87 4.00
C GLU A 678 12.02 -13.13 4.43
N LEU A 679 10.70 -13.17 4.20
CA LEU A 679 9.94 -14.36 4.56
C LEU A 679 10.38 -15.57 3.74
N ASP A 680 10.59 -15.39 2.43
CA ASP A 680 11.05 -16.50 1.60
C ASP A 680 12.43 -16.98 2.02
N LEU A 681 13.31 -16.04 2.38
CA LEU A 681 14.64 -16.43 2.85
C LEU A 681 14.55 -17.21 4.15
N GLU A 682 13.63 -16.84 5.04
CA GLU A 682 13.53 -17.51 6.33
C GLU A 682 12.92 -18.90 6.20
N GLU A 683 11.89 -19.04 5.37
CA GLU A 683 11.19 -20.32 5.29
C GLU A 683 12.05 -21.41 4.68
N GLU A 684 12.93 -21.05 3.73
CA GLU A 684 13.78 -22.03 3.08
C GLU A 684 14.88 -22.56 4.00
N GLU A 685 15.08 -21.94 5.17
CA GLU A 685 16.03 -22.48 6.13
C GLU A 685 15.63 -23.88 6.60
N LYS A 686 14.34 -24.08 6.87
CA LYS A 686 13.85 -25.38 7.31
C LYS A 686 13.61 -26.30 6.12
N UNK B 1 31.51 -30.57 -0.62
CA UNK B 1 31.17 -30.03 -1.94
C UNK B 1 31.33 -31.10 -3.01
N UNK B 2 31.39 -32.36 -2.59
CA UNK B 2 31.51 -33.46 -3.54
C UNK B 2 30.29 -33.56 -4.43
N UNK B 3 29.09 -33.41 -3.87
CA UNK B 3 27.87 -33.47 -4.66
C UNK B 3 27.82 -32.32 -5.68
N UNK B 4 28.18 -31.11 -5.25
CA UNK B 4 28.16 -29.97 -6.16
C UNK B 4 29.18 -30.16 -7.28
N UNK B 5 30.37 -30.67 -6.96
CA UNK B 5 31.37 -30.93 -7.98
C UNK B 5 30.91 -32.00 -8.96
N UNK B 6 30.27 -33.05 -8.45
CA UNK B 6 29.73 -34.09 -9.33
C UNK B 6 28.66 -33.54 -10.24
N UNK B 7 27.77 -32.69 -9.71
CA UNK B 7 26.74 -32.08 -10.54
C UNK B 7 27.35 -31.18 -11.60
N UNK B 8 28.39 -30.42 -11.24
CA UNK B 8 29.06 -29.56 -12.22
C UNK B 8 29.71 -30.39 -13.31
N UNK B 9 30.35 -31.50 -12.94
CA UNK B 9 30.95 -32.38 -13.93
C UNK B 9 29.89 -32.98 -14.85
N UNK B 10 28.75 -33.37 -14.28
CA UNK B 10 27.65 -33.88 -15.11
C UNK B 10 27.14 -32.82 -16.06
N UNK B 11 27.12 -31.56 -15.62
CA UNK B 11 26.73 -30.47 -16.50
C UNK B 11 27.68 -30.33 -17.68
N UNK B 12 28.98 -30.46 -17.43
CA UNK B 12 29.98 -30.38 -18.49
C UNK B 12 29.89 -31.59 -19.42
N ARG C 18 -33.06 -28.25 -22.92
CA ARG C 18 -34.51 -28.02 -22.90
C ARG C 18 -35.10 -28.60 -21.60
N VAL C 19 -34.22 -29.00 -20.69
CA VAL C 19 -34.62 -29.62 -19.43
C VAL C 19 -34.19 -28.70 -18.29
N ARG C 20 -35.13 -28.39 -17.41
CA ARG C 20 -34.83 -27.55 -16.26
C ARG C 20 -33.90 -28.29 -15.29
N ARG C 21 -32.94 -27.56 -14.74
CA ARG C 21 -31.97 -28.17 -13.83
C ARG C 21 -32.65 -28.70 -12.57
N SER C 22 -33.54 -27.90 -11.97
CA SER C 22 -34.27 -28.36 -10.80
C SER C 22 -35.14 -29.56 -11.13
N GLU C 23 -35.80 -29.53 -12.29
CA GLU C 23 -36.55 -30.70 -12.73
C GLU C 23 -35.65 -31.90 -12.97
N ALA C 24 -34.42 -31.65 -13.41
CA ALA C 24 -33.45 -32.74 -13.55
C ALA C 24 -33.12 -33.36 -12.21
N ILE C 25 -32.94 -32.53 -11.18
CA ILE C 25 -32.65 -33.07 -9.84
C ILE C 25 -33.84 -33.86 -9.31
N THR C 26 -35.04 -33.28 -9.38
CA THR C 26 -36.18 -33.91 -8.71
C THR C 26 -36.56 -35.23 -9.35
N HIS C 27 -36.45 -35.34 -10.67
CA HIS C 27 -36.83 -36.55 -11.40
C HIS C 27 -35.96 -36.68 -12.64
N GLY C 28 -35.62 -37.91 -12.99
CA GLY C 28 -34.87 -38.15 -14.21
C GLY C 28 -33.99 -39.39 -14.06
N THR C 29 -33.33 -39.72 -15.16
CA THR C 29 -32.41 -40.84 -15.19
C THR C 29 -31.15 -40.50 -14.40
N PRO C 30 -30.39 -41.52 -13.95
CA PRO C 30 -29.12 -41.23 -13.28
C PRO C 30 -28.16 -40.42 -14.14
N PHE C 31 -28.18 -40.62 -15.45
CA PHE C 31 -27.36 -39.81 -16.34
C PHE C 31 -27.78 -38.34 -16.29
N GLN C 32 -29.09 -38.08 -16.28
CA GLN C 32 -29.58 -36.71 -16.15
C GLN C 32 -29.14 -36.11 -14.82
N LYS C 33 -29.24 -36.89 -13.74
CA LYS C 33 -28.81 -36.39 -12.42
C LYS C 33 -27.32 -36.07 -12.42
N ALA C 34 -26.50 -36.94 -13.01
CA ALA C 34 -25.06 -36.69 -13.04
C ALA C 34 -24.74 -35.45 -13.87
N ALA C 35 -25.41 -35.29 -15.02
CA ALA C 35 -25.17 -34.11 -15.85
C ALA C 35 -25.56 -32.83 -15.11
N ALA C 36 -26.71 -32.85 -14.44
CA ALA C 36 -27.12 -31.66 -13.70
C ALA C 36 -26.18 -31.38 -12.53
N LEU C 37 -25.70 -32.43 -11.85
CA LEU C 37 -24.77 -32.22 -10.74
C LEU C 37 -23.44 -31.64 -11.22
N VAL C 38 -22.92 -32.13 -12.33
CA VAL C 38 -21.65 -31.58 -12.82
C VAL C 38 -21.85 -30.15 -13.33
N ASP C 39 -23.02 -29.87 -13.91
CA ASP C 39 -23.31 -28.49 -14.30
C ASP C 39 -23.38 -27.58 -13.08
N LEU C 40 -23.97 -28.06 -11.98
CA LEU C 40 -23.98 -27.31 -10.73
C LEU C 40 -22.57 -27.08 -10.22
N ALA C 41 -21.73 -28.12 -10.30
CA ALA C 41 -20.34 -27.99 -9.86
C ALA C 41 -19.60 -26.91 -10.64
N GLU C 42 -19.80 -26.89 -11.96
CA GLU C 42 -19.12 -25.89 -12.78
C GLU C 42 -19.71 -24.51 -12.55
N ASP C 43 -21.00 -24.44 -12.22
CA ASP C 43 -21.61 -23.16 -11.87
C ASP C 43 -21.02 -22.61 -10.57
N GLY C 44 -20.63 -23.50 -9.66
CA GLY C 44 -20.05 -23.11 -8.39
C GLY C 44 -20.97 -23.25 -7.20
N ILE C 45 -22.27 -23.42 -7.42
CA ILE C 45 -23.20 -23.63 -6.31
C ILE C 45 -22.95 -24.98 -5.65
N GLY C 46 -22.97 -24.99 -4.33
CA GLY C 46 -22.77 -26.22 -3.59
C GLY C 46 -23.99 -26.66 -2.81
N LEU C 47 -24.48 -27.87 -3.11
CA LEU C 47 -25.62 -28.42 -2.38
C LEU C 47 -25.20 -28.81 -0.97
N PRO C 48 -26.15 -28.80 -0.03
CA PRO C 48 -25.82 -29.22 1.34
C PRO C 48 -25.31 -30.64 1.39
N VAL C 49 -24.34 -30.88 2.28
CA VAL C 49 -23.63 -32.16 2.31
C VAL C 49 -24.58 -33.30 2.65
N GLU C 50 -25.47 -33.09 3.62
CA GLU C 50 -26.33 -34.18 4.09
C GLU C 50 -27.27 -34.65 2.99
N ILE C 51 -27.67 -33.76 2.09
CA ILE C 51 -28.56 -34.14 1.00
C ILE C 51 -27.87 -35.14 0.06
N LEU C 52 -26.57 -34.97 -0.13
CA LEU C 52 -25.83 -35.88 -1.01
C LEU C 52 -25.81 -37.30 -0.45
N ASP C 53 -25.69 -37.43 0.87
CA ASP C 53 -25.61 -38.76 1.47
C ASP C 53 -26.91 -39.55 1.29
N GLN C 54 -28.04 -38.84 1.19
CA GLN C 54 -29.32 -39.52 1.05
C GLN C 54 -29.42 -40.24 -0.31
N SER C 55 -30.17 -41.33 -0.32
CA SER C 55 -30.36 -42.14 -1.52
C SER C 55 -31.39 -41.46 -2.42
N SER C 56 -30.89 -40.78 -3.46
CA SER C 56 -31.68 -40.11 -4.49
C SER C 56 -32.35 -38.85 -3.96
N PHE C 57 -32.30 -38.65 -2.64
CA PHE C 57 -32.67 -37.39 -1.97
C PHE C 57 -33.87 -36.69 -2.62
N GLY C 58 -34.94 -37.45 -2.87
CA GLY C 58 -36.06 -36.90 -3.63
C GLY C 58 -36.77 -35.76 -2.91
N GLU C 59 -37.40 -36.06 -1.78
CA GLU C 59 -38.17 -35.05 -1.05
C GLU C 59 -37.28 -33.92 -0.58
N SER C 60 -36.07 -34.27 -0.10
CA SER C 60 -35.15 -33.25 0.38
C SER C 60 -34.75 -32.30 -0.74
N ALA C 61 -34.46 -32.82 -1.93
CA ALA C 61 -34.13 -31.94 -3.06
C ALA C 61 -35.33 -31.09 -3.46
N ARG C 62 -36.52 -31.68 -3.51
CA ARG C 62 -37.71 -30.90 -3.86
C ARG C 62 -37.88 -29.72 -2.91
N TYR C 63 -37.77 -29.98 -1.61
CA TYR C 63 -37.91 -28.91 -0.63
C TYR C 63 -36.75 -27.92 -0.74
N TYR C 64 -35.54 -28.40 -1.05
CA TYR C 64 -34.40 -27.50 -1.15
C TYR C 64 -34.57 -26.51 -2.30
N PHE C 65 -35.03 -26.98 -3.45
CA PHE C 65 -35.23 -26.06 -4.57
C PHE C 65 -36.47 -25.18 -4.37
N ILE C 66 -37.50 -25.69 -3.69
CA ILE C 66 -38.65 -24.82 -3.42
C ILE C 66 -38.25 -23.73 -2.43
N PHE C 67 -37.28 -24.02 -1.57
CA PHE C 67 -36.71 -22.99 -0.70
C PHE C 67 -35.85 -22.01 -1.48
N THR C 68 -34.98 -22.53 -2.35
CA THR C 68 -34.06 -21.68 -3.10
C THR C 68 -34.80 -20.75 -4.04
N ARG C 69 -35.99 -21.16 -4.50
CA ARG C 69 -36.77 -20.33 -5.42
C ARG C 69 -37.15 -19.00 -4.76
N LEU C 70 -37.16 -18.95 -3.43
CA LEU C 70 -37.59 -17.76 -2.70
C LEU C 70 -36.43 -16.99 -2.07
N ASP C 71 -35.25 -17.01 -2.70
CA ASP C 71 -34.09 -16.34 -2.12
C ASP C 71 -34.29 -14.82 -2.04
N LEU C 72 -34.92 -14.23 -3.06
CA LEU C 72 -35.09 -12.79 -3.09
C LEU C 72 -35.89 -12.29 -1.90
N ILE C 73 -36.94 -13.03 -1.52
CA ILE C 73 -37.75 -12.65 -0.37
C ILE C 73 -36.91 -12.64 0.90
N TRP C 74 -36.07 -13.67 1.08
CA TRP C 74 -35.22 -13.73 2.27
C TRP C 74 -34.24 -12.56 2.30
N SER C 75 -33.61 -12.25 1.17
CA SER C 75 -32.66 -11.15 1.12
C SER C 75 -33.35 -9.82 1.41
N LEU C 76 -34.55 -9.62 0.84
CA LEU C 76 -35.30 -8.40 1.12
C LEU C 76 -35.68 -8.29 2.58
N ASN C 77 -36.08 -9.41 3.20
CA ASN C 77 -36.39 -9.41 4.62
C ASN C 77 -35.17 -9.03 5.44
N TYR C 78 -34.00 -9.57 5.09
CA TYR C 78 -32.79 -9.25 5.83
C TYR C 78 -32.43 -7.77 5.71
N PHE C 79 -32.53 -7.22 4.50
CA PHE C 79 -32.23 -5.81 4.32
C PHE C 79 -33.25 -4.94 5.07
N ALA C 80 -34.51 -5.34 5.06
CA ALA C 80 -35.52 -4.62 5.84
C ALA C 80 -35.22 -4.68 7.34
N LEU C 81 -34.74 -5.83 7.81
CA LEU C 81 -34.37 -5.96 9.21
C LEU C 81 -33.24 -5.02 9.57
N LEU C 82 -32.22 -4.90 8.71
CA LEU C 82 -31.14 -3.96 8.98
C LEU C 82 -31.64 -2.52 8.93
N PHE C 83 -32.51 -2.20 7.97
CA PHE C 83 -33.02 -0.84 7.89
C PHE C 83 -33.94 -0.51 9.07
N LEU C 84 -34.49 -1.55 9.71
CA LEU C 84 -35.23 -1.32 10.96
C LEU C 84 -34.31 -0.73 12.03
N ASN C 85 -33.12 -1.30 12.18
CA ASN C 85 -32.10 -0.67 13.03
C ASN C 85 -31.76 0.73 12.53
N PHE C 86 -31.67 0.89 11.20
CA PHE C 86 -31.24 2.17 10.66
C PHE C 86 -32.28 3.25 10.89
N PHE C 87 -33.54 2.86 11.13
CA PHE C 87 -34.64 3.81 11.29
C PHE C 87 -35.12 3.96 12.72
N GLU C 88 -34.53 3.25 13.68
CA GLU C 88 -35.08 3.22 15.04
C GLU C 88 -34.92 4.57 15.74
N GLN C 89 -35.86 4.87 16.62
CA GLN C 89 -35.80 6.08 17.42
C GLN C 89 -34.66 5.99 18.43
N PRO C 90 -33.92 7.08 18.66
CA PRO C 90 -32.83 7.03 19.65
C PRO C 90 -33.37 6.75 21.04
N LEU C 91 -32.54 6.06 21.84
CA LEU C 91 -32.97 5.63 23.17
C LEU C 91 -33.06 6.82 24.13
N TRP C 92 -32.15 7.78 24.02
CA TRP C 92 -32.13 8.88 24.98
C TRP C 92 -33.36 9.76 24.86
N CYS C 93 -33.95 9.85 23.66
CA CYS C 93 -35.19 10.61 23.51
C CYS C 93 -36.35 9.94 24.23
N GLU C 94 -36.28 8.61 24.39
CA GLU C 94 -37.32 7.92 25.15
C GLU C 94 -37.34 8.38 26.60
N LYS C 95 -36.17 8.55 27.21
CA LYS C 95 -36.10 9.22 28.50
C LYS C 95 -36.53 10.67 28.32
N ASN C 96 -37.22 11.20 29.33
CA ASN C 96 -37.83 12.51 29.18
C ASN C 96 -36.77 13.60 29.18
N PRO C 97 -36.65 14.38 28.11
CA PRO C 97 -35.74 15.53 28.12
C PRO C 97 -36.47 16.82 28.50
N LYS C 98 -35.74 17.79 29.04
CA LYS C 98 -36.37 19.07 29.37
C LYS C 98 -36.88 19.79 28.13
N PRO C 99 -36.11 19.91 27.03
CA PRO C 99 -36.74 20.25 25.75
C PRO C 99 -37.08 19.00 24.96
N SER C 100 -38.22 19.01 24.27
CA SER C 100 -38.72 17.79 23.64
C SER C 100 -37.80 17.35 22.51
N CYS C 101 -37.75 16.04 22.28
CA CYS C 101 -36.97 15.50 21.16
C CYS C 101 -37.57 15.88 19.82
N LYS C 102 -38.79 16.40 19.80
CA LYS C 102 -39.42 16.83 18.56
C LYS C 102 -38.65 17.98 17.91
N ASP C 103 -37.96 18.79 18.72
CA ASP C 103 -37.24 19.95 18.22
C ASP C 103 -35.98 19.47 17.52
N ARG C 104 -36.02 19.38 16.19
CA ARG C 104 -34.89 18.85 15.44
C ARG C 104 -33.68 19.77 15.51
N ASP C 105 -33.90 21.09 15.45
CA ASP C 105 -32.78 22.02 15.36
C ASP C 105 -32.00 22.09 16.67
N TYR C 106 -32.67 21.83 17.79
CA TYR C 106 -32.01 21.97 19.09
C TYR C 106 -30.86 20.97 19.24
N TYR C 107 -31.04 19.75 18.77
CA TYR C 107 -30.04 18.70 18.92
C TYR C 107 -29.27 18.43 17.63
N TYR C 108 -29.41 19.27 16.61
CA TYR C 108 -28.66 19.14 15.36
C TYR C 108 -28.88 17.78 14.71
N LEU C 109 -30.13 17.33 14.67
CA LEU C 109 -30.49 16.05 14.07
C LEU C 109 -31.71 16.25 13.19
N GLY C 110 -31.88 15.39 12.18
CA GLY C 110 -33.07 15.50 11.36
C GLY C 110 -32.96 14.71 10.07
N GLU C 111 -33.94 14.97 9.19
CA GLU C 111 -34.03 14.46 7.82
C GLU C 111 -34.32 12.97 7.74
N LEU C 112 -34.82 12.36 8.81
CA LEU C 112 -35.35 11.00 8.77
C LEU C 112 -36.44 10.88 9.83
N PRO C 113 -37.55 10.22 9.49
CA PRO C 113 -38.66 10.14 10.44
C PRO C 113 -38.53 8.97 11.40
N TYR C 114 -38.76 9.24 12.69
CA TYR C 114 -38.69 8.19 13.69
C TYR C 114 -40.02 7.44 13.77
N LEU C 115 -39.94 6.12 13.73
CA LEU C 115 -41.14 5.29 13.70
C LEU C 115 -41.92 5.39 14.99
N THR C 116 -43.24 5.56 14.86
CA THR C 116 -44.12 5.52 16.02
C THR C 116 -44.18 4.10 16.56
N ASN C 117 -44.65 3.99 17.81
CA ASN C 117 -44.62 2.70 18.50
C ASN C 117 -45.44 1.66 17.77
N ALA C 118 -46.64 2.02 17.30
CA ALA C 118 -47.48 1.07 16.60
C ALA C 118 -46.85 0.62 15.28
N GLU C 119 -46.39 1.58 14.47
CA GLU C 119 -45.74 1.22 13.22
C GLU C 119 -44.47 0.43 13.48
N SER C 120 -43.71 0.81 14.52
CA SER C 120 -42.48 0.09 14.84
C SER C 120 -42.76 -1.37 15.18
N ILE C 121 -43.76 -1.61 16.05
CA ILE C 121 -44.03 -2.99 16.45
C ILE C 121 -44.61 -3.78 15.28
N ILE C 122 -45.43 -3.14 14.43
CA ILE C 122 -45.97 -3.85 13.28
C ILE C 122 -44.85 -4.27 12.33
N TYR C 123 -43.95 -3.33 12.02
CA TYR C 123 -42.85 -3.62 11.11
C TYR C 123 -41.93 -4.69 11.69
N GLU C 124 -41.64 -4.59 12.98
CA GLU C 124 -40.78 -5.59 13.63
C GLU C 124 -41.45 -6.96 13.64
N VAL C 125 -42.76 -7.02 13.87
CA VAL C 125 -43.47 -8.29 13.88
C VAL C 125 -43.42 -8.94 12.50
N ILE C 126 -43.67 -8.15 11.45
CA ILE C 126 -43.62 -8.71 10.10
C ILE C 126 -42.21 -9.23 9.79
N THR C 127 -41.19 -8.42 10.07
CA THR C 127 -39.82 -8.84 9.79
C THR C 127 -39.45 -10.09 10.58
N LEU C 128 -39.82 -10.13 11.87
CA LEU C 128 -39.48 -11.27 12.71
C LEU C 128 -40.21 -12.52 12.25
N ALA C 129 -41.46 -12.39 11.81
CA ALA C 129 -42.20 -13.55 11.33
C ALA C 129 -41.55 -14.12 10.07
N ILE C 130 -41.18 -13.25 9.12
CA ILE C 130 -40.53 -13.73 7.90
C ILE C 130 -39.19 -14.38 8.24
N LEU C 131 -38.43 -13.76 9.14
CA LEU C 131 -37.16 -14.34 9.56
C LEU C 131 -37.35 -15.70 10.22
N LEU C 132 -38.37 -15.82 11.06
CA LEU C 132 -38.62 -17.07 11.78
C LEU C 132 -38.99 -18.18 10.81
N VAL C 133 -39.90 -17.92 9.86
CA VAL C 133 -40.28 -18.96 8.93
C VAL C 133 -39.10 -19.35 8.04
N HIS C 134 -38.28 -18.35 7.65
CA HIS C 134 -37.10 -18.67 6.85
C HIS C 134 -36.13 -19.56 7.63
N THR C 135 -35.85 -19.22 8.89
CA THR C 135 -34.82 -19.94 9.63
C THR C 135 -35.31 -21.31 10.08
N PHE C 136 -36.63 -21.51 10.16
CA PHE C 136 -37.15 -22.81 10.55
C PHE C 136 -37.67 -23.63 9.37
N PHE C 137 -37.62 -23.12 8.15
CA PHE C 137 -37.89 -23.95 6.99
C PHE C 137 -36.94 -25.14 6.84
N PRO C 138 -35.61 -25.01 7.01
CA PRO C 138 -34.72 -26.15 6.68
C PRO C 138 -34.98 -27.41 7.47
N ILE C 139 -35.67 -27.32 8.62
CA ILE C 139 -35.90 -28.51 9.43
C ILE C 139 -36.77 -29.52 8.68
N SER C 140 -37.57 -29.03 7.73
CA SER C 140 -38.47 -29.92 6.99
C SER C 140 -37.69 -30.92 6.14
N TYR C 141 -36.66 -30.45 5.43
CA TYR C 141 -35.97 -31.34 4.49
C TYR C 141 -34.68 -31.89 5.09
N GLU C 142 -33.99 -31.10 5.90
CA GLU C 142 -32.64 -31.47 6.32
C GLU C 142 -32.67 -32.64 7.30
N GLY C 143 -33.65 -32.67 8.19
CA GLY C 143 -33.68 -33.67 9.23
C GLY C 143 -33.30 -33.06 10.57
N SER C 144 -33.94 -33.58 11.63
CA SER C 144 -33.81 -32.95 12.94
C SER C 144 -32.40 -33.05 13.49
N ARG C 145 -31.81 -34.25 13.47
CA ARG C 145 -30.58 -34.49 14.21
C ARG C 145 -29.41 -33.69 13.63
N ILE C 146 -29.23 -33.74 12.31
CA ILE C 146 -28.12 -33.03 11.70
C ILE C 146 -28.34 -31.52 11.78
N PHE C 147 -29.61 -31.09 11.67
CA PHE C 147 -29.91 -29.68 11.84
C PHE C 147 -29.50 -29.19 13.22
N TRP C 148 -29.79 -29.97 14.26
CA TRP C 148 -29.37 -29.60 15.61
C TRP C 148 -27.87 -29.77 15.78
N THR C 149 -27.22 -30.55 14.91
CA THR C 149 -25.78 -30.73 15.00
C THR C 149 -25.02 -29.47 14.60
N SER C 150 -25.46 -28.81 13.53
CA SER C 150 -24.70 -27.69 12.98
C SER C 150 -24.70 -26.49 13.93
N ARG C 151 -23.52 -25.87 14.10
CA ARG C 151 -23.39 -24.74 14.99
C ARG C 151 -24.08 -23.49 14.43
N LEU C 152 -24.08 -23.34 13.10
CA LEU C 152 -24.72 -22.18 12.49
C LEU C 152 -26.21 -22.15 12.78
N ASN C 153 -26.85 -23.32 12.72
CA ASN C 153 -28.27 -23.39 13.05
C ASN C 153 -28.52 -22.96 14.49
N LEU C 154 -27.68 -23.41 15.42
CA LEU C 154 -27.86 -23.04 16.82
C LEU C 154 -27.67 -21.55 17.05
N VAL C 155 -26.64 -20.94 16.44
CA VAL C 155 -26.42 -19.51 16.66
C VAL C 155 -27.54 -18.70 16.03
N LYS C 156 -28.05 -19.13 14.86
CA LYS C 156 -29.16 -18.42 14.24
C LYS C 156 -30.43 -18.55 15.09
N VAL C 157 -30.67 -19.73 15.67
CA VAL C 157 -31.82 -19.92 16.55
C VAL C 157 -31.67 -19.04 17.79
N ALA C 158 -30.45 -18.93 18.33
CA ALA C 158 -30.23 -18.06 19.47
C ALA C 158 -30.54 -16.61 19.11
N CYS C 159 -30.08 -16.15 17.94
CA CYS C 159 -30.36 -14.78 17.53
C CYS C 159 -31.86 -14.54 17.37
N VAL C 160 -32.56 -15.48 16.74
CA VAL C 160 -33.98 -15.27 16.49
C VAL C 160 -34.78 -15.31 17.79
N VAL C 161 -34.37 -16.16 18.74
CA VAL C 161 -35.11 -16.22 19.99
C VAL C 161 -34.83 -14.98 20.83
N ILE C 162 -33.61 -14.43 20.75
CA ILE C 162 -33.35 -13.16 21.40
C ILE C 162 -34.21 -12.05 20.80
N LEU C 163 -34.33 -12.03 19.47
CA LEU C 163 -35.21 -11.05 18.84
C LEU C 163 -36.65 -11.23 19.29
N PHE C 164 -37.10 -12.48 19.39
CA PHE C 164 -38.48 -12.75 19.78
C PHE C 164 -38.75 -12.29 21.22
N VAL C 165 -37.85 -12.62 22.14
CA VAL C 165 -38.06 -12.22 23.53
C VAL C 165 -37.96 -10.71 23.66
N ASP C 166 -37.09 -10.07 22.87
CA ASP C 166 -36.97 -8.62 22.92
C ASP C 166 -38.25 -7.94 22.45
N VAL C 167 -38.80 -8.39 21.32
CA VAL C 167 -40.03 -7.78 20.83
C VAL C 167 -41.19 -8.09 21.76
N LEU C 168 -41.17 -9.26 22.40
CA LEU C 168 -42.23 -9.63 23.33
C LEU C 168 -42.21 -8.71 24.56
N VAL C 169 -41.03 -8.51 25.15
CA VAL C 169 -40.92 -7.65 26.32
C VAL C 169 -41.21 -6.20 25.94
N ASP C 170 -40.86 -5.81 24.71
CA ASP C 170 -41.20 -4.47 24.25
C ASP C 170 -42.71 -4.29 24.16
N PHE C 171 -43.41 -5.28 23.59
CA PHE C 171 -44.86 -5.17 23.46
C PHE C 171 -45.52 -5.15 24.83
N LEU C 172 -45.06 -5.99 25.76
CA LEU C 172 -45.63 -5.98 27.10
C LEU C 172 -45.30 -4.70 27.86
N TYR C 173 -44.16 -4.08 27.54
CA TYR C 173 -43.79 -2.84 28.22
C TYR C 173 -44.77 -1.72 27.92
N LEU C 174 -45.21 -1.60 26.67
CA LEU C 174 -46.14 -0.55 26.28
C LEU C 174 -47.55 -0.88 26.74
N PHE C 181 -37.42 -3.25 33.41
CA PHE C 181 -36.56 -2.17 32.93
C PHE C 181 -35.26 -2.73 32.35
N LEU C 182 -34.81 -2.14 31.25
CA LEU C 182 -33.57 -2.53 30.59
C LEU C 182 -32.63 -1.34 30.51
N PRO C 183 -31.38 -1.48 30.95
CA PRO C 183 -30.43 -0.35 30.83
C PRO C 183 -30.19 0.07 29.40
N PHE C 184 -30.23 -0.87 28.45
CA PHE C 184 -30.04 -0.56 27.05
C PHE C 184 -30.74 -1.62 26.21
N ARG C 185 -30.94 -1.29 24.93
CA ARG C 185 -31.63 -2.17 24.00
C ARG C 185 -30.62 -3.04 23.28
N ILE C 186 -30.82 -4.36 23.31
CA ILE C 186 -29.88 -5.31 22.74
C ILE C 186 -30.25 -5.72 21.31
N ALA C 187 -31.42 -5.29 20.82
CA ALA C 187 -31.87 -5.71 19.50
C ALA C 187 -30.92 -5.33 18.36
N PRO C 188 -30.39 -4.10 18.28
CA PRO C 188 -29.59 -3.76 17.08
C PRO C 188 -28.38 -4.65 16.86
N TYR C 189 -27.62 -4.95 17.92
CA TYR C 189 -26.45 -5.81 17.76
C TYR C 189 -26.85 -7.20 17.29
N VAL C 190 -27.92 -7.75 17.87
CA VAL C 190 -28.35 -9.10 17.51
C VAL C 190 -28.79 -9.13 16.05
N ARG C 191 -29.54 -8.12 15.60
CA ARG C 191 -30.03 -8.14 14.23
C ARG C 191 -28.89 -7.89 13.23
N VAL C 192 -27.91 -7.07 13.60
CA VAL C 192 -26.73 -6.92 12.74
C VAL C 192 -25.98 -8.24 12.66
N ILE C 193 -25.85 -8.94 13.78
CA ILE C 193 -25.15 -10.22 13.78
C ILE C 193 -25.86 -11.24 12.90
N ILE C 194 -27.19 -11.30 12.98
CA ILE C 194 -27.91 -12.29 12.17
C ILE C 194 -27.85 -11.90 10.69
N PHE C 195 -27.85 -10.60 10.39
CA PHE C 195 -27.64 -10.16 9.01
C PHE C 195 -26.27 -10.60 8.51
N ILE C 196 -25.25 -10.53 9.36
CA ILE C 196 -23.94 -11.05 9.01
C ILE C 196 -24.01 -12.54 8.72
N LEU C 197 -24.64 -13.31 9.62
CA LEU C 197 -24.68 -14.76 9.45
C LEU C 197 -25.53 -15.15 8.25
N SER C 198 -26.33 -14.22 7.73
CA SER C 198 -27.17 -14.51 6.58
C SER C 198 -26.34 -14.82 5.33
N ILE C 199 -25.29 -14.05 5.08
CA ILE C 199 -24.64 -14.06 3.77
C ILE C 199 -23.37 -14.92 3.82
N ARG C 200 -23.16 -15.71 2.77
CA ARG C 200 -21.98 -16.57 2.68
C ARG C 200 -20.69 -15.76 2.68
N GLU C 201 -20.64 -14.71 1.86
CA GLU C 201 -19.40 -13.95 1.68
C GLU C 201 -18.97 -13.28 2.98
N LEU C 202 -19.94 -12.76 3.74
CA LEU C 202 -19.61 -12.13 5.02
C LEU C 202 -19.06 -13.17 6.00
N ARG C 203 -19.62 -14.38 5.98
CA ARG C 203 -19.08 -15.44 6.82
C ARG C 203 -17.65 -15.77 6.43
N ASP C 204 -17.36 -15.86 5.13
CA ASP C 204 -15.99 -16.13 4.69
C ASP C 204 -15.04 -15.00 5.12
N THR C 205 -15.50 -13.76 5.02
CA THR C 205 -14.67 -12.63 5.43
C THR C 205 -14.37 -12.69 6.93
N LEU C 206 -15.37 -13.06 7.74
CA LEU C 206 -15.12 -13.21 9.18
C LEU C 206 -14.15 -14.35 9.44
N VAL C 207 -14.24 -15.43 8.68
CA VAL C 207 -13.30 -16.53 8.84
C VAL C 207 -11.88 -16.05 8.58
N LEU C 208 -11.69 -15.29 7.50
CA LEU C 208 -10.37 -14.74 7.20
C LEU C 208 -9.88 -13.82 8.32
N LEU C 209 -10.76 -12.96 8.83
CA LEU C 209 -10.37 -12.05 9.90
C LEU C 209 -9.97 -12.81 11.16
N SER C 210 -10.73 -13.84 11.53
CA SER C 210 -10.40 -14.64 12.70
C SER C 210 -9.08 -15.38 12.50
N GLY C 211 -8.79 -15.80 11.28
CA GLY C 211 -7.50 -16.40 11.00
C GLY C 211 -6.36 -15.41 11.16
N MET C 212 -6.56 -14.17 10.72
CA MET C 212 -5.47 -13.21 10.68
C MET C 212 -5.24 -12.50 12.02
N LEU C 213 -6.23 -12.53 12.92
CA LEU C 213 -6.10 -11.82 14.20
C LEU C 213 -4.87 -12.29 14.98
N GLY C 214 -4.57 -13.58 14.94
CA GLY C 214 -3.48 -14.11 15.74
C GLY C 214 -2.15 -13.48 15.40
N THR C 215 -1.84 -13.37 14.11
CA THR C 215 -0.60 -12.72 13.69
C THR C 215 -0.74 -11.21 13.68
N TYR C 216 -1.97 -10.70 13.76
CA TYR C 216 -2.16 -9.26 13.80
C TYR C 216 -1.79 -8.69 15.17
N LEU C 217 -2.15 -9.41 16.23
CA LEU C 217 -1.93 -8.91 17.58
C LEU C 217 -0.45 -8.72 17.91
N ASN C 218 0.43 -9.57 17.35
CA ASN C 218 1.86 -9.40 17.59
C ASN C 218 2.36 -8.09 17.03
N ILE C 219 1.90 -7.72 15.82
CA ILE C 219 2.31 -6.46 15.23
C ILE C 219 1.73 -5.29 16.02
N LEU C 220 0.51 -5.45 16.54
CA LEU C 220 -0.03 -4.43 17.45
C LEU C 220 0.87 -4.27 18.68
N ALA C 221 1.35 -5.37 19.24
CA ALA C 221 2.22 -5.30 20.41
C ALA C 221 3.52 -4.56 20.08
N LEU C 222 4.14 -4.88 18.94
CA LEU C 222 5.35 -4.19 18.55
C LEU C 222 5.11 -2.70 18.33
N TRP C 223 4.01 -2.36 17.66
CA TRP C 223 3.68 -0.95 17.43
C TRP C 223 3.45 -0.21 18.74
N MET C 224 2.77 -0.84 19.69
CA MET C 224 2.56 -0.23 21.00
C MET C 224 3.88 -0.01 21.73
N LEU C 225 4.79 -0.98 21.65
CA LEU C 225 6.10 -0.81 22.28
C LEU C 225 6.86 0.36 21.66
N PHE C 226 6.83 0.46 20.32
CA PHE C 226 7.51 1.56 19.65
C PHE C 226 6.90 2.91 20.04
N LEU C 227 5.57 2.98 20.11
CA LEU C 227 4.92 4.23 20.51
C LEU C 227 5.30 4.60 21.93
N LEU C 228 5.31 3.62 22.85
CA LEU C 228 5.66 3.91 24.23
C LEU C 228 7.09 4.43 24.35
N PHE C 229 8.03 3.79 23.64
CA PHE C 229 9.42 4.22 23.72
C PHE C 229 9.60 5.62 23.14
N ALA C 230 9.00 5.88 21.98
CA ALA C 230 9.11 7.20 21.37
C ALA C 230 8.48 8.28 22.26
N SER C 231 7.33 7.98 22.85
CA SER C 231 6.67 8.95 23.72
C SER C 231 7.52 9.23 24.96
N TRP C 232 8.12 8.20 25.55
CA TRP C 232 8.99 8.43 26.69
C TRP C 232 10.18 9.30 26.32
N ILE C 233 10.79 9.03 25.16
CA ILE C 233 11.92 9.84 24.72
C ILE C 233 11.49 11.30 24.55
N ALA C 234 10.36 11.53 23.88
CA ALA C 234 9.91 12.90 23.66
C ALA C 234 9.60 13.61 24.97
N PHE C 235 8.91 12.92 25.88
CA PHE C 235 8.54 13.54 27.15
C PHE C 235 9.76 13.89 27.98
N VAL C 236 10.75 13.00 28.03
CA VAL C 236 11.95 13.29 28.81
C VAL C 236 12.78 14.36 28.13
N MET C 237 12.69 14.46 26.79
CA MET C 237 13.49 15.45 26.08
C MET C 237 12.92 16.85 26.27
N PHE C 238 11.60 17.00 26.21
CA PHE C 238 10.98 18.32 26.17
C PHE C 238 10.40 18.74 27.53
N GLU C 239 10.73 18.03 28.61
CA GLU C 239 10.12 18.34 29.90
C GLU C 239 10.49 19.74 30.37
N ASP C 240 11.78 20.10 30.28
CA ASP C 240 12.21 21.41 30.77
C ASP C 240 11.83 22.52 29.81
N THR C 241 11.66 22.20 28.53
CA THR C 241 11.40 23.23 27.53
C THR C 241 9.99 23.79 27.67
N GLN C 242 9.73 24.91 27.00
CA GLN C 242 8.43 25.56 27.08
C GLN C 242 7.37 24.72 26.36
N GLN C 243 7.76 24.04 25.27
CA GLN C 243 6.80 23.25 24.53
C GLN C 243 6.28 22.09 25.37
N GLY C 244 7.14 21.48 26.18
CA GLY C 244 6.67 20.48 27.12
C GLY C 244 5.74 21.04 28.17
N LEU C 245 5.97 22.29 28.58
CA LEU C 245 5.06 22.94 29.52
C LEU C 245 3.71 23.19 28.87
N THR C 246 3.69 23.46 27.56
CA THR C 246 2.45 23.79 26.89
C THR C 246 1.65 22.55 26.52
N VAL C 247 2.29 21.57 25.90
CA VAL C 247 1.59 20.41 25.33
C VAL C 247 1.90 19.13 26.08
N PHE C 248 3.17 18.71 26.11
CA PHE C 248 3.55 17.47 26.79
C PHE C 248 3.65 17.70 28.29
N THR C 249 2.50 18.07 28.88
CA THR C 249 2.47 18.36 30.31
C THR C 249 2.80 17.14 31.15
N SER C 250 2.26 15.97 30.78
CA SER C 250 2.52 14.74 31.51
C SER C 250 2.80 13.63 30.51
N TYR C 251 3.19 12.46 31.04
CA TYR C 251 3.51 11.34 30.18
C TYR C 251 2.28 10.83 29.44
N GLY C 252 1.13 10.80 30.12
CA GLY C 252 -0.08 10.34 29.45
C GLY C 252 -0.49 11.21 28.29
N ALA C 253 -0.48 12.54 28.49
CA ALA C 253 -0.77 13.45 27.40
C ALA C 253 0.27 13.34 26.29
N THR C 254 1.52 13.09 26.67
CA THR C 254 2.57 12.91 25.67
C THR C 254 2.30 11.69 24.81
N LEU C 255 1.91 10.57 25.42
CA LEU C 255 1.58 9.37 24.66
C LEU C 255 0.36 9.59 23.79
N TYR C 256 -0.64 10.30 24.31
CA TYR C 256 -1.84 10.59 23.53
C TYR C 256 -1.50 11.42 22.29
N GLN C 257 -0.71 12.48 22.47
CA GLN C 257 -0.33 13.33 21.34
C GLN C 257 0.55 12.59 20.35
N MET C 258 1.47 11.75 20.86
CA MET C 258 2.32 10.98 19.95
C MET C 258 1.49 9.98 19.14
N PHE C 259 0.51 9.35 19.77
CA PHE C 259 -0.36 8.43 19.04
C PHE C 259 -1.15 9.17 17.97
N ILE C 260 -1.65 10.37 18.29
CA ILE C 260 -2.35 11.15 17.27
C ILE C 260 -1.42 11.51 16.13
N LEU C 261 -0.20 11.97 16.46
CA LEU C 261 0.77 12.35 15.44
C LEU C 261 1.20 11.19 14.57
N PHE C 262 1.15 9.96 15.10
CA PHE C 262 1.51 8.80 14.31
C PHE C 262 0.63 8.68 13.07
N THR C 263 -0.59 9.20 13.14
CA THR C 263 -1.50 9.19 11.99
C THR C 263 -1.35 10.42 11.11
N THR C 264 -0.44 11.34 11.45
CA THR C 264 -0.21 12.57 10.69
C THR C 264 -1.47 13.43 10.59
N SER C 265 -2.37 13.29 11.55
CA SER C 265 -3.59 14.11 11.52
C SER C 265 -3.28 15.57 11.82
N ASN C 266 -2.39 15.82 12.78
CA ASN C 266 -1.95 17.17 13.12
C ASN C 266 -0.42 17.18 13.18
N ASN C 267 0.23 17.34 12.04
CA ASN C 267 1.69 17.35 12.03
C ASN C 267 2.27 18.65 12.57
N PRO C 268 1.95 19.84 12.03
CA PRO C 268 2.65 21.03 12.52
C PRO C 268 2.07 21.57 13.82
N ASP C 269 0.85 21.16 14.18
CA ASP C 269 0.20 21.76 15.35
C ASP C 269 0.83 21.28 16.65
N VAL C 270 1.23 20.01 16.72
CA VAL C 270 1.69 19.46 17.99
C VAL C 270 3.03 20.04 18.39
N TRP C 271 3.93 20.27 17.44
CA TRP C 271 5.28 20.73 17.77
C TRP C 271 5.57 22.13 17.27
N ILE C 272 4.55 22.97 17.07
CA ILE C 272 4.80 24.38 16.75
C ILE C 272 5.51 25.12 17.88
N PRO C 273 5.19 24.93 19.18
CA PRO C 273 5.94 25.68 20.19
C PRO C 273 7.41 25.28 20.25
N ALA C 274 7.71 24.00 20.04
CA ALA C 274 9.10 23.55 20.04
C ALA C 274 9.87 24.18 18.88
N TYR C 275 9.25 24.25 17.70
CA TYR C 275 9.90 24.89 16.56
C TYR C 275 10.09 26.38 16.82
N LYS C 276 9.12 27.02 17.47
CA LYS C 276 9.28 28.44 17.81
C LYS C 276 10.43 28.64 18.79
N SER C 277 10.55 27.75 19.78
CA SER C 277 11.60 27.91 20.79
C SER C 277 12.98 27.63 20.20
N SER C 278 13.11 26.55 19.43
CA SER C 278 14.38 26.17 18.85
C SER C 278 14.14 25.42 17.55
N ARG C 279 14.80 25.85 16.47
CA ARG C 279 14.55 25.27 15.17
C ARG C 279 15.01 23.82 15.10
N TRP C 280 16.08 23.48 15.83
CA TRP C 280 16.66 22.14 15.72
C TRP C 280 15.71 21.06 16.22
N SER C 281 14.81 21.41 17.14
CA SER C 281 13.87 20.42 17.68
C SER C 281 13.09 19.72 16.59
N SER C 282 12.74 20.43 15.51
CA SER C 282 11.99 19.83 14.42
C SER C 282 12.65 18.57 13.91
N VAL C 283 13.99 18.54 13.89
CA VAL C 283 14.70 17.36 13.43
C VAL C 283 14.17 16.11 14.11
N PHE C 284 14.05 16.16 15.45
CA PHE C 284 13.53 15.01 16.18
C PHE C 284 12.19 14.57 15.62
N PHE C 285 11.25 15.50 15.49
CA PHE C 285 9.95 15.18 14.93
C PHE C 285 10.09 14.72 13.48
N VAL C 286 10.96 15.38 12.72
CA VAL C 286 11.23 14.93 11.36
C VAL C 286 11.79 13.52 11.38
N LEU C 287 12.61 13.21 12.39
CA LEU C 287 13.13 11.86 12.53
C LEU C 287 12.04 10.88 12.93
N TYR C 288 11.05 11.35 13.69
CA TYR C 288 10.07 10.43 14.25
C TYR C 288 8.96 10.11 13.25
N VAL C 289 8.45 11.12 12.56
CA VAL C 289 7.38 10.90 11.58
C VAL C 289 7.89 10.01 10.45
N LEU C 290 9.11 10.27 9.98
CA LEU C 290 9.66 9.50 8.87
C LEU C 290 9.78 8.02 9.20
N ILE C 291 10.35 7.70 10.36
CA ILE C 291 10.55 6.30 10.73
C ILE C 291 9.21 5.66 11.08
N GLY C 292 8.26 6.45 11.55
CA GLY C 292 6.97 5.90 11.93
C GLY C 292 6.07 5.64 10.74
N VAL C 293 5.85 6.67 9.92
CA VAL C 293 4.89 6.55 8.82
C VAL C 293 5.45 5.66 7.72
N TYR C 294 6.74 5.81 7.41
CA TYR C 294 7.28 5.17 6.22
C TYR C 294 7.80 3.77 6.52
N PHE C 295 8.50 3.61 7.65
CA PHE C 295 9.03 2.29 7.99
C PHE C 295 7.98 1.42 8.66
N VAL C 296 7.39 1.91 9.75
CA VAL C 296 6.54 1.06 10.58
C VAL C 296 5.21 0.79 9.89
N THR C 297 4.47 1.85 9.55
CA THR C 297 3.11 1.68 9.03
C THR C 297 3.09 0.77 7.83
N ASN C 298 3.93 1.04 6.83
CA ASN C 298 3.98 0.18 5.65
C ASN C 298 4.28 -1.25 6.04
N LEU C 299 5.25 -1.45 6.94
CA LEU C 299 5.53 -2.81 7.42
C LEU C 299 4.27 -3.47 7.94
N ILE C 300 3.49 -2.75 8.75
CA ILE C 300 2.23 -3.30 9.24
C ILE C 300 1.38 -3.77 8.09
N LEU C 301 1.17 -2.91 7.10
CA LEU C 301 0.42 -3.29 5.91
C LEU C 301 0.99 -4.56 5.32
N ALA C 302 2.31 -4.60 5.11
CA ALA C 302 2.93 -5.78 4.53
C ALA C 302 2.53 -7.02 5.30
N VAL C 303 2.64 -7.00 6.63
CA VAL C 303 2.26 -8.15 7.43
C VAL C 303 0.84 -8.58 7.06
N VAL C 304 -0.12 -7.66 7.19
CA VAL C 304 -1.50 -8.00 6.89
C VAL C 304 -1.59 -8.56 5.48
N TYR C 305 -0.96 -7.86 4.52
CA TYR C 305 -0.94 -8.33 3.14
C TYR C 305 -0.60 -9.80 3.09
N ASP C 306 0.59 -10.17 3.60
CA ASP C 306 1.01 -11.55 3.52
C ASP C 306 -0.05 -12.47 4.13
N SER C 307 -0.48 -12.15 5.35
CA SER C 307 -1.44 -13.02 6.02
C SER C 307 -2.68 -13.19 5.17
N PHE C 308 -3.22 -12.07 4.65
CA PHE C 308 -4.42 -12.16 3.83
C PHE C 308 -4.20 -13.15 2.70
N LYS C 309 -3.12 -12.98 1.95
CA LYS C 309 -2.84 -13.88 0.83
C LYS C 309 -2.89 -15.32 1.30
N GLU C 310 -2.13 -15.63 2.37
CA GLU C 310 -2.10 -16.99 2.86
C GLU C 310 -3.51 -17.49 3.16
N GLN C 311 -4.25 -16.71 3.95
CA GLN C 311 -5.59 -17.15 4.32
C GLN C 311 -6.45 -17.34 3.08
N LEU C 312 -6.34 -16.41 2.13
CA LEU C 312 -7.13 -16.54 0.91
C LEU C 312 -6.88 -17.90 0.26
N ALA C 313 -5.61 -18.27 0.11
CA ALA C 313 -5.29 -19.56 -0.48
C ALA C 313 -6.03 -20.67 0.25
N LYS C 314 -5.91 -20.71 1.58
CA LYS C 314 -6.60 -21.73 2.35
C LYS C 314 -8.05 -21.81 1.93
N GLN C 315 -8.75 -20.67 1.95
CA GLN C 315 -10.17 -20.69 1.63
C GLN C 315 -10.42 -21.35 0.29
N VAL C 316 -9.73 -20.87 -0.76
CA VAL C 316 -10.04 -21.38 -2.09
C VAL C 316 -9.72 -22.87 -2.13
N SER C 317 -8.62 -23.28 -1.49
CA SER C 317 -8.29 -24.70 -1.48
C SER C 317 -9.45 -25.50 -0.93
N GLY C 318 -9.97 -25.11 0.24
CA GLY C 318 -11.10 -25.82 0.79
C GLY C 318 -12.27 -25.87 -0.17
N MET C 319 -12.60 -24.72 -0.77
CA MET C 319 -13.69 -24.69 -1.73
C MET C 319 -13.45 -25.71 -2.83
N ASP C 320 -12.24 -25.71 -3.40
CA ASP C 320 -11.94 -26.67 -4.46
C ASP C 320 -12.23 -28.08 -3.97
N GLN C 321 -11.70 -28.44 -2.79
CA GLN C 321 -11.93 -29.77 -2.27
C GLN C 321 -13.42 -30.07 -2.22
N MET C 322 -14.20 -29.16 -1.62
CA MET C 322 -15.64 -29.38 -1.52
C MET C 322 -16.22 -29.66 -2.89
N LYS C 323 -15.90 -28.81 -3.87
CA LYS C 323 -16.42 -29.02 -5.21
C LYS C 323 -16.08 -30.42 -5.71
N ARG C 324 -14.79 -30.78 -5.63
CA ARG C 324 -14.39 -32.09 -6.10
C ARG C 324 -15.18 -33.18 -5.39
N ARG C 325 -15.37 -33.04 -4.08
CA ARG C 325 -16.13 -34.03 -3.34
C ARG C 325 -17.51 -34.21 -3.96
N MET C 326 -18.25 -33.11 -4.13
CA MET C 326 -19.57 -33.25 -4.71
C MET C 326 -19.46 -33.77 -6.14
N LEU C 327 -18.43 -33.32 -6.86
CA LEU C 327 -18.19 -33.83 -8.20
C LEU C 327 -18.02 -35.34 -8.17
N GLU C 328 -17.25 -35.85 -7.21
CA GLU C 328 -17.00 -37.29 -7.18
C GLU C 328 -18.29 -38.05 -6.94
N LYS C 329 -19.25 -37.41 -6.27
CA LYS C 329 -20.54 -38.07 -6.03
C LYS C 329 -21.20 -38.43 -7.35
N ALA C 330 -21.06 -37.56 -8.36
CA ALA C 330 -21.60 -37.88 -9.68
C ALA C 330 -21.02 -39.19 -10.20
N PHE C 331 -19.70 -39.36 -10.04
CA PHE C 331 -19.08 -40.61 -10.47
C PHE C 331 -19.65 -41.79 -9.68
N GLY C 332 -19.96 -41.58 -8.40
CA GLY C 332 -20.62 -42.63 -7.63
C GLY C 332 -22.06 -42.80 -8.02
N LEU C 333 -22.69 -41.73 -8.52
CA LEU C 333 -24.11 -41.81 -8.84
C LEU C 333 -24.36 -42.54 -10.15
N ILE C 334 -23.48 -42.37 -11.13
CA ILE C 334 -23.69 -42.97 -12.43
C ILE C 334 -23.48 -44.48 -12.37
N ASP C 335 -22.62 -44.95 -11.47
CA ASP C 335 -22.29 -46.36 -11.34
C ASP C 335 -23.01 -46.92 -10.12
N SER C 336 -23.95 -47.84 -10.36
CA SER C 336 -24.67 -48.47 -9.26
C SER C 336 -23.79 -49.44 -8.49
N ASP C 337 -23.01 -50.25 -9.21
CA ASP C 337 -22.13 -51.22 -8.55
C ASP C 337 -20.93 -50.51 -7.92
N LYS C 338 -20.65 -49.29 -8.36
CA LYS C 338 -19.62 -48.41 -7.80
C LYS C 338 -18.29 -49.14 -7.57
N ASN C 339 -17.87 -49.91 -8.57
CA ASN C 339 -16.57 -50.58 -8.55
C ASN C 339 -15.48 -49.75 -9.22
N GLY C 340 -15.73 -48.46 -9.45
CA GLY C 340 -14.77 -47.64 -10.18
C GLY C 340 -14.59 -48.05 -11.62
N GLU C 341 -15.67 -48.48 -12.27
CA GLU C 341 -15.65 -48.92 -13.66
C GLU C 341 -16.53 -48.01 -14.48
N ILE C 342 -15.96 -47.43 -15.54
CA ILE C 342 -16.69 -46.58 -16.48
C ILE C 342 -16.56 -47.19 -17.87
N ASP C 343 -17.68 -47.34 -18.56
CA ASP C 343 -17.72 -47.95 -19.88
C ASP C 343 -18.03 -46.90 -20.93
N LYS C 344 -17.45 -47.07 -22.12
CA LYS C 344 -17.65 -46.09 -23.18
C LYS C 344 -19.12 -46.00 -23.58
N ASN C 345 -19.79 -47.15 -23.70
CA ASN C 345 -21.21 -47.15 -24.03
C ASN C 345 -22.03 -46.57 -22.88
N GLN C 346 -21.44 -46.49 -21.69
CA GLN C 346 -22.10 -45.79 -20.59
C GLN C 346 -21.76 -44.30 -20.60
N CYS C 347 -20.54 -43.95 -21.02
CA CYS C 347 -20.13 -42.56 -21.00
C CYS C 347 -20.72 -41.77 -22.17
N ILE C 348 -21.11 -42.45 -23.25
CA ILE C 348 -21.68 -41.72 -24.38
C ILE C 348 -22.98 -41.05 -24.00
N LYS C 349 -23.77 -41.69 -23.13
CA LYS C 349 -24.97 -41.05 -22.62
C LYS C 349 -24.65 -39.80 -21.83
N LEU C 350 -23.56 -39.85 -21.04
CA LEU C 350 -23.14 -38.67 -20.30
C LEU C 350 -22.74 -37.54 -21.24
N PHE C 351 -21.98 -37.86 -22.29
CA PHE C 351 -21.62 -36.82 -23.27
C PHE C 351 -22.85 -36.25 -23.95
N GLU C 352 -23.81 -37.11 -24.30
CA GLU C 352 -25.04 -36.63 -24.94
C GLU C 352 -25.84 -35.75 -24.00
N GLN C 353 -25.78 -36.02 -22.70
CA GLN C 353 -26.47 -35.16 -21.74
C GLN C 353 -25.76 -33.83 -21.58
N LEU C 354 -24.43 -33.84 -21.48
CA LEU C 354 -23.69 -32.60 -21.28
C LEU C 354 -23.70 -31.70 -22.51
N THR C 355 -23.81 -32.28 -23.70
CA THR C 355 -23.80 -31.43 -24.90
C THR C 355 -25.04 -30.54 -24.94
N ASN C 356 -26.11 -30.94 -24.24
CA ASN C 356 -27.27 -30.07 -24.11
C ASN C 356 -26.99 -28.92 -23.14
N TYR C 357 -26.36 -29.23 -22.00
CA TYR C 357 -26.12 -28.20 -20.99
C TYR C 357 -24.99 -27.26 -21.39
N ARG C 358 -23.94 -27.79 -22.01
CA ARG C 358 -22.84 -26.99 -22.54
C ARG C 358 -22.66 -27.32 -24.01
N THR C 359 -22.52 -26.28 -24.83
CA THR C 359 -22.41 -26.48 -26.27
C THR C 359 -21.18 -27.32 -26.62
N LEU C 360 -21.37 -28.29 -27.50
CA LEU C 360 -20.31 -29.16 -27.97
C LEU C 360 -20.50 -29.38 -29.47
N PRO C 361 -19.41 -29.62 -30.20
CA PRO C 361 -19.56 -29.94 -31.63
C PRO C 361 -20.31 -31.24 -31.83
N LYS C 362 -21.08 -31.31 -32.90
CA LYS C 362 -21.81 -32.53 -33.22
C LYS C 362 -20.82 -33.67 -33.46
N ILE C 363 -21.03 -34.77 -32.76
CA ILE C 363 -20.14 -35.93 -32.82
C ILE C 363 -20.94 -37.14 -33.26
N SER C 364 -20.49 -37.78 -34.34
CA SER C 364 -21.14 -39.00 -34.81
C SER C 364 -20.73 -40.19 -33.96
N LYS C 365 -21.66 -41.14 -33.82
CA LYS C 365 -21.36 -42.35 -33.05
C LYS C 365 -20.20 -43.11 -33.67
N GLU C 366 -20.20 -43.25 -35.01
CA GLU C 366 -19.08 -43.87 -35.68
C GLU C 366 -17.81 -43.04 -35.53
N GLU C 367 -17.94 -41.71 -35.62
CA GLU C 367 -16.78 -40.84 -35.45
C GLU C 367 -16.21 -40.98 -34.03
N PHE C 368 -17.09 -41.02 -33.03
CA PHE C 368 -16.63 -41.18 -31.66
C PHE C 368 -15.97 -42.54 -31.45
N GLY C 369 -16.53 -43.59 -32.07
CA GLY C 369 -15.91 -44.91 -31.98
C GLY C 369 -14.54 -44.96 -32.59
N LEU C 370 -14.37 -44.35 -33.77
CA LEU C 370 -13.05 -44.28 -34.39
C LEU C 370 -12.08 -43.47 -33.54
N ILE C 371 -12.54 -42.34 -32.98
CA ILE C 371 -11.68 -41.56 -32.10
C ILE C 371 -11.23 -42.40 -30.92
N PHE C 372 -12.16 -43.15 -30.32
CA PHE C 372 -11.82 -43.96 -29.15
C PHE C 372 -10.84 -45.07 -29.49
N ASP C 373 -11.08 -45.81 -30.59
CA ASP C 373 -10.25 -46.99 -30.83
C ASP C 373 -8.89 -46.59 -31.40
N GLU C 374 -8.79 -45.44 -32.08
CA GLU C 374 -7.48 -44.95 -32.46
C GLU C 374 -6.75 -44.32 -31.27
N LEU C 375 -7.52 -43.80 -30.30
CA LEU C 375 -6.93 -43.13 -29.16
C LEU C 375 -6.21 -44.11 -28.25
N ASP C 376 -6.82 -45.27 -27.99
CA ASP C 376 -6.27 -46.27 -27.09
C ASP C 376 -6.17 -47.61 -27.82
N ASP C 377 -4.99 -48.22 -27.79
CA ASP C 377 -4.81 -49.52 -28.42
C ASP C 377 -5.47 -50.63 -27.61
N THR C 378 -5.45 -50.51 -26.28
CA THR C 378 -6.02 -51.55 -25.44
C THR C 378 -7.53 -51.59 -25.58
N ARG C 379 -8.08 -52.81 -25.68
CA ARG C 379 -9.51 -52.99 -25.77
C ARG C 379 -10.18 -52.77 -24.42
N ASP C 380 -11.41 -52.25 -24.46
CA ASP C 380 -12.21 -51.98 -23.27
C ASP C 380 -11.47 -51.06 -22.31
N PHE C 381 -11.00 -49.92 -22.82
CA PHE C 381 -10.32 -48.95 -21.97
C PHE C 381 -11.29 -48.33 -20.98
N LYS C 382 -10.83 -48.10 -19.76
CA LYS C 382 -11.67 -47.62 -18.68
C LYS C 382 -11.23 -46.21 -18.27
N ILE C 383 -12.21 -45.32 -18.13
CA ILE C 383 -11.95 -44.01 -17.55
C ILE C 383 -12.14 -44.09 -16.03
N ASN C 384 -11.10 -43.79 -15.28
CA ASN C 384 -11.23 -43.88 -13.83
C ASN C 384 -11.75 -42.57 -13.26
N LYS C 385 -11.95 -42.58 -11.94
CA LYS C 385 -12.65 -41.48 -11.27
C LYS C 385 -11.90 -40.16 -11.41
N ASP C 386 -10.58 -40.19 -11.19
CA ASP C 386 -9.82 -38.95 -11.14
C ASP C 386 -9.75 -38.24 -12.48
N GLU C 387 -9.45 -38.98 -13.56
CA GLU C 387 -9.35 -38.34 -14.85
C GLU C 387 -10.73 -37.92 -15.36
N PHE C 388 -11.77 -38.62 -14.94
CA PHE C 388 -13.12 -38.17 -15.25
C PHE C 388 -13.40 -36.82 -14.60
N ALA C 389 -13.04 -36.67 -13.32
CA ALA C 389 -13.20 -35.39 -12.66
C ALA C 389 -12.38 -34.30 -13.34
N ASP C 390 -11.16 -34.63 -13.76
CA ASP C 390 -10.31 -33.65 -14.43
C ASP C 390 -10.88 -33.25 -15.79
N LEU C 391 -11.39 -34.21 -16.56
CA LEU C 391 -11.89 -33.90 -17.90
C LEU C 391 -13.19 -33.13 -17.81
N CYS C 392 -13.98 -33.33 -16.76
CA CYS C 392 -15.17 -32.50 -16.57
C CYS C 392 -14.77 -31.03 -16.41
N GLN C 393 -13.78 -30.75 -15.58
CA GLN C 393 -13.28 -29.40 -15.43
C GLN C 393 -12.72 -28.86 -16.75
N ALA C 394 -11.97 -29.71 -17.47
CA ALA C 394 -11.37 -29.26 -18.73
C ALA C 394 -12.44 -28.88 -19.76
N ILE C 395 -13.45 -29.73 -19.92
CA ILE C 395 -14.49 -29.47 -20.91
C ILE C 395 -15.33 -28.27 -20.50
N ALA C 396 -15.52 -28.07 -19.19
CA ALA C 396 -16.26 -26.90 -18.73
C ALA C 396 -15.47 -25.62 -18.99
N LEU C 397 -14.16 -25.65 -18.74
CA LEU C 397 -13.36 -24.43 -18.87
C LEU C 397 -13.14 -24.08 -20.34
N ARG C 398 -12.97 -25.09 -21.19
CA ARG C 398 -12.64 -24.80 -22.59
C ARG C 398 -13.84 -24.32 -23.39
N PHE C 399 -15.03 -24.85 -23.11
CA PHE C 399 -16.23 -24.53 -23.87
C PHE C 399 -17.22 -23.76 -23.00
N GLN C 400 -17.90 -22.79 -23.60
CA GLN C 400 -18.85 -21.96 -22.88
C GLN C 400 -20.12 -22.75 -22.55
N LYS C 401 -20.97 -22.13 -21.74
CA LYS C 401 -22.24 -22.74 -21.36
C LYS C 401 -23.28 -22.53 -22.46
N GLU C 402 -24.31 -23.36 -22.43
CA GLU C 402 -25.43 -23.24 -23.36
C GLU C 402 -26.59 -22.54 -22.68
N GLU C 403 -27.07 -21.46 -23.29
CA GLU C 403 -28.13 -20.67 -22.71
C GLU C 403 -29.47 -21.40 -22.78
N VAL C 404 -30.35 -21.09 -21.83
CA VAL C 404 -31.70 -21.65 -21.86
C VAL C 404 -32.41 -21.13 -23.10
N PRO C 405 -33.24 -21.95 -23.79
CA PRO C 405 -33.90 -21.47 -25.00
C PRO C 405 -34.74 -20.22 -24.77
N SER C 406 -35.75 -20.31 -23.92
CA SER C 406 -36.61 -19.17 -23.62
C SER C 406 -37.58 -19.56 -22.51
N LEU C 407 -38.04 -18.55 -21.77
CA LEU C 407 -39.17 -18.69 -20.87
C LEU C 407 -40.49 -18.36 -21.55
N PHE C 408 -40.44 -17.70 -22.70
CA PHE C 408 -41.60 -17.35 -23.51
C PHE C 408 -41.89 -18.41 -24.57
N GLU C 409 -41.10 -19.47 -24.61
CA GLU C 409 -41.21 -20.51 -25.64
C GLU C 409 -42.55 -21.25 -25.61
N HIS C 410 -43.31 -21.12 -24.52
CA HIS C 410 -44.58 -21.84 -24.42
C HIS C 410 -45.54 -21.46 -25.54
N PHE C 411 -45.37 -20.28 -26.13
CA PHE C 411 -46.16 -19.87 -27.28
C PHE C 411 -45.33 -20.07 -28.54
N PRO C 412 -45.63 -21.08 -29.36
CA PRO C 412 -44.75 -21.35 -30.52
C PRO C 412 -45.00 -20.41 -31.70
N GLN C 413 -46.25 -19.96 -31.89
CA GLN C 413 -46.56 -19.16 -33.06
C GLN C 413 -45.83 -17.81 -33.03
N ILE C 414 -45.75 -17.19 -31.86
CA ILE C 414 -45.05 -15.91 -31.75
C ILE C 414 -43.54 -16.11 -31.91
N TYR C 415 -43.02 -17.19 -31.34
CA TYR C 415 -41.59 -17.48 -31.45
C TYR C 415 -41.19 -17.73 -32.90
N HIS C 416 -42.00 -18.46 -33.65
CA HIS C 416 -41.67 -18.84 -35.01
C HIS C 416 -42.17 -17.85 -36.05
N SER C 417 -42.75 -16.72 -35.62
CA SER C 417 -43.21 -15.72 -36.57
C SER C 417 -42.04 -15.13 -37.35
N ALA C 418 -42.29 -14.81 -38.62
CA ALA C 418 -41.22 -14.31 -39.49
C ALA C 418 -40.64 -13.01 -38.97
N LEU C 419 -41.49 -12.07 -38.56
CA LEU C 419 -41.00 -10.81 -38.03
C LEU C 419 -40.19 -11.04 -36.75
N SER C 420 -40.64 -11.99 -35.91
CA SER C 420 -39.92 -12.27 -34.67
C SER C 420 -38.51 -12.81 -34.95
N GLN C 421 -38.38 -13.75 -35.87
CA GLN C 421 -37.06 -14.31 -36.15
C GLN C 421 -36.17 -13.28 -36.86
N GLN C 422 -36.76 -12.44 -37.72
CA GLN C 422 -35.98 -11.37 -38.32
C GLN C 422 -35.47 -10.39 -37.26
N LEU C 423 -36.32 -10.05 -36.29
CA LEU C 423 -35.91 -9.16 -35.22
C LEU C 423 -34.81 -9.80 -34.37
N ARG C 424 -34.94 -11.09 -34.09
CA ARG C 424 -33.89 -11.79 -33.33
C ARG C 424 -32.57 -11.79 -34.08
N ALA C 425 -32.61 -12.08 -35.38
CA ALA C 425 -31.39 -12.05 -36.19
C ALA C 425 -30.78 -10.66 -36.21
N PHE C 426 -31.63 -9.62 -36.26
CA PHE C 426 -31.12 -8.25 -36.25
C PHE C 426 -30.44 -7.93 -34.92
N VAL C 427 -31.11 -8.23 -33.80
CA VAL C 427 -30.58 -7.83 -32.50
C VAL C 427 -29.33 -8.62 -32.15
N ARG C 428 -29.27 -9.90 -32.54
CA ARG C 428 -28.08 -10.70 -32.23
C ARG C 428 -26.88 -10.22 -33.03
N SER C 429 -27.12 -9.50 -34.13
CA SER C 429 -26.02 -8.89 -34.86
C SER C 429 -25.45 -7.71 -34.09
N PRO C 430 -24.15 -7.43 -34.25
CA PRO C 430 -23.56 -6.30 -33.51
C PRO C 430 -24.03 -4.93 -33.98
N ASN C 431 -24.65 -4.84 -35.16
CA ASN C 431 -25.17 -3.57 -35.65
C ASN C 431 -26.07 -2.91 -34.62
N PHE C 432 -26.82 -3.72 -33.86
CA PHE C 432 -27.60 -3.18 -32.76
C PHE C 432 -26.70 -2.55 -31.72
N GLY C 433 -25.53 -3.17 -31.45
CA GLY C 433 -24.60 -2.59 -30.51
C GLY C 433 -24.06 -1.24 -30.96
N TYR C 434 -23.68 -1.14 -32.24
CA TYR C 434 -23.24 0.15 -32.77
C TYR C 434 -24.36 1.19 -32.72
N ALA C 435 -25.59 0.77 -33.02
CA ALA C 435 -26.72 1.69 -32.94
C ALA C 435 -26.91 2.21 -31.52
N ILE C 436 -26.79 1.32 -30.52
CA ILE C 436 -26.95 1.74 -29.13
C ILE C 436 -25.82 2.68 -28.73
N SER C 437 -24.60 2.41 -29.20
CA SER C 437 -23.48 3.30 -28.90
C SER C 437 -23.70 4.68 -29.50
N PHE C 438 -24.20 4.73 -30.74
CA PHE C 438 -24.50 6.02 -31.36
C PHE C 438 -25.58 6.76 -30.60
N ILE C 439 -26.62 6.04 -30.16
CA ILE C 439 -27.66 6.65 -29.33
C ILE C 439 -27.05 7.21 -28.05
N LEU C 440 -26.11 6.49 -27.46
CA LEU C 440 -25.43 6.98 -26.25
C LEU C 440 -24.64 8.25 -26.53
N ILE C 441 -23.98 8.33 -27.67
CA ILE C 441 -23.23 9.54 -28.01
C ILE C 441 -24.17 10.73 -28.18
N ILE C 442 -25.28 10.52 -28.90
CA ILE C 442 -26.28 11.58 -29.04
C ILE C 442 -26.83 11.97 -27.68
N ASN C 443 -27.01 10.98 -26.79
CA ASN C 443 -27.45 11.24 -25.43
C ASN C 443 -26.46 12.14 -24.70
N PHE C 444 -25.16 11.88 -24.88
CA PHE C 444 -24.15 12.73 -24.24
C PHE C 444 -24.25 14.16 -24.74
N ILE C 445 -24.39 14.33 -26.05
CA ILE C 445 -24.49 15.68 -26.61
C ILE C 445 -25.70 16.40 -26.05
N ALA C 446 -26.85 15.72 -26.02
CA ALA C 446 -28.07 16.34 -25.53
C ALA C 446 -27.95 16.71 -24.06
N VAL C 447 -27.42 15.81 -23.23
CA VAL C 447 -27.36 16.08 -21.80
C VAL C 447 -26.37 17.21 -21.51
N VAL C 448 -25.24 17.24 -22.22
CA VAL C 448 -24.25 18.28 -21.94
C VAL C 448 -24.79 19.64 -22.37
N VAL C 449 -25.50 19.71 -23.50
CA VAL C 449 -26.05 21.00 -23.92
C VAL C 449 -27.16 21.43 -22.97
N GLU C 450 -27.96 20.49 -22.48
CA GLU C 450 -29.00 20.83 -21.52
C GLU C 450 -28.41 21.36 -20.22
N THR C 451 -27.35 20.71 -19.72
CA THR C 451 -26.70 21.19 -18.51
C THR C 451 -26.05 22.55 -18.72
N THR C 452 -25.48 22.79 -19.91
CA THR C 452 -24.92 24.10 -20.20
C THR C 452 -26.00 25.17 -20.17
N LEU C 453 -27.16 24.90 -20.76
CA LEU C 453 -28.26 25.85 -20.71
C LEU C 453 -28.74 26.06 -19.28
N ASP C 454 -28.78 25.00 -18.48
CA ASP C 454 -29.15 25.14 -17.07
C ASP C 454 -28.17 26.04 -16.32
N ILE C 455 -26.87 25.87 -16.59
CA ILE C 455 -25.87 26.71 -15.95
C ILE C 455 -26.06 28.16 -16.37
N GLU C 456 -26.31 28.40 -17.65
CA GLU C 456 -26.55 29.75 -18.15
C GLU C 456 -27.93 30.28 -17.76
N GLU C 457 -28.78 29.45 -17.16
CA GLU C 457 -30.11 29.87 -16.69
C GLU C 457 -30.95 30.45 -17.81
N SER C 458 -30.86 29.84 -18.99
CA SER C 458 -31.70 30.25 -20.11
C SER C 458 -33.07 29.62 -20.01
N SER C 459 -33.99 30.11 -20.84
CA SER C 459 -35.37 29.65 -20.84
C SER C 459 -35.63 28.50 -21.81
N ALA C 460 -34.62 28.07 -22.57
CA ALA C 460 -34.79 27.02 -23.56
C ALA C 460 -34.51 25.63 -22.99
N GLN C 461 -34.41 25.49 -21.67
CA GLN C 461 -34.07 24.20 -21.08
C GLN C 461 -35.20 23.19 -21.24
N LYS C 462 -36.45 23.65 -21.17
CA LYS C 462 -37.59 22.74 -21.19
C LYS C 462 -37.67 21.88 -22.45
N PRO C 463 -37.54 22.42 -23.67
CA PRO C 463 -37.56 21.53 -24.85
C PRO C 463 -36.47 20.47 -24.81
N TRP C 464 -35.28 20.82 -24.33
CA TRP C 464 -34.19 19.86 -24.26
C TRP C 464 -34.50 18.78 -23.23
N GLN C 465 -35.13 19.16 -22.12
CA GLN C 465 -35.56 18.18 -21.14
C GLN C 465 -36.60 17.22 -21.72
N VAL C 466 -37.56 17.76 -22.48
CA VAL C 466 -38.55 16.92 -23.13
C VAL C 466 -37.89 15.95 -24.10
N ALA C 467 -36.88 16.43 -24.84
CA ALA C 467 -36.13 15.55 -25.73
C ALA C 467 -35.38 14.48 -24.95
N GLU C 468 -34.84 14.84 -23.77
CA GLU C 468 -34.16 13.86 -22.93
C GLU C 468 -35.11 12.75 -22.50
N PHE C 469 -36.37 13.10 -22.20
CA PHE C 469 -37.36 12.08 -21.86
C PHE C 469 -37.49 11.03 -22.98
N VAL C 470 -37.39 11.46 -24.24
CA VAL C 470 -37.49 10.53 -25.35
C VAL C 470 -36.35 9.51 -25.32
N PHE C 471 -35.17 9.94 -24.86
CA PHE C 471 -34.05 9.01 -24.76
C PHE C 471 -34.33 7.93 -23.71
N GLY C 472 -34.96 8.30 -22.59
CA GLY C 472 -35.38 7.29 -21.63
C GLY C 472 -36.39 6.32 -22.21
N TRP C 473 -37.32 6.85 -23.02
CA TRP C 473 -38.26 5.96 -23.71
C TRP C 473 -37.53 5.00 -24.64
N ILE C 474 -36.53 5.50 -25.37
CA ILE C 474 -35.76 4.64 -26.26
C ILE C 474 -35.02 3.57 -25.46
N TYR C 475 -34.46 3.95 -24.32
CA TYR C 475 -33.74 2.98 -23.49
C TYR C 475 -34.65 1.89 -22.97
N VAL C 476 -35.85 2.25 -22.50
CA VAL C 476 -36.75 1.22 -22.00
C VAL C 476 -37.23 0.32 -23.14
N LEU C 477 -37.45 0.90 -24.32
CA LEU C 477 -37.85 0.09 -25.47
C LEU C 477 -36.75 -0.91 -25.84
N GLU C 478 -35.50 -0.45 -25.88
CA GLU C 478 -34.41 -1.35 -26.27
C GLU C 478 -34.18 -2.41 -25.20
N MET C 479 -34.36 -2.05 -23.93
CA MET C 479 -34.24 -3.05 -22.86
C MET C 479 -35.32 -4.12 -23.01
N ALA C 480 -36.55 -3.70 -23.31
CA ALA C 480 -37.63 -4.67 -23.53
C ALA C 480 -37.30 -5.58 -24.72
N LEU C 481 -36.79 -4.99 -25.80
CA LEU C 481 -36.43 -5.81 -26.97
C LEU C 481 -35.36 -6.83 -26.62
N LYS C 482 -34.32 -6.41 -25.90
CA LYS C 482 -33.23 -7.31 -25.55
C LYS C 482 -33.71 -8.42 -24.63
N ILE C 483 -34.51 -8.08 -23.61
CA ILE C 483 -34.97 -9.11 -22.68
C ILE C 483 -35.94 -10.06 -23.39
N TYR C 484 -36.65 -9.57 -24.40
CA TYR C 484 -37.53 -10.45 -25.17
C TYR C 484 -36.73 -11.42 -26.02
N THR C 485 -35.71 -10.93 -26.73
CA THR C 485 -34.98 -11.78 -27.67
C THR C 485 -34.07 -12.77 -26.95
N TYR C 486 -33.42 -12.33 -25.86
CA TYR C 486 -32.45 -13.20 -25.20
C TYR C 486 -33.12 -14.12 -24.18
N GLY C 487 -34.22 -13.67 -23.58
CA GLY C 487 -34.83 -14.40 -22.50
C GLY C 487 -34.42 -13.85 -21.15
N PHE C 488 -35.31 -13.99 -20.17
CA PHE C 488 -35.11 -13.35 -18.87
C PHE C 488 -33.86 -13.88 -18.18
N GLU C 489 -33.65 -15.20 -18.19
CA GLU C 489 -32.50 -15.77 -17.50
C GLU C 489 -31.20 -15.41 -18.22
N ASN C 490 -31.19 -15.52 -19.56
CA ASN C 490 -29.99 -15.17 -20.31
C ASN C 490 -29.64 -13.71 -20.14
N TYR C 491 -30.66 -12.83 -20.17
CA TYR C 491 -30.42 -11.42 -19.93
C TYR C 491 -29.91 -11.17 -18.52
N TRP C 492 -30.48 -11.89 -17.54
CA TRP C 492 -30.10 -11.66 -16.14
C TRP C 492 -28.71 -12.19 -15.85
N ARG C 493 -28.22 -13.12 -16.67
CA ARG C 493 -26.91 -13.73 -16.41
C ARG C 493 -25.78 -12.72 -16.47
N GLU C 494 -25.82 -11.81 -17.44
CA GLU C 494 -24.75 -10.84 -17.59
C GLU C 494 -24.80 -9.82 -16.45
N GLY C 495 -23.63 -9.53 -15.87
CA GLY C 495 -23.59 -8.62 -14.73
C GLY C 495 -24.01 -7.21 -15.07
N ALA C 496 -23.48 -6.67 -16.18
CA ALA C 496 -23.82 -5.30 -16.57
C ALA C 496 -25.28 -5.18 -16.95
N ASN C 497 -25.88 -6.27 -17.45
CA ASN C 497 -27.27 -6.24 -17.84
C ASN C 497 -28.18 -6.01 -16.64
N ARG C 498 -27.80 -6.55 -15.48
CA ARG C 498 -28.60 -6.32 -14.27
C ARG C 498 -28.60 -4.85 -13.88
N PHE C 499 -27.44 -4.20 -13.92
CA PHE C 499 -27.37 -2.77 -13.62
C PHE C 499 -28.16 -1.96 -14.63
N ASP C 500 -28.05 -2.33 -15.92
CA ASP C 500 -28.81 -1.63 -16.95
C ASP C 500 -30.31 -1.80 -16.72
N PHE C 501 -30.74 -3.00 -16.35
CA PHE C 501 -32.16 -3.26 -16.09
C PHE C 501 -32.66 -2.44 -14.91
N LEU C 502 -31.87 -2.37 -13.84
CA LEU C 502 -32.26 -1.57 -12.68
C LEU C 502 -32.35 -0.09 -13.04
N VAL C 503 -31.38 0.41 -13.80
CA VAL C 503 -31.40 1.82 -14.21
C VAL C 503 -32.62 2.10 -15.08
N THR C 504 -32.91 1.22 -16.03
CA THR C 504 -34.07 1.42 -16.90
C THR C 504 -35.36 1.42 -16.10
N TRP C 505 -35.48 0.51 -15.14
CA TRP C 505 -36.72 0.44 -14.35
C TRP C 505 -36.87 1.65 -13.44
N VAL C 506 -35.79 2.13 -12.83
CA VAL C 506 -35.92 3.32 -11.99
C VAL C 506 -36.26 4.54 -12.84
N ILE C 507 -35.68 4.62 -14.04
CA ILE C 507 -36.03 5.71 -14.95
C ILE C 507 -37.51 5.67 -15.31
N VAL C 508 -38.02 4.49 -15.65
CA VAL C 508 -39.42 4.40 -16.07
C VAL C 508 -40.35 4.67 -14.89
N ILE C 509 -39.96 4.25 -13.69
CA ILE C 509 -40.77 4.53 -12.50
C ILE C 509 -40.84 6.03 -12.25
N GLY C 510 -39.68 6.70 -12.30
CA GLY C 510 -39.69 8.14 -12.11
C GLY C 510 -40.49 8.86 -13.19
N GLU C 511 -40.36 8.41 -14.44
CA GLU C 511 -41.10 9.02 -15.53
C GLU C 511 -42.60 8.89 -15.36
N THR C 512 -43.07 7.68 -15.02
CA THR C 512 -44.50 7.50 -14.86
C THR C 512 -45.02 8.21 -13.62
N ALA C 513 -44.19 8.30 -12.57
CA ALA C 513 -44.60 9.06 -11.39
C ALA C 513 -44.75 10.54 -11.71
N THR C 514 -43.82 11.09 -12.49
CA THR C 514 -43.93 12.50 -12.89
C THR C 514 -45.14 12.72 -13.79
N PHE C 515 -45.39 11.81 -14.72
CA PHE C 515 -46.45 12.03 -15.71
C PHE C 515 -47.84 11.82 -15.13
N ILE C 516 -47.96 10.90 -14.16
CA ILE C 516 -49.28 10.56 -13.65
C ILE C 516 -49.89 11.73 -12.86
N THR C 517 -49.06 12.44 -12.11
CA THR C 517 -49.53 13.52 -11.27
C THR C 517 -48.99 14.86 -11.76
N PRO C 518 -49.83 15.74 -12.30
CA PRO C 518 -49.37 17.09 -12.70
C PRO C 518 -49.42 18.08 -11.53
N ASP C 519 -48.56 17.85 -10.54
CA ASP C 519 -48.52 18.65 -9.33
C ASP C 519 -47.08 19.05 -9.03
N GLU C 520 -46.94 20.11 -8.23
CA GLU C 520 -45.63 20.66 -7.89
C GLU C 520 -45.00 19.82 -6.78
N ASN C 521 -44.30 18.76 -7.20
CA ASN C 521 -43.54 17.95 -6.27
C ASN C 521 -42.29 18.68 -5.81
N THR C 522 -41.77 18.29 -4.64
CA THR C 522 -40.55 18.91 -4.13
C THR C 522 -39.36 18.58 -5.01
N PHE C 523 -39.28 17.34 -5.50
CA PHE C 523 -38.15 16.89 -6.30
C PHE C 523 -38.53 16.50 -7.72
N PHE C 524 -39.66 15.82 -7.90
CA PHE C 524 -40.00 15.29 -9.22
C PHE C 524 -40.46 16.40 -10.16
N SER C 525 -41.01 17.50 -9.62
CA SER C 525 -41.52 18.57 -10.47
C SER C 525 -40.40 19.24 -11.26
N ASN C 526 -39.24 19.43 -10.62
CA ASN C 526 -38.12 20.06 -11.32
C ASN C 526 -37.64 19.19 -12.49
N GLY C 527 -37.54 17.89 -12.26
CA GLY C 527 -37.18 16.96 -13.32
C GLY C 527 -35.71 16.91 -13.68
N GLU C 528 -34.84 17.58 -12.93
CA GLU C 528 -33.41 17.52 -13.23
C GLU C 528 -32.86 16.12 -13.01
N TRP C 529 -33.40 15.40 -12.01
CA TRP C 529 -32.84 14.12 -11.59
C TRP C 529 -32.61 13.18 -12.75
N ILE C 530 -33.49 13.22 -13.76
CA ILE C 530 -33.44 12.23 -14.84
C ILE C 530 -32.05 12.23 -15.49
N ARG C 531 -31.45 13.42 -15.66
CA ARG C 531 -30.17 13.47 -16.36
C ARG C 531 -29.16 12.54 -15.71
N TYR C 532 -29.11 12.54 -14.37
CA TYR C 532 -28.11 11.75 -13.67
C TYR C 532 -28.28 10.28 -13.99
N LEU C 533 -29.53 9.80 -14.04
CA LEU C 533 -29.77 8.40 -14.37
C LEU C 533 -29.19 8.07 -15.74
N LEU C 534 -29.39 8.94 -16.73
CA LEU C 534 -28.79 8.73 -18.04
C LEU C 534 -27.27 8.60 -17.92
N LEU C 535 -26.64 9.47 -17.12
CA LEU C 535 -25.20 9.36 -16.93
C LEU C 535 -24.82 7.99 -16.43
N ALA C 536 -25.60 7.43 -15.50
CA ALA C 536 -25.33 6.08 -15.03
C ALA C 536 -25.35 5.09 -16.19
N ARG C 537 -26.39 5.13 -17.00
CA ARG C 537 -26.49 4.25 -18.15
C ARG C 537 -25.31 4.42 -19.08
N MET C 538 -24.67 5.59 -19.07
CA MET C 538 -23.58 5.88 -19.99
C MET C 538 -22.21 5.49 -19.46
N LEU C 539 -22.13 4.88 -18.28
CA LEU C 539 -20.83 4.35 -17.86
C LEU C 539 -20.34 3.22 -18.77
N ARG C 540 -21.24 2.59 -19.52
CA ARG C 540 -20.83 1.49 -20.41
C ARG C 540 -19.87 1.96 -21.49
N LEU C 541 -19.88 3.26 -21.82
CA LEU C 541 -18.92 3.79 -22.78
C LEU C 541 -17.49 3.60 -22.29
N ILE C 542 -17.28 3.63 -20.97
CA ILE C 542 -15.95 3.40 -20.42
C ILE C 542 -15.44 2.03 -20.84
N ARG C 543 -16.35 1.07 -21.03
CA ARG C 543 -15.96 -0.25 -21.49
C ARG C 543 -15.23 -0.20 -22.82
N LEU C 544 -15.65 0.72 -23.71
CA LEU C 544 -14.94 0.87 -24.99
C LEU C 544 -13.49 1.27 -24.77
N LEU C 545 -13.21 2.04 -23.72
CA LEU C 545 -11.83 2.44 -23.43
C LEU C 545 -10.95 1.23 -23.12
N MET C 546 -11.56 0.08 -22.85
CA MET C 546 -10.78 -1.15 -22.63
C MET C 546 -10.06 -1.57 -23.90
N ASN C 547 -10.49 -1.07 -25.06
CA ASN C 547 -9.91 -1.53 -26.33
C ASN C 547 -8.42 -1.20 -26.42
N VAL C 548 -8.03 0.01 -26.01
CA VAL C 548 -6.63 0.39 -26.13
C VAL C 548 -5.79 -0.39 -25.13
N GLN C 549 -4.54 -0.70 -25.53
CA GLN C 549 -3.67 -1.51 -24.68
C GLN C 549 -3.24 -0.76 -23.44
N ARG C 550 -3.07 0.56 -23.53
CA ARG C 550 -2.48 1.32 -22.43
C ARG C 550 -3.37 1.29 -21.19
N TYR C 551 -4.68 1.40 -21.36
CA TYR C 551 -5.61 1.46 -20.24
C TYR C 551 -6.43 0.19 -20.05
N ARG C 552 -6.15 -0.86 -20.82
CA ARG C 552 -6.96 -2.07 -20.75
C ARG C 552 -6.87 -2.72 -19.38
N ALA C 553 -5.65 -2.88 -18.85
CA ALA C 553 -5.49 -3.53 -17.55
C ALA C 553 -6.17 -2.73 -16.46
N PHE C 554 -6.00 -1.41 -16.47
CA PHE C 554 -6.62 -0.56 -15.46
C PHE C 554 -8.14 -0.65 -15.52
N ILE C 555 -8.70 -0.56 -16.72
CA ILE C 555 -10.16 -0.59 -16.86
C ILE C 555 -10.71 -1.96 -16.46
N ALA C 556 -10.03 -3.04 -16.88
CA ALA C 556 -10.49 -4.37 -16.52
C ALA C 556 -10.46 -4.59 -15.01
N THR C 557 -9.38 -4.15 -14.36
CA THR C 557 -9.30 -4.29 -12.91
C THR C 557 -10.37 -3.47 -12.21
N PHE C 558 -10.60 -2.24 -12.68
CA PHE C 558 -11.64 -1.40 -12.08
C PHE C 558 -13.01 -2.04 -12.22
N ILE C 559 -13.31 -2.60 -13.40
CA ILE C 559 -14.59 -3.26 -13.61
C ILE C 559 -14.73 -4.49 -12.73
N THR C 560 -13.65 -5.30 -12.64
CA THR C 560 -13.73 -6.53 -11.87
C THR C 560 -13.87 -6.25 -10.38
N LEU C 561 -13.29 -5.14 -9.90
CA LEU C 561 -13.31 -4.86 -8.47
C LEU C 561 -14.72 -4.65 -7.94
N ILE C 562 -15.59 -3.99 -8.73
CA ILE C 562 -16.90 -3.58 -8.22
C ILE C 562 -17.72 -4.76 -7.69
N PRO C 563 -17.86 -5.88 -8.41
CA PRO C 563 -18.58 -7.01 -7.79
C PRO C 563 -17.73 -7.79 -6.81
N SER C 564 -16.41 -7.82 -7.00
CA SER C 564 -15.55 -8.67 -6.19
C SER C 564 -15.31 -8.08 -4.81
N LEU C 565 -15.25 -6.76 -4.71
CA LEU C 565 -14.90 -6.07 -3.47
C LEU C 565 -16.11 -5.87 -2.55
N MET C 566 -17.29 -6.32 -2.96
CA MET C 566 -18.49 -6.07 -2.16
C MET C 566 -18.46 -6.69 -0.77
N PRO C 567 -18.06 -7.95 -0.57
CA PRO C 567 -18.12 -8.51 0.79
C PRO C 567 -17.30 -7.76 1.82
N TYR C 568 -16.10 -7.28 1.45
CA TYR C 568 -15.26 -6.59 2.41
C TYR C 568 -15.85 -5.22 2.76
N LEU C 569 -16.36 -4.51 1.76
CA LEU C 569 -17.04 -3.26 2.04
C LEU C 569 -18.27 -3.47 2.91
N GLY C 570 -18.99 -4.57 2.69
CA GLY C 570 -20.13 -4.88 3.55
C GLY C 570 -19.72 -5.18 4.98
N THR C 571 -18.61 -5.89 5.15
CA THR C 571 -18.09 -6.15 6.50
C THR C 571 -17.72 -4.84 7.19
N ILE C 572 -17.06 -3.94 6.46
CA ILE C 572 -16.72 -2.63 7.03
C ILE C 572 -17.99 -1.86 7.38
N PHE C 573 -19.00 -1.92 6.51
CA PHE C 573 -20.27 -1.25 6.78
C PHE C 573 -20.93 -1.78 8.03
N CYS C 574 -20.90 -3.09 8.23
CA CYS C 574 -21.55 -3.68 9.39
C CYS C 574 -20.77 -3.39 10.68
N VAL C 575 -19.44 -3.35 10.59
CA VAL C 575 -18.65 -2.90 11.74
C VAL C 575 -18.98 -1.45 12.07
N LEU C 576 -19.16 -0.62 11.04
CA LEU C 576 -19.59 0.76 11.27
C LEU C 576 -20.96 0.80 11.94
N CYS C 577 -21.87 -0.07 11.52
CA CYS C 577 -23.19 -0.12 12.14
C CYS C 577 -23.10 -0.51 13.61
N ILE C 578 -22.27 -1.50 13.94
CA ILE C 578 -22.10 -1.91 15.33
C ILE C 578 -21.52 -0.76 16.15
N TYR C 579 -20.51 -0.07 15.61
CA TYR C 579 -19.93 1.04 16.33
C TYR C 579 -20.91 2.20 16.49
N CYS C 580 -21.78 2.40 15.49
CA CYS C 580 -22.81 3.43 15.60
C CYS C 580 -23.80 3.08 16.69
N SER C 581 -24.21 1.80 16.77
CA SER C 581 -25.12 1.37 17.82
C SER C 581 -24.49 1.56 19.20
N ILE C 582 -23.20 1.26 19.30
CA ILE C 582 -22.49 1.49 20.57
C ILE C 582 -22.45 2.98 20.91
N GLY C 583 -22.13 3.80 19.90
CA GLY C 583 -21.91 5.22 20.17
C GLY C 583 -23.18 5.98 20.50
N VAL C 584 -24.31 5.56 19.90
CA VAL C 584 -25.56 6.27 20.14
C VAL C 584 -25.95 6.20 21.61
N GLN C 585 -25.68 5.07 22.27
CA GLN C 585 -26.07 4.94 23.67
C GLN C 585 -25.19 5.80 24.57
N VAL C 586 -23.88 5.82 24.32
CA VAL C 586 -22.96 6.49 25.24
C VAL C 586 -22.97 8.00 25.01
N PHE C 587 -22.93 8.43 23.75
CA PHE C 587 -22.87 9.85 23.41
C PHE C 587 -24.20 10.38 22.88
N GLY C 588 -25.33 9.90 23.41
CA GLY C 588 -26.62 10.25 22.82
C GLY C 588 -26.97 11.72 22.95
N GLY C 589 -27.11 12.21 24.17
CA GLY C 589 -27.59 13.55 24.40
C GLY C 589 -26.56 14.59 24.77
N LEU C 590 -25.27 14.31 24.53
CA LEU C 590 -24.23 15.24 24.96
C LEU C 590 -24.23 16.52 24.13
N VAL C 591 -24.49 16.41 22.82
CA VAL C 591 -24.41 17.55 21.91
C VAL C 591 -25.77 18.25 21.89
N ASN C 592 -25.87 19.36 22.61
CA ASN C 592 -27.08 20.16 22.66
C ASN C 592 -26.74 21.61 22.33
N ALA C 593 -27.73 22.33 21.80
CA ALA C 593 -27.55 23.75 21.52
C ALA C 593 -27.40 24.56 22.80
N GLY C 594 -28.15 24.19 23.84
CA GLY C 594 -28.11 24.96 25.07
C GLY C 594 -26.91 24.61 25.94
N ASN C 595 -26.21 23.53 25.62
CA ASN C 595 -25.07 23.11 26.40
C ASN C 595 -23.95 24.14 26.31
N LYS C 596 -23.44 24.55 27.48
CA LYS C 596 -22.43 25.61 27.52
C LYS C 596 -21.05 25.08 27.21
N LYS C 597 -20.72 23.88 27.68
CA LYS C 597 -19.37 23.35 27.52
C LYS C 597 -19.08 23.04 26.05
N LEU C 598 -20.13 22.84 25.24
CA LEU C 598 -19.93 22.43 23.87
C LEU C 598 -19.20 23.49 23.06
N PHE C 599 -19.53 24.77 23.28
CA PHE C 599 -18.98 25.82 22.43
C PHE C 599 -17.49 26.04 22.69
N GLU C 600 -16.98 25.56 23.83
CA GLU C 600 -15.55 25.63 24.08
C GLU C 600 -14.79 24.57 23.28
N THR C 601 -15.48 23.48 22.93
CA THR C 601 -14.84 22.43 22.15
C THR C 601 -14.62 22.88 20.71
N GLU C 602 -13.87 22.07 19.97
CA GLU C 602 -13.48 22.47 18.62
C GLU C 602 -14.56 22.14 17.61
N LEU C 603 -15.56 21.34 17.99
CA LEU C 603 -16.66 21.07 17.08
C LEU C 603 -17.42 22.35 16.75
N ALA C 604 -17.69 23.19 17.75
CA ALA C 604 -18.35 24.46 17.50
C ALA C 604 -17.43 25.42 16.77
N GLU C 605 -16.14 25.43 17.11
CA GLU C 605 -15.20 26.35 16.47
C GLU C 605 -15.07 26.05 14.98
N ASP C 606 -15.02 24.79 14.60
CA ASP C 606 -14.90 24.40 13.20
C ASP C 606 -16.25 24.16 12.53
N ASP C 607 -17.36 24.34 13.27
CA ASP C 607 -18.71 24.12 12.75
C ASP C 607 -18.86 22.68 12.29
N TYR C 608 -18.66 21.75 13.22
CA TYR C 608 -18.84 20.32 12.99
C TYR C 608 -20.02 19.75 13.75
N LEU C 609 -20.89 20.61 14.28
CA LEU C 609 -21.97 20.14 15.16
C LEU C 609 -22.93 19.22 14.43
N LEU C 610 -22.99 19.32 13.09
CA LEU C 610 -23.91 18.48 12.32
C LEU C 610 -23.51 17.02 12.35
N PHE C 611 -22.27 16.71 12.74
CA PHE C 611 -21.77 15.34 12.73
C PHE C 611 -21.76 14.72 14.12
N ASN C 612 -22.74 15.01 14.95
CA ASN C 612 -22.78 14.45 16.29
C ASN C 612 -23.20 12.98 16.27
N PHE C 613 -23.35 12.41 17.46
CA PHE C 613 -23.81 11.05 17.63
C PHE C 613 -25.22 10.97 18.18
N ASN C 614 -26.05 12.00 17.93
CA ASN C 614 -27.36 12.06 18.56
C ASN C 614 -28.27 10.93 18.09
N ASP C 615 -28.25 10.61 16.80
CA ASP C 615 -29.08 9.56 16.26
C ASP C 615 -28.28 8.71 15.28
N TYR C 616 -28.92 7.64 14.80
CA TYR C 616 -28.20 6.64 14.01
C TYR C 616 -27.65 7.18 12.69
N PRO C 617 -28.39 7.89 11.85
CA PRO C 617 -27.79 8.38 10.59
C PRO C 617 -26.62 9.32 10.81
N ASN C 618 -26.72 10.24 11.78
CA ASN C 618 -25.61 11.13 12.07
C ASN C 618 -24.41 10.34 12.58
N GLY C 619 -24.66 9.32 13.40
CA GLY C 619 -23.57 8.46 13.84
C GLY C 619 -22.89 7.76 12.68
N MET C 620 -23.67 7.28 11.72
CA MET C 620 -23.08 6.63 10.55
C MET C 620 -22.23 7.60 9.75
N VAL C 621 -22.74 8.82 9.55
CA VAL C 621 -21.99 9.81 8.77
C VAL C 621 -20.69 10.18 9.47
N THR C 622 -20.74 10.42 10.78
CA THR C 622 -19.52 10.80 11.49
C THR C 622 -18.54 9.64 11.58
N LEU C 623 -19.05 8.40 11.65
CA LEU C 623 -18.15 7.25 11.61
C LEU C 623 -17.48 7.12 10.25
N PHE C 624 -18.22 7.38 9.18
CA PHE C 624 -17.58 7.39 7.86
C PHE C 624 -16.51 8.46 7.79
N ASN C 625 -16.78 9.65 8.35
CA ASN C 625 -15.78 10.71 8.36
C ASN C 625 -14.55 10.30 9.15
N LEU C 626 -14.74 9.63 10.28
CA LEU C 626 -13.62 9.14 11.06
C LEU C 626 -12.86 8.06 10.30
N LEU C 627 -13.55 7.32 9.42
CA LEU C 627 -12.93 6.21 8.71
C LEU C 627 -11.85 6.69 7.74
N VAL C 628 -11.99 7.90 7.20
CA VAL C 628 -11.08 8.35 6.15
C VAL C 628 -9.94 9.15 6.74
N MET C 629 -9.86 9.24 8.07
CA MET C 629 -8.76 9.92 8.75
C MET C 629 -8.63 11.38 8.33
N GLY C 630 -9.75 12.04 8.04
CA GLY C 630 -9.73 13.46 7.74
C GLY C 630 -10.18 14.29 8.92
N ASN C 631 -9.23 14.92 9.60
CA ASN C 631 -9.52 15.74 10.78
C ASN C 631 -10.29 14.94 11.82
N TRP C 632 -9.71 13.83 12.27
CA TRP C 632 -10.42 12.91 13.14
C TRP C 632 -10.19 13.20 14.62
N GLN C 633 -9.07 13.83 14.98
CA GLN C 633 -8.76 14.03 16.39
C GLN C 633 -9.69 15.05 17.04
N VAL C 634 -10.33 15.89 16.22
CA VAL C 634 -11.23 16.90 16.76
C VAL C 634 -12.41 16.25 17.46
N TRP C 635 -13.01 15.22 16.84
CA TRP C 635 -14.10 14.51 17.48
C TRP C 635 -13.65 13.84 18.77
N MET C 636 -12.48 13.20 18.74
CA MET C 636 -11.99 12.50 19.93
C MET C 636 -11.82 13.45 21.10
N GLU C 637 -11.09 14.54 20.90
CA GLU C 637 -10.79 15.41 22.04
C GLU C 637 -12.01 16.24 22.42
N SER C 638 -12.87 16.57 21.45
CA SER C 638 -14.11 17.26 21.79
C SER C 638 -15.00 16.39 22.67
N TYR C 639 -15.14 15.11 22.33
CA TYR C 639 -15.97 14.23 23.16
C TYR C 639 -15.29 13.90 24.48
N LYS C 640 -13.96 13.92 24.50
CA LYS C 640 -13.25 13.77 25.77
C LYS C 640 -13.54 14.94 26.69
N ASP C 641 -13.52 16.16 26.17
CA ASP C 641 -13.85 17.33 26.99
C ASP C 641 -15.33 17.32 27.38
N LEU C 642 -16.20 16.90 26.46
CA LEU C 642 -17.63 16.94 26.73
C LEU C 642 -18.04 15.91 27.78
N THR C 643 -17.57 14.68 27.65
CA THR C 643 -17.92 13.64 28.61
C THR C 643 -17.26 13.87 29.95
N GLY C 644 -16.00 14.31 29.94
CA GLY C 644 -15.26 14.55 31.16
C GLY C 644 -14.41 13.40 31.63
N THR C 645 -14.43 12.26 30.94
CA THR C 645 -13.67 11.09 31.32
C THR C 645 -12.74 10.68 30.17
N TRP C 646 -11.51 10.30 30.52
CA TRP C 646 -10.55 9.89 29.50
C TRP C 646 -10.97 8.61 28.80
N TRP C 647 -11.70 7.73 29.50
CA TRP C 647 -11.99 6.40 28.95
C TRP C 647 -12.74 6.48 27.64
N SER C 648 -13.43 7.59 27.39
CA SER C 648 -14.17 7.79 26.16
C SER C 648 -13.26 7.63 24.95
N ILE C 649 -12.04 8.18 25.02
CA ILE C 649 -11.14 8.10 23.88
C ILE C 649 -10.89 6.65 23.50
N THR C 650 -10.95 5.73 24.48
CA THR C 650 -10.82 4.31 24.17
C THR C 650 -11.68 3.93 22.97
N TYR C 651 -12.97 4.29 23.01
CA TYR C 651 -13.85 4.05 21.88
C TYR C 651 -13.17 4.44 20.57
N PHE C 652 -12.86 5.73 20.42
CA PHE C 652 -12.24 6.18 19.18
C PHE C 652 -10.96 5.41 18.90
N VAL C 653 -10.11 5.25 19.93
CA VAL C 653 -8.86 4.52 19.74
C VAL C 653 -9.15 3.12 19.23
N SER C 654 -10.10 2.44 19.88
CA SER C 654 -10.44 1.08 19.45
C SER C 654 -10.84 1.08 17.99
N PHE C 655 -11.66 2.05 17.59
CA PHE C 655 -12.09 2.12 16.19
C PHE C 655 -10.88 2.20 15.27
N TYR C 656 -9.93 3.08 15.58
CA TYR C 656 -8.78 3.25 14.71
C TYR C 656 -7.96 1.97 14.62
N VAL C 657 -8.00 1.16 15.68
CA VAL C 657 -7.23 -0.09 15.66
C VAL C 657 -7.99 -1.15 14.86
N ILE C 658 -9.32 -1.10 14.87
CA ILE C 658 -10.08 -2.21 14.32
C ILE C 658 -10.17 -2.13 12.80
N THR C 659 -10.59 -0.98 12.27
CA THR C 659 -11.00 -0.88 10.87
C THR C 659 -9.95 -0.24 9.97
N ILE C 660 -9.15 0.69 10.50
CA ILE C 660 -8.27 1.46 9.65
C ILE C 660 -6.95 0.74 9.42
N LEU C 661 -6.37 0.18 10.48
CA LEU C 661 -5.11 -0.54 10.34
C LEU C 661 -5.34 -1.93 9.75
N LEU C 662 -6.51 -2.52 10.01
CA LEU C 662 -6.74 -3.90 9.56
C LEU C 662 -7.58 -3.96 8.30
N LEU C 663 -8.79 -3.39 8.34
CA LEU C 663 -9.72 -3.56 7.22
C LEU C 663 -9.28 -2.77 6.00
N LEU C 664 -8.81 -1.54 6.18
CA LEU C 664 -8.37 -0.75 5.04
C LEU C 664 -7.13 -1.36 4.40
N ASN C 665 -6.20 -1.88 5.22
CA ASN C 665 -5.06 -2.59 4.68
C ASN C 665 -5.48 -3.85 3.94
N LEU C 666 -6.52 -4.52 4.45
CA LEU C 666 -7.06 -5.68 3.76
C LEU C 666 -7.61 -5.29 2.39
N VAL C 667 -8.31 -4.17 2.31
CA VAL C 667 -8.85 -3.69 1.04
C VAL C 667 -7.72 -3.37 0.07
N VAL C 668 -6.67 -2.71 0.57
CA VAL C 668 -5.52 -2.40 -0.27
C VAL C 668 -4.87 -3.67 -0.81
N ALA C 669 -4.69 -4.66 0.07
CA ALA C 669 -4.10 -5.93 -0.33
C ALA C 669 -4.95 -6.61 -1.40
N PHE C 670 -6.28 -6.61 -1.21
CA PHE C 670 -7.16 -7.26 -2.16
C PHE C 670 -7.11 -6.57 -3.51
N VAL C 671 -7.07 -5.23 -3.52
CA VAL C 671 -6.98 -4.49 -4.77
C VAL C 671 -5.68 -4.81 -5.49
N LEU C 672 -4.56 -4.84 -4.75
CA LEU C 672 -3.28 -5.17 -5.36
C LEU C 672 -3.30 -6.58 -5.95
N GLU C 673 -3.82 -7.54 -5.19
CA GLU C 673 -3.86 -8.93 -5.68
C GLU C 673 -4.73 -9.05 -6.91
N ALA C 674 -5.89 -8.38 -6.91
CA ALA C 674 -6.76 -8.41 -8.09
C ALA C 674 -6.05 -7.82 -9.31
N PHE C 675 -5.33 -6.71 -9.12
CA PHE C 675 -4.62 -6.11 -10.22
C PHE C 675 -3.54 -7.04 -10.77
N PHE C 676 -2.80 -7.71 -9.88
CA PHE C 676 -1.75 -8.63 -10.34
C PHE C 676 -2.34 -9.82 -11.07
N THR C 677 -3.45 -10.38 -10.56
CA THR C 677 -4.10 -11.49 -11.25
C THR C 677 -4.62 -11.06 -12.61
N GLU C 678 -5.17 -9.85 -12.70
CA GLU C 678 -5.63 -9.34 -13.99
C GLU C 678 -4.47 -9.20 -14.96
N LEU C 679 -3.33 -8.69 -14.49
CA LEU C 679 -2.16 -8.56 -15.36
C LEU C 679 -1.68 -9.93 -15.84
N ASP C 680 -1.64 -10.92 -14.94
CA ASP C 680 -1.21 -12.25 -15.34
C ASP C 680 -2.16 -12.87 -16.36
N LEU C 681 -3.47 -12.72 -16.14
CA LEU C 681 -4.45 -13.24 -17.09
C LEU C 681 -4.30 -12.54 -18.44
N GLU C 682 -4.06 -11.23 -18.43
CA GLU C 682 -3.86 -10.50 -19.68
C GLU C 682 -2.62 -10.99 -20.41
N GLU C 683 -1.52 -11.20 -19.69
CA GLU C 683 -0.26 -11.53 -20.35
C GLU C 683 -0.25 -12.97 -20.85
N GLU C 684 -0.96 -13.87 -20.17
CA GLU C 684 -0.94 -15.27 -20.60
C GLU C 684 -1.71 -15.50 -21.90
N GLU C 685 -2.47 -14.51 -22.38
CA GLU C 685 -3.15 -14.66 -23.66
C GLU C 685 -2.16 -14.84 -24.81
N LYS C 686 -1.10 -14.04 -24.83
CA LYS C 686 -0.13 -14.11 -25.92
C LYS C 686 0.88 -15.24 -25.68
N UNK D 1 -10.03 -31.27 -29.60
CA UNK D 1 -9.68 -31.70 -28.25
C UNK D 1 -9.04 -33.08 -28.27
N UNK D 2 -8.58 -33.50 -29.45
CA UNK D 2 -7.92 -34.80 -29.58
C UNK D 2 -6.63 -34.85 -28.76
N UNK D 3 -5.84 -33.77 -28.80
CA UNK D 3 -4.60 -33.74 -28.02
C UNK D 3 -4.88 -33.81 -26.53
N UNK D 4 -5.91 -33.08 -26.06
CA UNK D 4 -6.25 -33.12 -24.64
C UNK D 4 -6.72 -34.51 -24.23
N UNK D 5 -7.52 -35.16 -25.07
CA UNK D 5 -7.97 -36.51 -24.76
C UNK D 5 -6.81 -37.49 -24.73
N UNK D 6 -5.87 -37.36 -25.67
CA UNK D 6 -4.69 -38.21 -25.67
C UNK D 6 -3.85 -38.00 -24.42
N UNK D 7 -3.68 -36.74 -24.00
CA UNK D 7 -2.94 -36.46 -22.79
C UNK D 7 -3.64 -37.05 -21.56
N UNK D 8 -4.96 -36.93 -21.52
CA UNK D 8 -5.72 -37.51 -20.40
C UNK D 8 -5.57 -39.02 -20.36
N UNK D 9 -5.61 -39.67 -21.54
CA UNK D 9 -5.40 -41.12 -21.59
C UNK D 9 -4.00 -41.49 -21.14
N UNK D 10 -3.00 -40.71 -21.55
CA UNK D 10 -1.62 -40.97 -21.12
C UNK D 10 -1.49 -40.79 -19.61
N UNK D 11 -2.28 -39.87 -19.03
CA UNK D 11 -2.25 -39.69 -17.59
C UNK D 11 -2.71 -40.94 -16.86
N UNK D 12 -3.67 -41.66 -17.43
CA UNK D 12 -4.18 -42.90 -16.85
C UNK D 12 -3.09 -43.97 -16.80
#